data_5AEG
#
_entry.id   5AEG
#
_cell.length_a   78.665
_cell.length_b   112.643
_cell.length_c   111.881
_cell.angle_alpha   90.00
_cell.angle_beta   109.52
_cell.angle_gamma   90.00
#
_symmetry.space_group_name_H-M   'P 1 21 1'
#
loop_
_entity.id
_entity.type
_entity.pdbx_description
1 polymer 'ALPHA-GLUCOSIDASE YIHQ'
2 non-polymer 'CALCIUM ION'
3 non-polymer 'CHLORIDE ION'
4 non-polymer (4S)-2-METHYL-2,4-PENTANEDIOL
5 non-polymer 5-fluoro-alpha-L-idopyranose
6 water water
#
_entity_poly.entity_id   1
_entity_poly.type   'polypeptide(L)'
_entity_poly.pdbx_seq_one_letter_code
;MDTPRPQLLDFQFHQNNDSFTLHFQQRLILTHSKDNPCLWIGSGIADIDMFRGNFSIKDKLQEKIALTDAIVSQSPDGWL
IHFSRGSDISATLNISADDQGRLLLELQNDNLNHNRIWLRLAAQPEDHIYGCGEQFSYFDLRGKPFPLWTSEQGVGRNKQ
TYVTWQADCKENAGGDYYWTFFPQPTFVSTQKYYCHVDNSCYMNFDFSAPEYHELALWEDKATLRFECADTYISLLEKLT
ALLGRQPELPDWIYDGVTLGIQGGTEVCQKKLDTMRNAGVKVNGIWAQDWSGIRMTSFGKRVMWNWKWNSENYPQLDSRI
KQWNQEGVQFLAYINPYVASDKDLCEEAAQHGYLAKDASGGDYLVEFGEFYGGVVDLTNPEAYAWFKEVIKKNMIELGCG
GWMADFGEYLPTDTYLHNGVSAEIMHNAWPALWAKCNYEALEETGKLGEILFFMRAGSTGSQKYSTMMWAGDQNVDWSLD
DGLASVVPAALSLAMTGHGLHHSDIGGYTTLFEMKRSKELLLRWCDFSAFTPMMRTHEGNRPGDNWQFDGDAETIAHFAR
MTTVFTTLKPYLKEAVALNAKSGLPVMRPLFLHYEDDAHTYTLKYQYLLGRDILVAPVHEEGRSDWTLYLPEDNWVHAWT
GEAFRGGEVTVNAPIGKPPVFYRADSEWAALFASLKSILEHHHHHH
;
_entity_poly.pdbx_strand_id   A,B
#
# COMPACT_ATOMS: atom_id res chain seq x y z
N LEU A 8 39.74 22.24 -2.99
CA LEU A 8 39.22 20.94 -3.52
C LEU A 8 38.46 20.10 -2.48
N LEU A 9 39.17 19.66 -1.43
CA LEU A 9 38.62 18.93 -0.27
C LEU A 9 38.88 19.72 1.03
N ASP A 10 37.85 20.24 1.68
CA ASP A 10 37.97 21.05 2.87
C ASP A 10 37.27 20.34 4.06
N PHE A 11 38.10 19.67 4.84
CA PHE A 11 37.64 18.90 5.99
C PHE A 11 37.89 19.63 7.31
N GLN A 12 36.84 20.07 7.99
CA GLN A 12 36.94 20.78 9.28
C GLN A 12 36.38 19.95 10.51
N PHE A 13 37.21 19.62 11.54
CA PHE A 13 36.87 18.73 12.77
C PHE A 13 37.00 19.28 14.19
N ASP A 18 33.04 13.70 18.23
CA ASP A 18 32.79 15.15 18.12
C ASP A 18 32.39 15.51 16.66
N SER A 19 32.17 16.79 16.35
CA SER A 19 31.63 17.24 15.06
C SER A 19 32.61 17.50 13.88
N PHE A 20 32.15 17.29 12.64
CA PHE A 20 32.95 17.59 11.41
C PHE A 20 32.09 18.06 10.20
N THR A 21 32.76 18.62 9.18
CA THR A 21 32.15 19.02 7.89
C THR A 21 33.10 18.70 6.80
N LEU A 22 32.58 18.33 5.63
CA LEU A 22 33.40 18.06 4.51
C LEU A 22 32.76 18.89 3.37
N HIS A 23 33.54 19.79 2.78
CA HIS A 23 33.13 20.55 1.61
C HIS A 23 33.98 19.99 0.49
N PHE A 24 33.45 20.01 -0.74
CA PHE A 24 34.15 19.51 -1.91
C PHE A 24 33.84 20.59 -2.98
N GLN A 25 34.88 21.29 -3.45
CA GLN A 25 34.72 22.50 -4.31
C GLN A 25 33.64 23.38 -3.87
N GLN A 26 33.64 23.62 -2.57
CA GLN A 26 32.67 24.44 -1.82
C GLN A 26 31.28 23.93 -1.62
N ARG A 27 30.94 22.75 -2.15
CA ARG A 27 29.63 22.19 -1.80
C ARG A 27 29.76 21.44 -0.45
N LEU A 28 28.88 21.71 0.47
CA LEU A 28 28.84 21.01 1.69
C LEU A 28 28.25 19.60 1.40
N ILE A 29 29.06 18.56 1.57
CA ILE A 29 28.73 17.14 1.30
C ILE A 29 28.32 16.36 2.54
N LEU A 30 29.10 16.47 3.66
CA LEU A 30 28.80 15.77 4.94
C LEU A 30 28.91 16.72 6.12
N THR A 31 27.96 16.63 7.05
CA THR A 31 28.08 17.23 8.37
C THR A 31 27.67 16.17 9.36
N HIS A 32 28.34 16.13 10.49
CA HIS A 32 28.19 15.08 11.52
C HIS A 32 28.45 15.69 12.87
N SER A 33 27.56 15.48 13.81
CA SER A 33 27.93 15.62 15.22
C SER A 33 27.31 14.48 15.97
N LYS A 34 27.65 14.41 17.27
CA LYS A 34 27.06 13.42 18.18
C LYS A 34 25.59 13.56 18.16
N ASP A 35 25.10 14.78 18.10
CA ASP A 35 23.63 15.07 18.08
C ASP A 35 22.96 14.93 16.74
N ASN A 36 23.71 15.13 15.65
CA ASN A 36 23.18 14.97 14.27
C ASN A 36 24.11 14.13 13.42
N PRO A 37 24.09 12.81 13.65
CA PRO A 37 25.02 11.96 12.93
C PRO A 37 24.67 11.88 11.42
N CYS A 38 25.62 11.48 10.64
CA CYS A 38 25.49 11.32 9.24
C CYS A 38 25.40 9.85 8.91
N LEU A 39 25.66 8.97 9.90
CA LEU A 39 25.75 7.53 9.57
C LEU A 39 25.10 6.62 10.55
N TRP A 40 24.25 5.70 10.01
CA TRP A 40 23.66 4.62 10.76
C TRP A 40 24.02 3.31 10.06
N ILE A 41 24.28 2.26 10.84
CA ILE A 41 24.44 0.93 10.31
C ILE A 41 23.54 -0.07 11.08
N GLY A 42 23.40 -1.24 10.52
CA GLY A 42 22.58 -2.23 11.17
C GLY A 42 22.43 -3.46 10.32
N SER A 43 21.29 -4.10 10.42
CA SER A 43 21.08 -5.30 9.68
C SER A 43 19.60 -5.56 9.41
N GLY A 44 19.39 -6.33 8.35
CA GLY A 44 18.02 -6.70 7.99
C GLY A 44 18.00 -7.96 7.19
N ILE A 45 16.78 -8.48 6.95
CA ILE A 45 16.64 -9.61 6.03
C ILE A 45 15.67 -9.21 4.92
N ALA A 46 16.11 -9.30 3.68
CA ALA A 46 15.23 -8.96 2.54
C ALA A 46 13.96 -9.85 2.47
N ASP A 47 12.80 -9.23 2.33
CA ASP A 47 11.52 -9.96 2.27
C ASP A 47 10.91 -9.72 0.90
N ILE A 48 11.15 -10.65 0.02
CA ILE A 48 10.91 -10.47 -1.42
C ILE A 48 9.80 -11.38 -1.88
N ASP A 49 8.75 -10.80 -2.48
CA ASP A 49 7.78 -11.62 -3.23
C ASP A 49 7.90 -11.19 -4.69
N MET A 50 8.40 -12.10 -5.53
CA MET A 50 8.78 -11.76 -6.90
C MET A 50 7.61 -11.36 -7.80
N PHE A 51 6.46 -12.03 -7.62
CA PHE A 51 5.31 -11.84 -8.52
C PHE A 51 5.67 -11.78 -10.02
N ARG A 52 6.48 -12.75 -10.48
CA ARG A 52 6.81 -12.81 -11.93
C ARG A 52 7.48 -11.52 -12.47
N GLY A 53 8.16 -10.81 -11.58
CA GLY A 53 8.88 -9.58 -11.99
C GLY A 53 8.29 -8.35 -11.48
N ASN A 54 7.05 -8.44 -10.95
CA ASN A 54 6.40 -7.34 -10.28
C ASN A 54 6.72 -7.25 -8.76
N PHE A 55 8.03 -7.12 -8.50
CA PHE A 55 8.58 -7.41 -7.21
C PHE A 55 7.90 -6.64 -6.10
N SER A 56 7.60 -7.37 -5.03
CA SER A 56 7.32 -6.73 -3.76
C SER A 56 8.54 -6.97 -2.88
N ILE A 57 9.22 -5.90 -2.54
CA ILE A 57 10.51 -5.99 -1.84
C ILE A 57 10.47 -5.07 -0.66
N LYS A 58 10.60 -5.62 0.52
CA LYS A 58 10.66 -4.77 1.71
C LYS A 58 11.63 -5.33 2.76
N ASP A 59 12.00 -4.53 3.76
CA ASP A 59 12.94 -5.05 4.79
C ASP A 59 12.22 -5.76 5.96
N LYS A 60 12.82 -6.79 6.52
CA LYS A 60 12.60 -7.17 7.92
C LYS A 60 13.78 -6.57 8.71
N LEU A 61 13.60 -5.33 9.18
CA LEU A 61 14.68 -4.62 9.83
C LEU A 61 15.04 -5.26 11.20
N GLN A 62 16.28 -5.61 11.42
CA GLN A 62 16.70 -6.19 12.72
C GLN A 62 17.27 -5.08 13.61
N GLU A 63 18.24 -4.32 13.08
CA GLU A 63 18.80 -3.20 13.79
C GLU A 63 19.09 -1.99 12.93
N LYS A 64 19.02 -0.82 13.56
CA LYS A 64 19.45 0.40 12.93
C LYS A 64 20.07 1.27 14.08
N ILE A 65 21.35 1.54 13.97
CA ILE A 65 22.12 2.16 15.08
C ILE A 65 22.92 3.32 14.57
N ALA A 66 22.78 4.46 15.24
CA ALA A 66 23.43 5.69 14.87
C ALA A 66 24.85 5.63 15.39
N LEU A 67 25.80 5.84 14.49
CA LEU A 67 27.22 5.87 14.82
C LEU A 67 27.58 7.32 15.14
N THR A 68 27.31 7.66 16.40
CA THR A 68 27.42 9.02 16.87
C THR A 68 28.89 9.47 17.07
N ASP A 69 29.79 8.52 17.33
CA ASP A 69 31.17 8.88 17.67
C ASP A 69 32.07 8.76 16.48
N ALA A 70 32.97 9.73 16.30
CA ALA A 70 33.91 9.69 15.21
C ALA A 70 35.33 10.10 15.66
N ILE A 71 36.32 9.34 15.21
CA ILE A 71 37.74 9.71 15.34
C ILE A 71 38.34 9.78 13.96
N VAL A 72 38.97 10.91 13.70
CA VAL A 72 39.58 11.22 12.41
C VAL A 72 41.08 11.08 12.45
N SER A 73 41.65 10.34 11.52
CA SER A 73 43.04 10.46 11.18
C SER A 73 43.29 11.00 9.74
N GLN A 74 44.41 11.73 9.58
CA GLN A 74 45.05 12.00 8.27
C GLN A 74 45.52 10.70 7.67
N SER A 75 45.36 10.61 6.37
CA SER A 75 45.60 9.40 5.61
C SER A 75 46.63 9.80 4.50
N PRO A 76 47.28 8.80 3.85
CA PRO A 76 48.09 9.14 2.65
C PRO A 76 47.28 9.96 1.61
N ASP A 77 46.18 9.34 1.19
CA ASP A 77 45.27 9.87 0.18
C ASP A 77 44.38 11.03 0.68
N GLY A 78 43.91 10.95 1.91
CA GLY A 78 43.07 12.03 2.45
C GLY A 78 42.79 11.86 3.93
N TRP A 79 41.61 11.32 4.25
CA TRP A 79 41.17 11.16 5.63
C TRP A 79 40.54 9.83 5.86
N LEU A 80 40.67 9.36 7.09
CA LEU A 80 40.04 8.13 7.56
C LEU A 80 39.23 8.45 8.80
N ILE A 81 37.90 8.29 8.70
CA ILE A 81 36.99 8.45 9.83
C ILE A 81 36.57 7.09 10.40
N HIS A 82 36.89 6.92 11.68
CA HIS A 82 36.40 5.77 12.45
C HIS A 82 35.10 6.13 13.11
N PHE A 83 34.00 5.56 12.61
CA PHE A 83 32.71 5.82 13.30
C PHE A 83 32.41 4.67 14.27
N SER A 84 31.75 4.97 15.37
CA SER A 84 31.49 3.94 16.26
C SER A 84 30.34 4.32 17.18
N ARG A 85 29.86 3.32 17.87
CA ARG A 85 28.86 3.52 18.93
C ARG A 85 29.19 2.50 20.08
N GLY A 86 29.37 3.01 21.29
CA GLY A 86 29.81 2.11 22.42
C GLY A 86 31.15 1.52 22.16
N SER A 87 31.35 0.26 22.55
CA SER A 87 32.61 -0.42 22.41
C SER A 87 32.72 -1.38 21.28
N ASP A 88 31.59 -1.76 20.68
CA ASP A 88 31.43 -3.00 19.90
C ASP A 88 30.94 -2.79 18.43
N ILE A 89 30.51 -1.59 18.04
CA ILE A 89 29.86 -1.37 16.71
C ILE A 89 30.63 -0.25 16.04
N SER A 90 31.11 -0.48 14.82
CA SER A 90 31.86 0.53 14.18
C SER A 90 31.82 0.40 12.66
N ALA A 91 32.26 1.48 12.01
CA ALA A 91 32.48 1.42 10.56
C ALA A 91 33.60 2.41 10.19
N THR A 92 34.22 2.24 9.05
CA THR A 92 35.26 3.21 8.61
C THR A 92 34.84 3.88 7.30
N LEU A 93 35.13 5.15 7.19
CA LEU A 93 34.89 5.92 5.98
C LEU A 93 36.19 6.53 5.55
N ASN A 94 36.70 6.10 4.41
CA ASN A 94 37.82 6.70 3.78
C ASN A 94 37.39 7.77 2.80
N ILE A 95 38.05 8.91 2.87
CA ILE A 95 37.78 10.10 2.04
C ILE A 95 39.07 10.42 1.31
N SER A 96 38.94 10.49 -0.01
CA SER A 96 40.08 10.67 -0.90
C SER A 96 39.65 11.33 -2.22
N ALA A 97 40.60 11.92 -2.94
CA ALA A 97 40.50 12.15 -4.43
C ALA A 97 40.82 10.82 -5.18
N ASP A 98 40.10 10.54 -6.26
CA ASP A 98 40.44 9.36 -7.09
C ASP A 98 41.43 9.81 -8.18
N ASP A 99 41.76 8.88 -9.08
CA ASP A 99 42.73 9.13 -10.19
C ASP A 99 42.51 10.47 -10.93
N GLN A 100 41.24 10.72 -11.27
CA GLN A 100 40.79 11.90 -12.03
C GLN A 100 40.39 13.14 -11.20
N GLY A 101 40.51 13.09 -9.85
CA GLY A 101 40.08 14.23 -8.97
C GLY A 101 38.63 14.22 -8.48
N ARG A 102 37.98 13.06 -8.66
CA ARG A 102 36.67 12.87 -8.10
C ARG A 102 36.78 12.67 -6.61
N LEU A 103 35.85 13.22 -5.88
CA LEU A 103 35.70 12.80 -4.52
C LEU A 103 35.31 11.32 -4.42
N LEU A 104 36.13 10.48 -3.75
CA LEU A 104 35.81 9.04 -3.47
C LEU A 104 35.49 8.81 -1.99
N LEU A 105 34.25 8.34 -1.64
CA LEU A 105 33.91 7.94 -0.26
C LEU A 105 33.80 6.45 -0.22
N GLU A 106 34.54 5.82 0.68
CA GLU A 106 34.57 4.36 0.75
C GLU A 106 34.19 3.96 2.17
N LEU A 107 33.03 3.32 2.31
CA LEU A 107 32.48 2.97 3.61
C LEU A 107 32.60 1.47 3.79
N GLN A 108 33.11 1.03 4.94
CA GLN A 108 33.11 -0.39 5.24
C GLN A 108 32.67 -0.67 6.70
N ASN A 109 31.59 -1.42 6.90
CA ASN A 109 31.08 -1.70 8.21
C ASN A 109 32.06 -2.74 8.86
N ASP A 110 32.10 -2.71 10.17
CA ASP A 110 32.94 -3.63 10.99
C ASP A 110 32.87 -5.05 10.58
N ASN A 111 31.68 -5.57 10.39
CA ASN A 111 31.59 -6.92 9.80
C ASN A 111 30.41 -7.06 8.84
N LEU A 112 30.52 -8.14 8.07
CA LEU A 112 29.55 -8.53 7.04
C LEU A 112 28.15 -8.68 7.59
N ASN A 113 27.98 -8.94 8.90
CA ASN A 113 26.62 -9.11 9.41
C ASN A 113 25.85 -7.84 9.48
N HIS A 114 26.56 -6.73 9.48
CA HIS A 114 25.87 -5.44 9.49
C HIS A 114 25.68 -5.10 8.02
N ASN A 115 24.59 -5.64 7.46
CA ASN A 115 24.28 -5.47 6.02
C ASN A 115 23.29 -4.34 5.66
N ARG A 116 23.23 -3.33 6.49
CA ARG A 116 22.45 -2.10 6.28
C ARG A 116 23.33 -0.86 6.55
N ILE A 117 23.24 0.13 5.65
CA ILE A 117 23.89 1.37 5.83
C ILE A 117 22.83 2.45 5.53
N TRP A 118 22.80 3.51 6.32
CA TRP A 118 22.08 4.74 5.99
C TRP A 118 23.05 5.89 6.09
N LEU A 119 23.26 6.64 4.99
CA LEU A 119 24.16 7.75 4.98
C LEU A 119 23.44 8.99 4.55
N ARG A 120 23.56 10.06 5.34
CA ARG A 120 23.02 11.38 4.98
C ARG A 120 24.07 12.30 4.38
N LEU A 121 23.68 12.85 3.24
CA LEU A 121 24.36 13.88 2.58
C LEU A 121 23.71 15.22 2.85
N ALA A 122 24.53 16.25 3.12
CA ALA A 122 23.97 17.54 3.41
C ALA A 122 23.23 18.05 2.08
N ALA A 123 22.18 18.79 2.24
CA ALA A 123 21.52 19.47 1.16
C ALA A 123 20.92 20.78 1.53
N GLN A 124 20.42 21.52 0.52
CA GLN A 124 19.64 22.77 0.77
C GLN A 124 18.21 22.61 0.35
N PRO A 125 17.28 23.27 1.04
CA PRO A 125 15.89 23.11 0.70
C PRO A 125 15.53 23.42 -0.75
N GLU A 126 16.21 24.37 -1.38
CA GLU A 126 15.93 24.75 -2.79
C GLU A 126 16.49 23.79 -3.87
N ASP A 127 17.33 22.83 -3.51
CA ASP A 127 17.98 22.05 -4.51
C ASP A 127 16.93 21.17 -5.27
N HIS A 128 17.14 20.98 -6.56
CA HIS A 128 16.46 19.91 -7.31
C HIS A 128 17.40 18.79 -7.53
N ILE A 129 16.83 17.62 -7.91
CA ILE A 129 17.59 16.43 -8.07
C ILE A 129 17.05 15.70 -9.32
N TYR A 130 17.95 15.25 -10.15
CA TYR A 130 17.58 14.59 -11.40
C TYR A 130 18.38 13.30 -11.55
N GLY A 131 17.80 12.40 -12.32
CA GLY A 131 18.46 11.17 -12.67
C GLY A 131 17.82 9.96 -12.05
N CYS A 132 18.67 9.16 -11.45
CA CYS A 132 18.32 7.87 -10.88
C CYS A 132 17.85 6.90 -11.94
N GLY A 133 18.42 7.00 -13.13
CA GLY A 133 18.10 6.12 -14.26
C GLY A 133 16.91 6.65 -15.02
N GLU A 134 15.98 5.75 -15.36
CA GLU A 134 14.79 6.10 -16.16
C GLU A 134 13.61 6.13 -15.22
N GLN A 135 13.12 7.34 -14.97
CA GLN A 135 12.04 7.68 -14.12
C GLN A 135 10.84 8.18 -14.93
N PHE A 136 9.70 7.57 -14.69
CA PHE A 136 8.53 7.83 -15.54
C PHE A 136 7.45 8.72 -14.95
N SER A 137 7.40 8.91 -13.62
CA SER A 137 6.44 9.79 -12.98
C SER A 137 6.99 11.14 -12.50
N TYR A 138 8.30 11.18 -12.27
CA TYR A 138 8.99 12.37 -11.76
C TYR A 138 10.22 12.57 -12.59
N PHE A 139 10.56 13.85 -12.88
CA PHE A 139 11.89 14.12 -13.41
C PHE A 139 12.67 14.73 -12.27
N ASP A 140 12.29 15.94 -11.83
CA ASP A 140 12.80 16.44 -10.53
C ASP A 140 12.36 15.45 -9.50
N LEU A 141 13.31 14.82 -8.78
CA LEU A 141 12.99 13.82 -7.77
C LEU A 141 12.83 14.36 -6.35
N ARG A 142 13.11 15.63 -6.17
CA ARG A 142 12.99 16.23 -4.79
C ARG A 142 11.64 16.16 -4.17
N GLY A 143 11.58 15.78 -2.89
CA GLY A 143 10.32 15.60 -2.24
C GLY A 143 9.91 14.15 -2.03
N LYS A 144 10.60 13.19 -2.63
CA LYS A 144 10.15 11.81 -2.58
C LYS A 144 11.31 10.86 -2.42
N PRO A 145 11.00 9.63 -1.95
CA PRO A 145 11.95 8.55 -1.94
C PRO A 145 11.83 7.65 -3.16
N PHE A 146 12.95 7.11 -3.57
CA PHE A 146 13.06 6.21 -4.73
C PHE A 146 13.82 4.96 -4.38
N PRO A 147 13.07 3.91 -4.07
CA PRO A 147 13.68 2.60 -4.15
C PRO A 147 14.26 2.36 -5.55
N LEU A 148 15.41 1.74 -5.58
CA LEU A 148 16.17 1.43 -6.76
C LEU A 148 16.36 -0.09 -6.92
N TRP A 149 15.41 -0.70 -7.62
CA TRP A 149 15.37 -2.12 -7.79
C TRP A 149 14.75 -2.42 -9.14
N THR A 150 15.50 -3.00 -10.05
CA THR A 150 15.00 -3.23 -11.43
C THR A 150 13.86 -4.21 -11.39
N SER A 151 12.80 -3.92 -12.12
CA SER A 151 11.59 -4.71 -12.11
C SER A 151 10.74 -4.39 -13.32
N GLU A 152 9.63 -5.14 -13.46
CA GLU A 152 8.60 -4.63 -14.41
C GLU A 152 8.24 -3.24 -13.99
N GLN A 153 7.87 -2.45 -15.00
CA GLN A 153 7.67 -1.03 -14.80
C GLN A 153 6.24 -0.65 -14.26
N GLY A 154 5.29 -1.58 -14.32
CA GLY A 154 3.98 -1.36 -13.83
C GLY A 154 2.98 -1.15 -14.95
N VAL A 155 1.71 -1.48 -14.71
CA VAL A 155 0.63 -1.16 -15.69
C VAL A 155 -0.29 -0.22 -14.96
N GLY A 156 -0.29 1.04 -15.39
CA GLY A 156 -1.01 2.11 -14.68
C GLY A 156 -0.10 2.96 -13.77
N ARG A 157 0.60 2.32 -12.84
CA ARG A 157 1.66 2.97 -12.00
C ARG A 157 1.17 4.01 -11.02
N ASN A 158 -0.14 4.08 -10.71
CA ASN A 158 -0.67 5.14 -9.83
C ASN A 158 -1.80 4.53 -9.04
N LYS A 159 -1.63 4.40 -7.71
CA LYS A 159 -2.66 3.66 -6.91
C LYS A 159 -4.09 4.27 -6.99
N GLN A 160 -4.21 5.51 -7.41
CA GLN A 160 -5.47 6.17 -7.65
C GLN A 160 -6.02 6.07 -9.02
N THR A 161 -5.46 5.26 -9.92
CA THR A 161 -6.12 5.06 -11.22
C THR A 161 -6.61 3.66 -11.33
N TYR A 162 -7.68 3.52 -12.11
CA TYR A 162 -8.42 2.27 -12.20
C TYR A 162 -7.66 1.13 -12.79
N VAL A 163 -6.88 1.42 -13.82
CA VAL A 163 -6.09 0.37 -14.45
C VAL A 163 -5.05 -0.21 -13.45
N THR A 164 -4.48 0.69 -12.68
CA THR A 164 -3.47 0.24 -11.68
C THR A 164 -4.12 -0.77 -10.67
N TRP A 165 -5.29 -0.43 -10.23
CA TRP A 165 -6.04 -1.27 -9.26
C TRP A 165 -6.36 -2.60 -9.87
N GLN A 166 -6.86 -2.58 -11.11
CA GLN A 166 -7.06 -3.84 -11.85
C GLN A 166 -5.82 -4.74 -12.00
N ALA A 167 -4.68 -4.13 -12.39
CA ALA A 167 -3.45 -4.87 -12.58
C ALA A 167 -2.98 -5.42 -11.23
N ASP A 168 -3.16 -4.64 -10.17
CA ASP A 168 -2.74 -5.09 -8.79
C ASP A 168 -3.59 -6.26 -8.28
N CYS A 169 -4.83 -6.42 -8.73
CA CYS A 169 -5.62 -7.56 -8.35
C CYS A 169 -5.02 -8.85 -8.87
N LYS A 170 -4.24 -8.79 -9.94
CA LYS A 170 -3.63 -9.94 -10.62
C LYS A 170 -2.09 -9.73 -10.50
N GLU A 171 -1.44 -10.36 -9.56
CA GLU A 171 0.04 -10.42 -9.58
C GLU A 171 0.78 -9.11 -9.37
N ASN A 172 0.19 -8.22 -8.61
CA ASN A 172 0.85 -7.06 -8.06
C ASN A 172 1.41 -6.25 -9.23
N ALA A 173 0.69 -6.22 -10.34
CA ALA A 173 1.24 -5.66 -11.61
C ALA A 173 1.01 -4.17 -11.85
N GLY A 174 0.29 -3.50 -10.98
CA GLY A 174 -0.07 -2.07 -11.18
C GLY A 174 1.19 -1.21 -11.03
N GLY A 175 2.08 -1.57 -10.08
CA GLY A 175 3.26 -0.75 -9.79
C GLY A 175 2.95 0.55 -9.10
N ASP A 176 3.97 1.41 -9.07
CA ASP A 176 3.90 2.69 -8.43
C ASP A 176 4.89 3.66 -9.10
N TYR A 177 4.93 4.88 -8.61
CA TYR A 177 5.56 6.01 -9.26
C TYR A 177 7.06 5.84 -9.53
N TYR A 178 7.70 4.98 -8.76
CA TYR A 178 9.14 4.74 -8.81
C TYR A 178 9.46 3.47 -9.53
N TRP A 179 8.48 2.67 -9.96
CA TRP A 179 8.82 1.45 -10.59
C TRP A 179 9.52 1.68 -11.97
N THR A 180 10.53 0.90 -12.26
CA THR A 180 11.24 0.97 -13.52
C THR A 180 12.15 -0.19 -13.74
N PHE A 181 12.37 -0.43 -15.01
CA PHE A 181 13.29 -1.38 -15.47
C PHE A 181 14.73 -0.85 -15.58
N PHE A 182 14.98 0.44 -15.30
CA PHE A 182 16.33 1.03 -15.43
C PHE A 182 16.45 2.04 -14.27
N PRO A 183 16.36 1.57 -13.01
CA PRO A 183 16.74 2.45 -11.92
C PRO A 183 18.27 2.48 -11.90
N GLN A 184 18.88 3.54 -11.42
CA GLN A 184 20.34 3.57 -11.34
C GLN A 184 20.71 4.44 -10.11
N PRO A 185 21.78 4.03 -9.34
CA PRO A 185 22.16 4.76 -8.10
C PRO A 185 23.10 5.91 -8.41
N THR A 186 22.59 6.86 -9.19
CA THR A 186 23.40 7.95 -9.82
C THR A 186 22.42 9.14 -9.90
N PHE A 187 22.80 10.32 -9.38
CA PHE A 187 21.94 11.49 -9.40
C PHE A 187 22.77 12.76 -9.61
N VAL A 188 22.07 13.77 -10.07
CA VAL A 188 22.58 15.15 -10.27
C VAL A 188 21.82 16.06 -9.36
N SER A 189 22.57 16.95 -8.71
CA SER A 189 21.96 17.98 -7.88
C SER A 189 22.15 19.36 -8.58
N THR A 190 21.25 20.29 -8.26
CA THR A 190 21.40 21.67 -8.73
C THR A 190 22.51 22.47 -8.01
N GLN A 191 23.19 21.87 -7.01
CA GLN A 191 24.54 22.39 -6.55
C GLN A 191 25.61 22.05 -7.55
N LYS A 192 25.23 21.44 -8.70
CA LYS A 192 26.08 21.14 -9.81
C LYS A 192 27.17 20.10 -9.50
N TYR A 193 26.73 18.94 -8.99
CA TYR A 193 27.57 17.81 -8.84
C TYR A 193 26.72 16.60 -9.22
N TYR A 194 27.38 15.51 -9.45
CA TYR A 194 26.70 14.20 -9.53
C TYR A 194 27.25 13.35 -8.47
N CYS A 195 26.41 12.41 -8.01
CA CYS A 195 26.85 11.34 -7.12
C CYS A 195 26.58 9.98 -7.73
N HIS A 196 27.59 9.14 -7.85
CA HIS A 196 27.47 7.80 -8.41
C HIS A 196 27.90 6.74 -7.39
N VAL A 197 27.07 5.72 -7.17
CA VAL A 197 27.34 4.69 -6.13
C VAL A 197 27.64 3.37 -6.87
N ASP A 198 28.73 2.73 -6.51
CA ASP A 198 29.15 1.55 -7.26
C ASP A 198 28.31 0.33 -6.96
N ASN A 199 27.69 0.29 -5.85
CA ASN A 199 27.03 -0.97 -5.50
C ASN A 199 25.86 -1.37 -6.44
N SER A 200 25.46 -2.63 -6.41
CA SER A 200 24.25 -3.10 -7.14
C SER A 200 23.22 -3.75 -6.22
N CYS A 201 23.42 -3.68 -4.92
CA CYS A 201 22.42 -4.09 -3.95
C CYS A 201 21.16 -3.25 -4.03
N TYR A 202 20.05 -3.71 -3.37
CA TYR A 202 18.90 -2.84 -3.13
C TYR A 202 19.37 -1.54 -2.52
N MET A 203 18.84 -0.42 -3.00
CA MET A 203 19.10 0.90 -2.37
C MET A 203 17.81 1.68 -2.42
N ASN A 204 17.68 2.67 -1.59
CA ASN A 204 16.61 3.56 -1.55
C ASN A 204 17.21 4.96 -1.38
N PHE A 205 16.97 5.81 -2.35
CA PHE A 205 17.49 7.22 -2.34
C PHE A 205 16.39 8.12 -1.95
N ASP A 206 16.47 8.74 -0.74
CA ASP A 206 15.36 9.48 -0.21
C ASP A 206 15.70 10.99 -0.34
N PHE A 207 14.95 11.66 -1.20
CA PHE A 207 15.15 13.07 -1.48
C PHE A 207 14.08 13.95 -0.86
N SER A 208 13.45 13.47 0.20
CA SER A 208 12.28 14.09 0.84
C SER A 208 12.65 15.22 1.79
N ALA A 209 13.78 15.09 2.46
CA ALA A 209 14.03 16.00 3.62
C ALA A 209 14.71 17.27 3.11
N PRO A 210 14.21 18.44 3.61
CA PRO A 210 14.80 19.70 3.11
C PRO A 210 16.28 19.87 3.33
N GLU A 211 16.83 19.33 4.43
CA GLU A 211 18.28 19.54 4.77
C GLU A 211 19.26 18.41 4.45
N TYR A 212 18.78 17.28 3.96
CA TYR A 212 19.67 16.23 3.65
C TYR A 212 19.01 15.20 2.68
N HIS A 213 19.87 14.55 1.95
CA HIS A 213 19.46 13.35 1.16
C HIS A 213 19.84 12.12 2.00
N GLU A 214 19.03 11.09 2.01
CA GLU A 214 19.44 9.90 2.79
C GLU A 214 19.46 8.75 1.84
N LEU A 215 20.61 8.11 1.76
CA LEU A 215 20.87 6.99 0.91
C LEU A 215 20.95 5.74 1.77
N ALA A 216 20.02 4.83 1.54
CA ALA A 216 19.96 3.55 2.21
C ALA A 216 20.48 2.44 1.30
N LEU A 217 21.43 1.65 1.82
CA LEU A 217 21.98 0.53 1.10
C LEU A 217 21.78 -0.79 1.88
N TRP A 218 21.47 -1.85 1.15
CA TRP A 218 21.40 -3.19 1.74
C TRP A 218 22.71 -3.89 1.51
N GLU A 219 23.76 -3.34 2.07
CA GLU A 219 25.07 -3.97 1.99
C GLU A 219 25.90 -3.43 3.19
N ASP A 220 26.98 -4.15 3.47
CA ASP A 220 27.93 -3.78 4.51
C ASP A 220 29.03 -2.89 4.07
N LYS A 221 29.06 -2.50 2.79
CA LYS A 221 30.04 -1.58 2.31
C LYS A 221 29.40 -0.69 1.26
N ALA A 222 30.00 0.46 1.04
CA ALA A 222 29.54 1.36 -0.04
C ALA A 222 30.67 2.16 -0.60
N THR A 223 30.63 2.39 -1.91
CA THR A 223 31.57 3.29 -2.55
C THR A 223 30.80 4.32 -3.36
N LEU A 224 31.02 5.60 -3.05
CA LEU A 224 30.35 6.70 -3.72
C LEU A 224 31.39 7.63 -4.36
N ARG A 225 31.11 8.17 -5.52
CA ARG A 225 32.02 9.08 -6.21
C ARG A 225 31.26 10.31 -6.57
N PHE A 226 31.92 11.47 -6.47
CA PHE A 226 31.29 12.77 -6.80
C PHE A 226 32.21 13.57 -7.70
N GLU A 227 31.63 14.32 -8.63
CA GLU A 227 32.39 15.38 -9.35
C GLU A 227 31.48 16.54 -9.46
N CYS A 228 32.08 17.74 -9.54
CA CYS A 228 31.37 18.97 -9.74
C CYS A 228 31.71 19.54 -11.12
N ALA A 229 30.91 20.52 -11.54
CA ALA A 229 31.19 21.26 -12.74
C ALA A 229 30.49 22.60 -12.72
N ASP A 230 30.95 23.48 -13.62
CA ASP A 230 30.45 24.83 -13.77
C ASP A 230 29.15 24.93 -14.50
N THR A 231 28.90 23.94 -15.37
CA THR A 231 27.62 23.88 -16.12
C THR A 231 27.10 22.41 -16.14
N TYR A 232 25.82 22.27 -16.36
CA TYR A 232 25.23 20.89 -16.53
C TYR A 232 25.80 20.18 -17.69
N ILE A 233 25.99 20.91 -18.81
CA ILE A 233 26.60 20.30 -19.96
C ILE A 233 27.99 19.70 -19.65
N SER A 234 28.80 20.46 -18.92
CA SER A 234 30.11 19.96 -18.50
C SER A 234 29.95 18.76 -17.53
N LEU A 235 28.98 18.89 -16.64
CA LEU A 235 28.71 17.82 -15.70
C LEU A 235 28.40 16.49 -16.41
N LEU A 236 27.65 16.55 -17.51
CA LEU A 236 27.26 15.35 -18.26
C LEU A 236 28.41 14.77 -19.03
N GLU A 237 29.26 15.65 -19.54
CA GLU A 237 30.54 15.23 -20.09
C GLU A 237 31.37 14.46 -19.03
N LYS A 238 31.46 14.96 -17.81
CA LYS A 238 32.18 14.25 -16.76
C LYS A 238 31.51 12.95 -16.40
N LEU A 239 30.18 12.98 -16.32
CA LEU A 239 29.46 11.78 -15.90
C LEU A 239 29.61 10.66 -16.89
N THR A 240 29.50 11.00 -18.16
CA THR A 240 29.70 10.03 -19.21
C THR A 240 31.18 9.60 -19.42
N ALA A 241 32.15 10.44 -19.05
CA ALA A 241 33.57 9.95 -19.00
C ALA A 241 33.72 8.85 -17.98
N LEU A 242 32.89 8.87 -16.96
CA LEU A 242 32.86 7.86 -15.91
C LEU A 242 32.07 6.62 -16.33
N LEU A 243 30.86 6.82 -16.82
CA LEU A 243 29.96 5.67 -17.08
C LEU A 243 30.04 5.06 -18.44
N GLY A 244 30.35 5.88 -19.44
CA GLY A 244 30.31 5.41 -20.83
C GLY A 244 29.59 6.42 -21.73
N ARG A 245 29.97 6.43 -23.01
CA ARG A 245 29.29 7.14 -24.08
C ARG A 245 28.83 6.17 -25.14
N GLN A 246 27.68 6.46 -25.77
CA GLN A 246 27.09 5.58 -26.73
C GLN A 246 27.73 5.81 -28.11
N PRO A 247 27.66 4.83 -28.97
CA PRO A 247 28.07 5.06 -30.35
C PRO A 247 27.19 6.01 -31.09
N GLU A 248 27.72 6.58 -32.17
CA GLU A 248 26.88 7.17 -33.20
C GLU A 248 25.95 6.12 -33.80
N LEU A 249 24.69 6.54 -34.08
CA LEU A 249 23.69 5.67 -34.70
C LEU A 249 24.04 5.39 -36.15
N PRO A 250 23.62 4.23 -36.64
CA PRO A 250 23.77 4.05 -38.09
C PRO A 250 23.03 5.06 -38.85
N ASP A 251 23.58 5.40 -40.01
CA ASP A 251 23.01 6.43 -40.89
C ASP A 251 21.57 6.14 -41.30
N TRP A 252 21.21 4.87 -41.39
CA TRP A 252 19.91 4.48 -41.90
C TRP A 252 18.75 4.72 -40.87
N ILE A 253 19.10 4.89 -39.60
CA ILE A 253 18.10 5.24 -38.56
C ILE A 253 17.33 6.51 -38.86
N TYR A 254 17.99 7.44 -39.55
CA TYR A 254 17.40 8.71 -39.89
C TYR A 254 16.50 8.68 -41.13
N ASP A 255 16.43 7.54 -41.82
CA ASP A 255 15.83 7.51 -43.14
C ASP A 255 14.35 7.15 -43.17
N GLY A 256 13.75 6.96 -42.01
CA GLY A 256 12.30 6.80 -41.95
C GLY A 256 11.83 6.01 -40.74
N VAL A 257 10.59 5.50 -40.83
CA VAL A 257 9.99 4.72 -39.71
C VAL A 257 10.31 3.29 -39.90
N THR A 258 10.59 2.61 -38.78
CA THR A 258 10.71 1.14 -38.75
C THR A 258 9.30 0.58 -38.42
N LEU A 259 8.76 -0.24 -39.31
CA LEU A 259 7.38 -0.71 -39.14
C LEU A 259 7.38 -1.98 -38.32
N GLY A 260 6.61 -1.99 -37.22
CA GLY A 260 6.45 -3.19 -36.32
C GLY A 260 5.37 -4.00 -36.94
N ILE A 261 5.77 -5.17 -37.42
CA ILE A 261 4.88 -6.11 -38.10
C ILE A 261 5.09 -7.53 -37.55
N GLN A 262 4.00 -8.28 -37.39
CA GLN A 262 4.07 -9.71 -37.10
C GLN A 262 3.20 -10.42 -38.16
N GLY A 263 3.39 -11.72 -38.27
CA GLY A 263 2.51 -12.54 -39.10
C GLY A 263 3.13 -13.12 -40.36
N GLY A 264 4.43 -12.93 -40.51
CA GLY A 264 5.25 -13.58 -41.49
C GLY A 264 5.64 -12.73 -42.73
N THR A 265 6.44 -13.33 -43.60
CA THR A 265 7.16 -12.62 -44.65
C THR A 265 6.26 -11.88 -45.56
N GLU A 266 5.20 -12.56 -45.97
CA GLU A 266 4.31 -11.95 -46.94
C GLU A 266 3.42 -10.80 -46.35
N VAL A 267 3.01 -10.93 -45.09
CA VAL A 267 2.29 -9.86 -44.40
C VAL A 267 3.24 -8.61 -44.30
N CYS A 268 4.50 -8.87 -44.03
CA CYS A 268 5.48 -7.77 -43.93
C CYS A 268 5.62 -7.12 -45.28
N GLN A 269 5.71 -7.94 -46.33
CA GLN A 269 5.79 -7.44 -47.70
C GLN A 269 4.67 -6.55 -48.11
N LYS A 270 3.42 -6.97 -47.82
CA LYS A 270 2.23 -6.21 -48.23
C LYS A 270 2.18 -4.88 -47.52
N LYS A 271 2.50 -4.92 -46.23
CA LYS A 271 2.44 -3.69 -45.43
C LYS A 271 3.55 -2.73 -45.81
N LEU A 272 4.75 -3.22 -46.07
CA LEU A 272 5.85 -2.41 -46.55
C LEU A 272 5.44 -1.68 -47.83
N ASP A 273 4.83 -2.43 -48.73
CA ASP A 273 4.45 -1.84 -50.02
C ASP A 273 3.38 -0.82 -49.91
N THR A 274 2.31 -1.10 -49.15
CA THR A 274 1.25 -0.16 -48.92
C THR A 274 1.76 1.20 -48.38
N MET A 275 2.68 1.12 -47.42
CA MET A 275 3.23 2.36 -46.82
C MET A 275 4.12 3.10 -47.81
N ARG A 276 5.06 2.36 -48.40
CA ARG A 276 6.03 2.97 -49.35
C ARG A 276 5.27 3.58 -50.55
N ASN A 277 4.23 2.90 -51.05
CA ASN A 277 3.52 3.41 -52.22
C ASN A 277 2.62 4.58 -51.94
N ALA A 278 2.28 4.83 -50.69
CA ALA A 278 1.58 6.01 -50.26
C ALA A 278 2.52 7.12 -49.88
N GLY A 279 3.81 7.00 -50.05
CA GLY A 279 4.69 8.18 -49.74
C GLY A 279 5.33 8.12 -48.33
N VAL A 280 5.15 7.02 -47.60
CA VAL A 280 5.78 6.90 -46.24
C VAL A 280 7.26 6.59 -46.41
N LYS A 281 8.12 7.29 -45.66
CA LYS A 281 9.53 6.98 -45.61
C LYS A 281 9.70 5.84 -44.60
N VAL A 282 10.14 4.71 -45.12
CA VAL A 282 10.23 3.46 -44.34
C VAL A 282 11.66 3.01 -44.40
N ASN A 283 12.31 2.89 -43.25
CA ASN A 283 13.70 2.45 -43.22
C ASN A 283 13.88 0.99 -42.80
N GLY A 284 12.77 0.37 -42.42
CA GLY A 284 12.88 -0.94 -41.77
C GLY A 284 11.59 -1.63 -41.47
N ILE A 285 11.72 -2.91 -41.23
CA ILE A 285 10.72 -3.79 -40.71
C ILE A 285 11.26 -4.51 -39.46
N TRP A 286 10.53 -4.43 -38.40
CA TRP A 286 10.91 -5.03 -37.11
C TRP A 286 9.80 -6.08 -36.83
N ALA A 287 10.19 -7.34 -36.93
CA ALA A 287 9.26 -8.48 -36.83
C ALA A 287 9.71 -9.34 -35.66
N GLN A 288 9.13 -9.10 -34.50
CA GLN A 288 9.57 -9.85 -33.32
C GLN A 288 9.23 -11.38 -33.36
N ASP A 289 8.28 -11.78 -34.20
CA ASP A 289 7.94 -13.21 -34.40
C ASP A 289 8.78 -13.95 -35.46
N TRP A 290 9.96 -13.41 -35.79
CA TRP A 290 10.92 -14.01 -36.66
C TRP A 290 11.31 -15.45 -36.30
N SER A 291 11.18 -15.76 -35.03
CA SER A 291 11.49 -17.03 -34.37
C SER A 291 10.27 -17.94 -34.23
N GLY A 292 9.11 -17.53 -34.71
CA GLY A 292 7.88 -18.27 -34.52
C GLY A 292 6.92 -17.72 -33.51
N ILE A 293 5.74 -18.30 -33.57
CA ILE A 293 4.56 -17.91 -32.83
C ILE A 293 4.20 -19.07 -31.94
N ARG A 294 4.06 -18.73 -30.68
CA ARG A 294 3.56 -19.64 -29.64
C ARG A 294 2.15 -19.23 -29.27
N MET A 295 1.20 -20.14 -29.46
CA MET A 295 -0.15 -19.96 -28.96
C MET A 295 -0.26 -20.13 -27.42
N THR A 296 -0.92 -19.17 -26.75
CA THR A 296 -1.31 -19.25 -25.33
C THR A 296 -2.84 -19.01 -25.20
N SER A 297 -3.38 -19.25 -24.02
CA SER A 297 -4.80 -18.93 -23.72
C SER A 297 -5.16 -17.43 -23.88
N PHE A 298 -4.14 -16.53 -23.99
CA PHE A 298 -4.34 -15.07 -24.19
C PHE A 298 -3.98 -14.55 -25.60
N GLY A 299 -3.85 -15.47 -26.58
CA GLY A 299 -3.39 -15.20 -27.95
C GLY A 299 -1.90 -15.51 -28.15
N LYS A 300 -1.34 -14.92 -29.20
CA LYS A 300 -0.07 -15.27 -29.79
C LYS A 300 1.08 -14.54 -29.10
N ARG A 301 2.14 -15.29 -28.85
CA ARG A 301 3.31 -14.83 -28.20
C ARG A 301 4.45 -15.21 -29.14
N VAL A 302 5.61 -14.59 -28.99
CA VAL A 302 6.81 -14.90 -29.72
C VAL A 302 7.33 -16.23 -29.12
N MET A 303 7.90 -17.06 -29.98
CA MET A 303 8.54 -18.31 -29.60
C MET A 303 9.96 -17.98 -29.13
N TRP A 304 10.27 -18.29 -27.87
CA TRP A 304 11.56 -17.90 -27.32
C TRP A 304 12.74 -18.84 -27.65
N ASN A 305 13.00 -19.04 -28.93
CA ASN A 305 14.16 -19.75 -29.38
C ASN A 305 14.75 -18.95 -30.56
N TRP A 306 15.98 -18.47 -30.37
CA TRP A 306 16.56 -17.35 -31.14
C TRP A 306 17.29 -17.84 -32.40
N LYS A 307 16.42 -18.31 -33.30
CA LYS A 307 16.83 -18.76 -34.59
C LYS A 307 15.69 -18.52 -35.56
N TRP A 308 16.01 -18.18 -36.79
CA TRP A 308 14.99 -17.88 -37.84
C TRP A 308 14.08 -19.07 -38.04
N ASN A 309 12.80 -18.86 -37.97
CA ASN A 309 11.81 -19.85 -38.12
C ASN A 309 11.28 -19.77 -39.57
N SER A 310 11.73 -20.69 -40.44
CA SER A 310 11.33 -20.61 -41.88
C SER A 310 9.92 -21.03 -42.14
N GLU A 311 9.25 -21.66 -41.16
CA GLU A 311 7.82 -21.87 -41.28
C GLU A 311 7.00 -20.60 -41.12
N ASN A 312 7.30 -19.84 -40.06
CA ASN A 312 6.58 -18.56 -39.88
C ASN A 312 7.05 -17.43 -40.85
N TYR A 313 8.33 -17.43 -41.20
CA TYR A 313 8.95 -16.42 -42.08
C TYR A 313 9.66 -17.14 -43.26
N PRO A 314 8.83 -17.76 -44.15
CA PRO A 314 9.47 -18.35 -45.33
C PRO A 314 10.23 -17.36 -46.20
N GLN A 315 11.43 -17.80 -46.61
CA GLN A 315 12.30 -17.10 -47.61
C GLN A 315 12.88 -15.79 -46.99
N LEU A 316 12.93 -15.70 -45.65
CA LEU A 316 13.35 -14.45 -45.05
C LEU A 316 14.82 -14.17 -45.38
N ASP A 317 15.65 -15.22 -45.49
CA ASP A 317 17.10 -15.05 -45.75
C ASP A 317 17.30 -14.33 -47.07
N SER A 318 16.55 -14.72 -48.10
CA SER A 318 16.67 -14.01 -49.37
C SER A 318 15.86 -12.69 -49.38
N ARG A 319 14.72 -12.67 -48.70
CA ARG A 319 13.93 -11.45 -48.64
C ARG A 319 14.70 -10.28 -47.99
N ILE A 320 15.50 -10.57 -46.94
CA ILE A 320 16.31 -9.53 -46.23
C ILE A 320 17.21 -8.88 -47.28
N LYS A 321 17.79 -9.68 -48.18
CA LYS A 321 18.68 -9.11 -49.21
C LYS A 321 17.95 -8.19 -50.15
N GLN A 322 16.80 -8.61 -50.60
CA GLN A 322 15.99 -7.81 -51.47
C GLN A 322 15.59 -6.48 -50.76
N TRP A 323 15.14 -6.59 -49.51
CA TRP A 323 14.76 -5.37 -48.79
C TRP A 323 15.95 -4.43 -48.63
N ASN A 324 17.10 -4.98 -48.30
CA ASN A 324 18.28 -4.16 -48.11
C ASN A 324 18.60 -3.41 -49.42
N GLN A 325 18.52 -4.11 -50.55
CA GLN A 325 18.63 -3.41 -51.87
C GLN A 325 17.75 -2.26 -52.08
N GLU A 326 16.55 -2.28 -51.49
CA GLU A 326 15.59 -1.18 -51.58
C GLU A 326 15.68 -0.19 -50.39
N GLY A 327 16.72 -0.24 -49.58
CA GLY A 327 16.84 0.70 -48.44
C GLY A 327 16.01 0.35 -47.18
N VAL A 328 15.76 -0.95 -46.94
CA VAL A 328 14.93 -1.44 -45.81
C VAL A 328 15.76 -2.47 -45.08
N GLN A 329 15.96 -2.17 -43.82
CA GLN A 329 16.64 -3.10 -42.89
C GLN A 329 15.63 -4.03 -42.21
N PHE A 330 16.10 -5.19 -41.75
CA PHE A 330 15.26 -6.13 -41.05
C PHE A 330 15.74 -6.22 -39.63
N LEU A 331 14.81 -6.07 -38.71
CA LEU A 331 15.14 -6.12 -37.27
C LEU A 331 14.36 -7.20 -36.55
N ALA A 332 14.99 -7.84 -35.60
CA ALA A 332 14.42 -9.02 -34.93
C ALA A 332 14.31 -8.83 -33.44
N TYR A 333 14.37 -9.90 -32.64
CA TYR A 333 14.09 -9.86 -31.22
C TYR A 333 14.89 -10.97 -30.54
N ILE A 334 15.40 -10.66 -29.35
CA ILE A 334 16.06 -11.61 -28.48
C ILE A 334 15.91 -11.17 -27.02
N ASN A 335 15.89 -12.15 -26.10
CA ASN A 335 15.91 -11.91 -24.70
C ASN A 335 16.83 -12.95 -24.00
N PRO A 336 17.09 -12.79 -22.70
CA PRO A 336 18.16 -13.61 -22.12
C PRO A 336 17.59 -14.88 -21.47
N TYR A 337 16.40 -15.34 -21.94
CA TYR A 337 15.81 -16.61 -21.55
C TYR A 337 15.71 -17.50 -22.83
N VAL A 338 15.47 -18.78 -22.60
CA VAL A 338 15.38 -19.76 -23.69
C VAL A 338 14.27 -20.73 -23.37
N ALA A 339 13.35 -20.91 -24.32
CA ALA A 339 12.20 -21.76 -24.13
C ALA A 339 12.67 -23.23 -23.81
N SER A 340 12.13 -23.79 -22.77
CA SER A 340 12.64 -25.08 -22.21
C SER A 340 12.43 -26.27 -23.15
N ASP A 341 11.42 -26.18 -24.04
CA ASP A 341 11.15 -27.26 -24.99
C ASP A 341 11.87 -27.13 -26.32
N LYS A 342 12.83 -26.21 -26.49
CA LYS A 342 13.49 -25.95 -27.79
C LYS A 342 14.95 -26.12 -27.66
N ASP A 343 15.62 -26.01 -28.79
CA ASP A 343 17.01 -26.40 -29.03
C ASP A 343 17.99 -25.69 -28.16
N LEU A 344 17.90 -24.34 -28.12
CA LEU A 344 18.92 -23.60 -27.37
C LEU A 344 18.95 -23.96 -25.92
N CYS A 345 17.80 -24.15 -25.29
CA CYS A 345 17.75 -24.44 -23.86
C CYS A 345 18.33 -25.85 -23.60
N GLU A 346 18.10 -26.78 -24.52
CA GLU A 346 18.64 -28.16 -24.37
C GLU A 346 20.17 -28.08 -24.40
N GLU A 347 20.69 -27.37 -25.38
CA GLU A 347 22.10 -27.12 -25.44
C GLU A 347 22.68 -26.48 -24.17
N ALA A 348 22.04 -25.43 -23.70
CA ALA A 348 22.34 -24.83 -22.43
C ALA A 348 22.32 -25.80 -21.24
N ALA A 349 21.25 -26.58 -21.13
CA ALA A 349 21.15 -27.58 -20.06
C ALA A 349 22.35 -28.53 -20.16
N GLN A 350 22.70 -28.93 -21.38
CA GLN A 350 23.82 -29.90 -21.53
C GLN A 350 25.15 -29.35 -21.11
N HIS A 351 25.40 -28.06 -21.33
CA HIS A 351 26.69 -27.49 -21.01
C HIS A 351 26.77 -26.74 -19.67
N GLY A 352 25.70 -26.77 -18.87
CA GLY A 352 25.65 -26.06 -17.56
C GLY A 352 25.59 -24.50 -17.74
N TYR A 353 25.00 -24.06 -18.84
CA TYR A 353 24.91 -22.60 -19.19
C TYR A 353 23.71 -21.85 -18.52
N LEU A 354 22.85 -22.58 -17.80
CA LEU A 354 21.70 -22.03 -17.08
C LEU A 354 22.00 -21.73 -15.63
N ALA A 355 21.34 -20.69 -15.10
CA ALA A 355 21.33 -20.46 -13.68
C ALA A 355 20.71 -21.64 -13.00
N LYS A 356 21.05 -21.84 -11.73
CA LYS A 356 20.40 -22.91 -10.93
C LYS A 356 19.49 -22.46 -9.83
N ASP A 357 18.71 -23.41 -9.33
CA ASP A 357 17.85 -23.22 -8.19
C ASP A 357 18.50 -23.80 -6.93
N ALA A 358 17.86 -23.63 -5.79
CA ALA A 358 18.53 -23.96 -4.48
C ALA A 358 18.87 -25.45 -4.45
N SER A 359 17.96 -26.27 -4.98
CA SER A 359 18.19 -27.73 -5.06
C SER A 359 19.16 -28.19 -6.18
N GLY A 360 19.90 -27.27 -6.82
CA GLY A 360 20.85 -27.58 -7.91
C GLY A 360 20.30 -27.90 -9.33
N GLY A 361 19.00 -27.89 -9.54
CA GLY A 361 18.43 -28.07 -10.87
C GLY A 361 18.59 -26.78 -11.71
N ASP A 362 18.43 -26.91 -13.02
CA ASP A 362 18.40 -25.74 -13.92
C ASP A 362 17.19 -24.87 -13.57
N TYR A 363 17.37 -23.54 -13.46
CA TYR A 363 16.22 -22.71 -13.07
C TYR A 363 15.38 -22.38 -14.30
N LEU A 364 14.11 -22.73 -14.23
CA LEU A 364 13.11 -22.39 -15.22
C LEU A 364 12.11 -21.41 -14.69
N VAL A 365 11.90 -20.32 -15.41
CA VAL A 365 10.91 -19.34 -15.01
C VAL A 365 9.65 -19.66 -15.75
N GLU A 366 8.53 -19.55 -15.05
CA GLU A 366 7.20 -19.72 -15.68
C GLU A 366 6.81 -18.44 -16.33
N PHE A 367 6.47 -18.51 -17.61
CA PHE A 367 5.74 -17.42 -18.29
C PHE A 367 4.37 -17.96 -18.73
N GLY A 368 3.69 -18.57 -17.77
CA GLY A 368 2.29 -18.87 -17.86
C GLY A 368 2.28 -20.35 -18.03
N GLU A 369 1.90 -20.73 -19.22
CA GLU A 369 1.76 -22.14 -19.54
C GLU A 369 3.16 -22.74 -19.88
N PHE A 370 4.11 -21.87 -20.32
CA PHE A 370 5.45 -22.29 -20.77
C PHE A 370 6.56 -21.76 -19.89
N TYR A 371 7.74 -22.36 -20.02
CA TYR A 371 8.91 -22.03 -19.19
C TYR A 371 10.09 -21.66 -19.97
N GLY A 372 10.94 -20.86 -19.35
CA GLY A 372 12.19 -20.45 -19.99
C GLY A 372 13.33 -20.65 -19.06
N GLY A 373 14.43 -21.24 -19.53
CA GLY A 373 15.69 -21.24 -18.75
C GLY A 373 16.36 -19.89 -18.73
N VAL A 374 17.00 -19.59 -17.62
CA VAL A 374 17.67 -18.34 -17.41
C VAL A 374 19.11 -18.56 -17.82
N VAL A 375 19.58 -17.84 -18.84
CA VAL A 375 20.94 -17.95 -19.32
C VAL A 375 21.84 -17.30 -18.29
N ASP A 376 22.87 -18.01 -17.85
CA ASP A 376 23.70 -17.49 -16.75
C ASP A 376 24.79 -16.68 -17.27
N LEU A 377 24.51 -15.38 -17.42
CA LEU A 377 25.50 -14.51 -18.04
C LEU A 377 26.82 -14.33 -17.21
N THR A 378 26.83 -14.74 -15.94
CA THR A 378 28.06 -14.68 -15.11
C THR A 378 28.95 -15.93 -15.38
N ASN A 379 28.46 -16.91 -16.11
CA ASN A 379 29.28 -18.01 -16.58
C ASN A 379 29.98 -17.63 -17.87
N PRO A 380 31.28 -17.49 -17.82
CA PRO A 380 31.93 -16.95 -19.03
C PRO A 380 31.75 -17.79 -20.33
N GLU A 381 31.52 -19.09 -20.21
CA GLU A 381 31.28 -19.89 -21.41
C GLU A 381 29.84 -19.71 -21.89
N ALA A 382 28.91 -19.57 -20.95
CA ALA A 382 27.50 -19.34 -21.32
C ALA A 382 27.36 -17.96 -22.02
N TYR A 383 28.07 -16.96 -21.49
CA TYR A 383 28.14 -15.59 -22.05
C TYR A 383 28.67 -15.61 -23.44
N ALA A 384 29.83 -16.26 -23.63
CA ALA A 384 30.44 -16.50 -24.96
C ALA A 384 29.52 -17.18 -25.92
N TRP A 385 28.86 -18.22 -25.42
CA TRP A 385 27.91 -19.03 -26.20
C TRP A 385 26.74 -18.19 -26.69
N PHE A 386 26.13 -17.43 -25.78
CA PHE A 386 24.96 -16.64 -26.13
C PHE A 386 25.34 -15.50 -27.05
N LYS A 387 26.49 -14.88 -26.85
CA LYS A 387 27.01 -13.95 -27.83
C LYS A 387 27.15 -14.59 -29.24
N GLU A 388 27.55 -15.87 -29.32
CA GLU A 388 27.60 -16.55 -30.64
C GLU A 388 26.27 -16.81 -31.23
N VAL A 389 25.30 -17.08 -30.37
CA VAL A 389 23.94 -17.17 -30.82
C VAL A 389 23.57 -15.87 -31.54
N ILE A 390 23.86 -14.72 -30.92
CA ILE A 390 23.56 -13.45 -31.55
C ILE A 390 24.29 -13.34 -32.86
N LYS A 391 25.58 -13.65 -32.87
CA LYS A 391 26.40 -13.47 -34.09
C LYS A 391 25.97 -14.36 -35.23
N LYS A 392 25.66 -15.61 -34.94
CA LYS A 392 25.40 -16.59 -35.99
C LYS A 392 23.94 -16.55 -36.41
N ASN A 393 23.01 -16.32 -35.48
CA ASN A 393 21.61 -16.44 -35.80
C ASN A 393 20.91 -15.10 -36.22
N MET A 394 21.50 -13.98 -35.85
CA MET A 394 20.94 -12.64 -36.18
C MET A 394 21.86 -11.86 -37.09
N ILE A 395 23.10 -11.67 -36.68
CA ILE A 395 24.00 -10.83 -37.50
C ILE A 395 24.31 -11.49 -38.84
N GLU A 396 24.67 -12.77 -38.82
CA GLU A 396 24.93 -13.50 -40.07
C GLU A 396 23.70 -13.70 -40.91
N LEU A 397 22.48 -13.70 -40.34
CA LEU A 397 21.28 -13.76 -41.11
C LEU A 397 21.09 -12.47 -41.90
N GLY A 398 21.79 -11.39 -41.51
CA GLY A 398 21.56 -10.10 -42.20
C GLY A 398 20.68 -9.09 -41.44
N CYS A 399 20.39 -9.37 -40.19
CA CYS A 399 19.62 -8.41 -39.36
C CYS A 399 20.35 -7.12 -39.22
N GLY A 400 19.61 -6.03 -39.40
CA GLY A 400 20.15 -4.70 -39.13
C GLY A 400 20.05 -4.17 -37.67
N GLY A 401 19.34 -4.92 -36.84
CA GLY A 401 19.13 -4.61 -35.46
C GLY A 401 18.12 -5.51 -34.87
N TRP A 402 17.79 -5.25 -33.60
CA TRP A 402 16.78 -6.06 -32.91
C TRP A 402 16.40 -5.39 -31.63
N MET A 403 15.24 -5.79 -31.10
CA MET A 403 14.89 -5.51 -29.75
C MET A 403 15.66 -6.49 -28.91
N ALA A 404 16.44 -5.99 -27.94
CA ALA A 404 17.10 -6.87 -26.95
C ALA A 404 16.35 -6.65 -25.68
N ASP A 405 15.35 -7.51 -25.47
CA ASP A 405 14.34 -7.28 -24.45
C ASP A 405 14.77 -7.90 -23.10
N PHE A 406 14.01 -7.54 -22.06
CA PHE A 406 14.18 -8.03 -20.69
C PHE A 406 15.55 -7.70 -20.08
N GLY A 407 15.89 -8.36 -18.96
CA GLY A 407 17.03 -7.96 -18.13
C GLY A 407 16.66 -7.62 -16.73
N GLU A 408 15.37 -7.25 -16.52
CA GLU A 408 14.84 -6.77 -15.27
C GLU A 408 14.36 -7.89 -14.31
N TYR A 409 14.35 -9.11 -14.78
CA TYR A 409 13.77 -10.19 -14.06
C TYR A 409 14.74 -11.36 -13.98
N LEU A 410 15.92 -11.09 -13.44
CA LEU A 410 16.78 -12.16 -12.81
C LEU A 410 16.11 -12.50 -11.45
N PRO A 411 15.55 -13.72 -11.29
CA PRO A 411 14.89 -14.05 -10.03
C PRO A 411 15.88 -14.07 -8.91
N THR A 412 15.42 -13.65 -7.75
CA THR A 412 16.33 -13.51 -6.61
C THR A 412 16.65 -14.80 -5.85
N ASP A 413 16.07 -15.88 -6.29
CA ASP A 413 16.40 -17.25 -5.78
C ASP A 413 17.10 -18.10 -6.84
N THR A 414 17.79 -17.45 -7.81
CA THR A 414 18.75 -18.14 -8.64
C THR A 414 20.09 -18.21 -7.93
N TYR A 415 20.92 -19.17 -8.37
CA TYR A 415 22.26 -19.41 -7.93
C TYR A 415 23.10 -19.34 -9.18
N LEU A 416 24.09 -18.45 -9.11
CA LEU A 416 24.86 -18.05 -10.23
C LEU A 416 26.27 -18.58 -10.18
N HIS A 417 26.83 -18.76 -11.37
CA HIS A 417 28.16 -19.31 -11.57
C HIS A 417 29.27 -18.53 -10.88
N ASN A 418 29.17 -17.21 -10.81
CA ASN A 418 30.19 -16.47 -10.15
C ASN A 418 30.08 -16.52 -8.59
N GLY A 419 29.11 -17.21 -8.04
CA GLY A 419 28.83 -17.28 -6.61
C GLY A 419 28.45 -15.99 -5.94
N VAL A 420 28.12 -14.94 -6.72
CA VAL A 420 27.56 -13.70 -6.11
C VAL A 420 26.10 -13.89 -5.86
N SER A 421 25.60 -13.41 -4.73
CA SER A 421 24.17 -13.56 -4.44
C SER A 421 23.30 -12.92 -5.61
N ALA A 422 22.20 -13.58 -5.94
CA ALA A 422 21.21 -13.00 -6.89
C ALA A 422 20.62 -11.74 -6.34
N GLU A 423 20.57 -11.59 -5.03
CA GLU A 423 20.23 -10.26 -4.48
C GLU A 423 21.11 -9.11 -4.87
N ILE A 424 22.37 -9.38 -5.18
CA ILE A 424 23.29 -8.43 -5.70
C ILE A 424 23.36 -8.44 -7.23
N MET A 425 23.29 -9.59 -7.84
CA MET A 425 23.37 -9.64 -9.33
C MET A 425 22.11 -9.12 -10.06
N HIS A 426 20.98 -9.15 -9.38
CA HIS A 426 19.68 -8.81 -9.99
C HIS A 426 19.74 -7.43 -10.66
N ASN A 427 20.21 -6.44 -9.93
CA ASN A 427 20.30 -5.05 -10.45
C ASN A 427 21.40 -4.89 -11.46
N ALA A 428 22.43 -5.74 -11.43
CA ALA A 428 23.52 -5.67 -12.46
C ALA A 428 23.21 -6.41 -13.76
N TRP A 429 22.11 -7.19 -13.76
CA TRP A 429 21.83 -8.04 -14.93
C TRP A 429 21.64 -7.23 -16.25
N PRO A 430 20.91 -6.13 -16.20
CA PRO A 430 20.68 -5.43 -17.48
C PRO A 430 21.94 -5.01 -18.23
N ALA A 431 22.88 -4.36 -17.57
CA ALA A 431 24.09 -3.97 -18.31
C ALA A 431 24.98 -5.17 -18.74
N LEU A 432 24.88 -6.28 -18.01
CA LEU A 432 25.60 -7.52 -18.39
C LEU A 432 25.01 -8.03 -19.72
N TRP A 433 23.69 -8.05 -19.79
CA TRP A 433 22.95 -8.37 -21.04
C TRP A 433 23.26 -7.41 -22.16
N ALA A 434 23.30 -6.11 -21.85
CA ALA A 434 23.66 -5.12 -22.80
C ALA A 434 25.12 -5.37 -23.36
N LYS A 435 26.03 -5.72 -22.47
CA LYS A 435 27.42 -5.92 -22.90
C LYS A 435 27.50 -7.08 -23.90
N CYS A 436 26.65 -8.12 -23.68
CA CYS A 436 26.64 -9.30 -24.55
C CYS A 436 26.27 -8.90 -25.96
N ASN A 437 25.25 -8.06 -26.07
CA ASN A 437 24.86 -7.48 -27.35
C ASN A 437 25.94 -6.59 -27.99
N TYR A 438 26.46 -5.64 -27.21
CA TYR A 438 27.47 -4.71 -27.68
C TYR A 438 28.70 -5.49 -28.19
N GLU A 439 29.14 -6.51 -27.43
CA GLU A 439 30.32 -7.34 -27.85
C GLU A 439 30.05 -8.14 -29.11
N ALA A 440 28.83 -8.57 -29.30
CA ALA A 440 28.49 -9.23 -30.52
C ALA A 440 28.73 -8.33 -31.73
N LEU A 441 28.31 -7.07 -31.61
CA LEU A 441 28.57 -6.11 -32.64
C LEU A 441 30.08 -5.74 -32.72
N GLU A 442 30.66 -5.54 -31.57
CA GLU A 442 32.10 -5.16 -31.56
C GLU A 442 32.92 -6.26 -32.30
N GLU A 443 32.65 -7.52 -31.98
CA GLU A 443 33.38 -8.63 -32.54
C GLU A 443 33.12 -8.88 -34.02
N THR A 444 32.06 -8.34 -34.62
CA THR A 444 31.73 -8.56 -36.03
C THR A 444 31.96 -7.31 -36.83
N GLY A 445 32.47 -6.28 -36.19
CA GLY A 445 32.70 -5.00 -36.84
C GLY A 445 31.42 -4.26 -37.15
N LYS A 446 30.38 -4.41 -36.34
CA LYS A 446 29.13 -3.80 -36.73
C LYS A 446 28.66 -2.61 -35.89
N LEU A 447 29.52 -2.09 -35.02
CA LEU A 447 29.21 -0.85 -34.29
C LEU A 447 29.00 0.28 -35.27
N GLY A 448 27.92 1.05 -35.12
CA GLY A 448 27.59 2.10 -36.10
C GLY A 448 26.89 1.60 -37.36
N GLU A 449 26.63 0.30 -37.46
CA GLU A 449 25.92 -0.26 -38.60
C GLU A 449 24.67 -1.03 -38.21
N ILE A 450 24.75 -1.78 -37.13
CA ILE A 450 23.62 -2.47 -36.54
C ILE A 450 23.14 -1.71 -35.30
N LEU A 451 21.84 -1.66 -35.12
CA LEU A 451 21.23 -0.93 -33.96
C LEU A 451 20.34 -1.88 -33.13
N PHE A 452 20.73 -2.14 -31.90
CA PHE A 452 19.83 -2.83 -30.96
C PHE A 452 19.27 -1.84 -29.95
N PHE A 453 18.12 -2.19 -29.42
CA PHE A 453 17.48 -1.30 -28.49
C PHE A 453 16.99 -2.11 -27.30
N MET A 454 17.08 -1.51 -26.10
CA MET A 454 16.75 -2.18 -24.86
C MET A 454 15.80 -1.40 -24.05
N ARG A 455 15.05 -2.07 -23.16
CA ARG A 455 14.34 -1.33 -22.15
C ARG A 455 15.02 -1.33 -20.78
N ALA A 456 15.43 -2.50 -20.29
CA ALA A 456 16.19 -2.58 -19.06
C ALA A 456 17.57 -2.00 -19.15
N GLY A 457 18.02 -1.44 -18.00
CA GLY A 457 19.32 -0.97 -17.86
C GLY A 457 19.88 -0.93 -16.50
N SER A 458 21.22 -0.74 -16.45
CA SER A 458 21.89 -0.56 -15.20
C SER A 458 23.23 0.11 -15.49
N THR A 459 23.96 0.42 -14.44
CA THR A 459 25.26 1.08 -14.56
C THR A 459 26.13 0.44 -15.62
N GLY A 460 26.53 1.20 -16.64
CA GLY A 460 27.28 0.70 -17.79
C GLY A 460 26.50 0.60 -19.09
N SER A 461 25.15 0.57 -19.01
CA SER A 461 24.30 0.67 -20.22
C SER A 461 24.63 1.92 -21.04
N GLN A 462 25.15 2.93 -20.36
CA GLN A 462 25.62 4.13 -21.04
C GLN A 462 26.70 3.85 -22.14
N LYS A 463 27.53 2.84 -21.93
CA LYS A 463 28.51 2.39 -22.96
C LYS A 463 27.87 1.29 -23.86
N TYR A 464 27.18 0.35 -23.22
CA TYR A 464 26.84 -0.88 -23.91
C TYR A 464 25.49 -0.90 -24.62
N SER A 465 24.51 -0.06 -24.26
CA SER A 465 23.20 -0.11 -25.00
C SER A 465 23.25 0.97 -26.08
N THR A 466 23.14 0.58 -27.34
CA THR A 466 23.19 1.52 -28.39
C THR A 466 21.93 2.40 -28.52
N MET A 467 20.84 2.00 -27.88
CA MET A 467 19.58 2.79 -27.90
C MET A 467 18.70 2.31 -26.82
N MET A 468 18.14 3.23 -26.02
CA MET A 468 17.13 2.86 -25.08
C MET A 468 15.73 3.07 -25.72
N TRP A 469 14.80 2.18 -25.36
CA TRP A 469 13.38 2.45 -25.63
C TRP A 469 12.65 2.46 -24.32
N ALA A 470 11.52 3.17 -24.32
CA ALA A 470 10.79 3.41 -23.09
C ALA A 470 9.94 2.24 -22.56
N GLY A 471 10.07 1.07 -23.14
CA GLY A 471 9.37 -0.08 -22.63
C GLY A 471 7.88 0.02 -22.84
N ASP A 472 7.11 -0.51 -21.87
CA ASP A 472 5.62 -0.70 -21.99
C ASP A 472 4.91 0.49 -21.46
N GLN A 473 4.40 1.36 -22.37
CA GLN A 473 3.38 2.30 -21.97
C GLN A 473 2.00 1.65 -22.23
N ASN A 474 1.03 2.04 -21.45
CA ASN A 474 -0.34 1.76 -21.79
C ASN A 474 -0.70 2.43 -23.12
N VAL A 475 -1.71 1.89 -23.78
CA VAL A 475 -2.34 2.57 -24.94
C VAL A 475 -3.36 3.57 -24.44
N ASP A 476 -2.93 4.50 -23.57
CA ASP A 476 -3.81 5.46 -22.91
C ASP A 476 -3.13 6.78 -22.85
N TRP A 477 -3.85 7.74 -22.29
CA TRP A 477 -3.40 9.12 -22.16
C TRP A 477 -3.01 9.45 -20.72
N SER A 478 -2.71 8.44 -19.91
CA SER A 478 -2.43 8.76 -18.46
C SER A 478 -1.11 9.49 -18.33
N LEU A 479 -0.96 10.24 -17.25
CA LEU A 479 0.32 10.84 -16.92
C LEU A 479 1.35 9.81 -16.54
N ASP A 480 1.02 8.81 -15.77
CA ASP A 480 2.03 7.89 -15.21
C ASP A 480 2.37 6.68 -16.08
N ASP A 481 1.53 6.37 -17.06
CA ASP A 481 1.85 5.29 -17.93
C ASP A 481 1.44 5.44 -19.36
N GLY A 482 1.17 6.66 -19.77
CA GLY A 482 0.73 6.89 -21.15
C GLY A 482 1.80 7.64 -21.91
N LEU A 483 1.40 8.23 -23.02
CA LEU A 483 2.32 9.01 -23.84
C LEU A 483 3.23 9.98 -23.03
N ALA A 484 2.59 10.71 -22.11
CA ALA A 484 3.28 11.75 -21.31
C ALA A 484 4.51 11.21 -20.58
N SER A 485 4.40 10.00 -20.03
CA SER A 485 5.38 9.41 -19.15
C SER A 485 6.73 9.18 -19.87
N VAL A 486 6.70 9.13 -21.22
CA VAL A 486 7.91 8.96 -21.99
C VAL A 486 8.90 10.17 -21.82
N VAL A 487 8.34 11.36 -21.64
CA VAL A 487 9.21 12.54 -21.52
C VAL A 487 10.09 12.59 -20.26
N PRO A 488 9.53 12.42 -19.04
CA PRO A 488 10.43 12.24 -17.89
C PRO A 488 11.35 11.05 -18.03
N ALA A 489 10.93 9.99 -18.72
CA ALA A 489 11.80 8.85 -18.97
C ALA A 489 13.02 9.25 -19.79
N ALA A 490 12.82 10.01 -20.88
CA ALA A 490 13.94 10.50 -21.67
C ALA A 490 14.88 11.44 -20.87
N LEU A 491 14.29 12.34 -20.10
CA LEU A 491 15.02 13.41 -19.45
C LEU A 491 15.80 12.88 -18.27
N SER A 492 15.17 12.01 -17.48
CA SER A 492 15.88 11.32 -16.38
C SER A 492 17.08 10.55 -16.91
N LEU A 493 16.89 9.79 -17.98
CA LEU A 493 18.02 9.08 -18.59
C LEU A 493 19.11 9.99 -19.13
N ALA A 494 18.69 11.07 -19.74
CA ALA A 494 19.65 12.07 -20.20
C ALA A 494 20.62 12.58 -19.10
N MET A 495 20.05 12.82 -17.90
CA MET A 495 20.76 13.26 -16.72
C MET A 495 21.49 12.11 -16.01
N THR A 496 21.30 10.88 -16.47
CA THR A 496 22.03 9.71 -15.97
C THR A 496 22.98 9.23 -17.06
N GLY A 497 23.21 10.05 -18.07
CA GLY A 497 24.17 9.69 -19.07
C GLY A 497 23.85 8.84 -20.25
N HIS A 498 22.58 8.64 -20.54
CA HIS A 498 22.16 7.93 -21.76
C HIS A 498 21.25 8.91 -22.57
N GLY A 499 21.74 9.29 -23.76
CA GLY A 499 21.19 10.35 -24.58
C GLY A 499 20.50 9.89 -25.89
N LEU A 500 20.20 8.58 -26.05
CA LEU A 500 19.49 8.06 -27.20
C LEU A 500 18.24 7.29 -26.75
N HIS A 501 17.04 7.79 -27.07
CA HIS A 501 15.82 7.31 -26.46
C HIS A 501 14.67 7.40 -27.44
N HIS A 502 13.86 6.34 -27.51
CA HIS A 502 12.57 6.38 -28.25
C HIS A 502 11.56 5.55 -27.54
N SER A 503 10.34 5.63 -28.08
CA SER A 503 9.22 4.90 -27.54
C SER A 503 8.45 4.20 -28.69
N ASP A 504 7.67 3.18 -28.29
CA ASP A 504 6.71 2.54 -29.23
C ASP A 504 5.66 3.59 -29.74
N ILE A 505 5.62 3.86 -31.02
CA ILE A 505 4.64 4.74 -31.56
C ILE A 505 3.25 4.10 -31.39
N GLY A 506 2.49 4.69 -30.49
CA GLY A 506 1.13 4.30 -30.08
C GLY A 506 1.06 3.55 -28.76
N GLY A 507 2.24 3.32 -28.13
CA GLY A 507 2.29 2.57 -26.82
C GLY A 507 2.11 1.08 -27.07
N TYR A 508 1.99 0.33 -25.99
CA TYR A 508 2.11 -1.12 -26.05
C TYR A 508 0.93 -1.87 -25.32
N THR A 509 0.79 -1.60 -24.04
CA THR A 509 0.03 -2.45 -23.12
C THR A 509 -1.47 -2.30 -23.36
N THR A 510 -2.06 -3.41 -23.77
CA THR A 510 -3.40 -3.46 -24.27
C THR A 510 -4.14 -4.52 -23.39
N LEU A 511 -4.69 -4.09 -22.29
CA LEU A 511 -5.27 -4.96 -21.26
C LEU A 511 -6.41 -4.21 -20.65
N PHE A 512 -7.32 -4.94 -19.99
CA PHE A 512 -8.40 -4.33 -19.22
C PHE A 512 -9.22 -3.39 -20.06
N GLU A 513 -9.56 -3.78 -21.29
CA GLU A 513 -10.32 -2.83 -22.10
C GLU A 513 -9.59 -1.50 -22.53
N MET A 514 -8.28 -1.36 -22.29
CA MET A 514 -7.57 -0.28 -22.94
C MET A 514 -7.37 -0.74 -24.38
N LYS A 515 -7.64 0.12 -25.36
CA LYS A 515 -7.37 -0.15 -26.76
C LYS A 515 -6.87 1.15 -27.40
N ARG A 516 -5.94 1.04 -28.30
CA ARG A 516 -5.29 2.22 -28.92
C ARG A 516 -6.19 2.84 -29.96
N SER A 517 -6.56 4.08 -29.75
CA SER A 517 -7.35 4.84 -30.76
C SER A 517 -6.43 5.32 -31.91
N LYS A 518 -7.09 5.63 -33.01
CA LYS A 518 -6.42 6.37 -34.08
C LYS A 518 -5.83 7.67 -33.56
N GLU A 519 -6.58 8.42 -32.79
CA GLU A 519 -6.10 9.69 -32.28
C GLU A 519 -4.80 9.49 -31.47
N LEU A 520 -4.75 8.48 -30.59
CA LEU A 520 -3.49 8.20 -29.81
C LEU A 520 -2.33 7.85 -30.73
N LEU A 521 -2.55 6.98 -31.73
CA LEU A 521 -1.52 6.62 -32.63
C LEU A 521 -0.95 7.87 -33.33
N LEU A 522 -1.81 8.74 -33.84
CA LEU A 522 -1.39 9.90 -34.61
C LEU A 522 -0.70 10.94 -33.75
N ARG A 523 -1.19 11.18 -32.55
CA ARG A 523 -0.50 12.08 -31.63
C ARG A 523 0.90 11.50 -31.21
N TRP A 524 1.00 10.17 -31.08
CA TRP A 524 2.26 9.57 -30.73
C TRP A 524 3.24 9.64 -31.87
N CYS A 525 2.71 9.50 -33.11
CA CYS A 525 3.53 9.65 -34.28
C CYS A 525 4.10 11.08 -34.31
N ASP A 526 3.27 12.08 -33.98
CA ASP A 526 3.76 13.49 -33.96
C ASP A 526 4.94 13.68 -32.97
N PHE A 527 4.86 12.99 -31.83
CA PHE A 527 5.90 13.06 -30.81
C PHE A 527 7.18 12.40 -31.31
N SER A 528 7.06 11.14 -31.77
CA SER A 528 8.19 10.39 -32.18
C SER A 528 9.00 10.96 -33.37
N ALA A 529 8.36 11.70 -34.24
CA ALA A 529 9.05 12.40 -35.33
C ALA A 529 10.03 13.46 -34.82
N PHE A 530 9.89 13.87 -33.55
CA PHE A 530 10.85 14.74 -32.85
C PHE A 530 11.71 14.08 -31.80
N THR A 531 12.13 12.86 -32.14
CA THR A 531 13.01 12.03 -31.31
C THR A 531 14.01 11.41 -32.27
N PRO A 532 15.07 10.73 -31.75
CA PRO A 532 15.99 10.20 -32.71
C PRO A 532 15.63 8.89 -33.45
N MET A 533 14.47 8.30 -33.19
CA MET A 533 14.13 7.04 -33.86
C MET A 533 12.62 6.91 -33.88
N MET A 534 12.09 6.52 -35.03
CA MET A 534 10.69 6.26 -35.24
C MET A 534 10.46 4.75 -35.47
N ARG A 535 9.67 4.13 -34.59
CA ARG A 535 9.43 2.66 -34.67
C ARG A 535 8.09 2.38 -34.06
N THR A 536 7.23 1.66 -34.80
CA THR A 536 5.94 1.28 -34.32
C THR A 536 5.90 -0.08 -33.62
N HIS A 537 4.81 -0.33 -32.96
CA HIS A 537 4.56 -1.61 -32.27
C HIS A 537 3.11 -1.96 -32.45
N GLU A 538 2.81 -3.23 -32.77
CA GLU A 538 1.39 -3.62 -32.80
C GLU A 538 0.68 -3.64 -31.45
N GLY A 539 1.45 -3.72 -30.36
CA GLY A 539 0.91 -3.93 -29.00
C GLY A 539 0.68 -5.41 -28.70
N ASN A 540 0.40 -5.74 -27.46
CA ASN A 540 0.29 -7.18 -27.11
C ASN A 540 -0.96 -7.86 -27.68
N ARG A 541 -1.98 -7.08 -27.99
CA ARG A 541 -3.31 -7.54 -28.62
C ARG A 541 -3.57 -6.76 -29.90
N PRO A 542 -2.85 -7.13 -30.95
CA PRO A 542 -2.83 -6.29 -32.16
C PRO A 542 -4.19 -5.97 -32.75
N GLY A 543 -5.09 -6.98 -32.69
CA GLY A 543 -6.49 -6.76 -33.19
C GLY A 543 -7.31 -5.78 -32.45
N ASP A 544 -6.91 -5.38 -31.24
CA ASP A 544 -7.67 -4.41 -30.49
C ASP A 544 -7.19 -2.98 -30.73
N ASN A 545 -6.08 -2.82 -31.42
CA ASN A 545 -5.48 -1.49 -31.53
C ASN A 545 -5.54 -0.99 -32.97
N TRP A 546 -5.65 0.31 -33.10
CA TRP A 546 -5.48 1.00 -34.41
C TRP A 546 -4.01 0.95 -34.81
N GLN A 547 -3.76 0.53 -36.04
CA GLN A 547 -2.42 0.40 -36.55
C GLN A 547 -2.05 1.37 -37.61
N PHE A 548 -0.76 1.39 -37.96
CA PHE A 548 -0.20 2.40 -38.92
C PHE A 548 -0.90 2.42 -40.31
N ASP A 549 -1.57 1.30 -40.65
CA ASP A 549 -2.23 1.14 -41.94
C ASP A 549 -3.74 1.05 -41.79
N GLY A 550 -4.29 1.61 -40.69
CA GLY A 550 -5.72 1.38 -40.39
C GLY A 550 -6.65 2.02 -41.42
N ASP A 551 -6.21 3.10 -42.05
CA ASP A 551 -7.02 3.81 -43.10
C ASP A 551 -6.12 4.80 -43.82
N ALA A 552 -6.66 5.45 -44.83
CA ALA A 552 -5.84 6.35 -45.65
C ALA A 552 -5.36 7.55 -44.87
N GLU A 553 -6.20 8.07 -43.99
CA GLU A 553 -5.81 9.23 -43.20
C GLU A 553 -4.60 8.88 -42.30
N THR A 554 -4.62 7.70 -41.72
CA THR A 554 -3.50 7.25 -40.88
C THR A 554 -2.25 7.13 -41.69
N ILE A 555 -2.33 6.47 -42.86
CA ILE A 555 -1.17 6.27 -43.70
C ILE A 555 -0.60 7.63 -44.18
N ALA A 556 -1.48 8.55 -44.62
CA ALA A 556 -0.98 9.85 -45.08
C ALA A 556 -0.31 10.63 -43.91
N HIS A 557 -0.87 10.42 -42.70
CA HIS A 557 -0.28 11.02 -41.50
C HIS A 557 1.13 10.53 -41.26
N PHE A 558 1.36 9.22 -41.29
CA PHE A 558 2.71 8.66 -41.29
C PHE A 558 3.59 9.21 -42.45
N ALA A 559 3.00 9.35 -43.65
CA ALA A 559 3.77 9.93 -44.79
C ALA A 559 4.27 11.37 -44.40
N ARG A 560 3.39 12.19 -43.86
CA ARG A 560 3.74 13.58 -43.48
C ARG A 560 4.79 13.62 -42.40
N MET A 561 4.60 12.83 -41.33
CA MET A 561 5.53 12.95 -40.18
C MET A 561 6.80 12.24 -40.37
N THR A 562 6.82 11.15 -41.17
CA THR A 562 8.10 10.59 -41.55
C THR A 562 8.88 11.52 -42.50
N THR A 563 8.17 12.31 -43.29
CA THR A 563 8.88 13.31 -44.10
C THR A 563 9.44 14.40 -43.21
N VAL A 564 8.69 14.81 -42.21
CA VAL A 564 9.22 15.75 -41.17
C VAL A 564 10.51 15.15 -40.64
N PHE A 565 10.43 13.91 -40.15
CA PHE A 565 11.53 13.32 -39.43
C PHE A 565 12.77 13.24 -40.34
N THR A 566 12.58 12.78 -41.55
CA THR A 566 13.71 12.59 -42.48
C THR A 566 14.32 13.96 -42.91
N THR A 567 13.50 14.99 -42.95
CA THR A 567 14.00 16.33 -43.25
C THR A 567 15.01 16.81 -42.17
N LEU A 568 14.75 16.43 -40.90
CA LEU A 568 15.67 16.74 -39.83
C LEU A 568 16.95 15.95 -39.78
N LYS A 569 17.13 14.94 -40.63
CA LYS A 569 18.29 14.07 -40.60
C LYS A 569 19.64 14.74 -40.26
N PRO A 570 20.01 15.80 -41.00
CA PRO A 570 21.37 16.29 -40.75
C PRO A 570 21.50 16.95 -39.39
N TYR A 571 20.41 17.53 -38.91
CA TYR A 571 20.37 18.17 -37.62
C TYR A 571 20.46 17.12 -36.48
N LEU A 572 19.64 16.07 -36.62
CA LEU A 572 19.72 14.93 -35.67
C LEU A 572 21.11 14.21 -35.65
N LYS A 573 21.73 14.08 -36.80
CA LYS A 573 22.96 13.39 -36.96
C LYS A 573 24.03 14.21 -36.26
N GLU A 574 24.02 15.53 -36.40
CA GLU A 574 24.89 16.38 -35.63
C GLU A 574 24.70 16.22 -34.09
N ALA A 575 23.44 16.23 -33.65
CA ALA A 575 23.13 16.00 -32.23
C ALA A 575 23.63 14.65 -31.74
N VAL A 576 23.38 13.60 -32.52
CA VAL A 576 23.86 12.25 -32.15
C VAL A 576 25.41 12.17 -32.06
N ALA A 577 26.10 12.91 -32.94
CA ALA A 577 27.57 12.96 -32.90
C ALA A 577 28.07 13.65 -31.61
N LEU A 578 27.42 14.73 -31.19
CA LEU A 578 27.70 15.38 -29.88
C LEU A 578 27.45 14.49 -28.66
N ASN A 579 26.37 13.71 -28.74
CA ASN A 579 26.15 12.72 -27.73
C ASN A 579 27.27 11.71 -27.59
N ALA A 580 27.71 11.18 -28.74
CA ALA A 580 28.81 10.17 -28.76
C ALA A 580 30.18 10.79 -28.27
N LYS A 581 30.36 12.07 -28.54
CA LYS A 581 31.63 12.73 -28.31
C LYS A 581 31.72 13.21 -26.89
N SER A 582 30.65 13.76 -26.34
CA SER A 582 30.74 14.36 -25.04
C SER A 582 29.57 14.15 -24.09
N GLY A 583 28.65 13.22 -24.41
CA GLY A 583 27.49 12.93 -23.52
C GLY A 583 26.44 13.99 -23.48
N LEU A 584 26.44 14.89 -24.44
CA LEU A 584 25.44 15.92 -24.51
C LEU A 584 24.18 15.22 -25.16
N PRO A 585 23.17 14.96 -24.33
CA PRO A 585 22.06 14.09 -24.88
C PRO A 585 21.19 14.74 -25.99
N VAL A 586 20.55 13.88 -26.78
CA VAL A 586 19.76 14.35 -27.93
C VAL A 586 18.49 15.03 -27.50
N MET A 587 17.77 14.46 -26.50
CA MET A 587 16.65 15.14 -25.96
C MET A 587 17.09 15.68 -24.61
N ARG A 588 16.95 17.01 -24.47
CA ARG A 588 17.56 17.73 -23.38
C ARG A 588 16.58 18.44 -22.46
N PRO A 589 16.87 18.44 -21.15
CA PRO A 589 16.16 19.25 -20.19
C PRO A 589 16.40 20.74 -20.57
N LEU A 590 15.40 21.58 -20.48
CA LEU A 590 15.57 23.02 -20.92
C LEU A 590 16.70 23.73 -20.11
N PHE A 591 16.94 23.29 -18.88
CA PHE A 591 17.94 23.94 -18.01
C PHE A 591 19.34 23.64 -18.46
N LEU A 592 19.58 22.69 -19.39
CA LEU A 592 20.90 22.55 -19.95
C LEU A 592 21.33 23.83 -20.73
N HIS A 593 20.36 24.52 -21.30
CA HIS A 593 20.64 25.72 -22.12
C HIS A 593 20.09 26.99 -21.58
N TYR A 594 19.22 26.96 -20.57
CA TYR A 594 18.52 28.12 -19.97
C TYR A 594 18.74 28.00 -18.46
N GLU A 595 20.01 27.90 -18.04
CA GLU A 595 20.35 27.62 -16.64
C GLU A 595 19.85 28.60 -15.65
N ASP A 596 19.71 29.88 -16.08
CA ASP A 596 19.32 30.95 -15.19
C ASP A 596 17.82 31.04 -15.06
N ASP A 597 17.04 30.22 -15.81
CA ASP A 597 15.58 30.29 -15.75
C ASP A 597 15.05 29.28 -14.73
N ALA A 598 14.58 29.80 -13.60
CA ALA A 598 14.11 28.94 -12.47
C ALA A 598 12.95 27.99 -12.83
N HIS A 599 12.09 28.42 -13.77
CA HIS A 599 10.93 27.68 -14.12
C HIS A 599 11.31 26.38 -14.86
N THR A 600 12.39 26.41 -15.56
CA THR A 600 12.76 25.25 -16.45
C THR A 600 13.11 23.99 -15.60
N TYR A 601 13.36 24.18 -14.29
CA TYR A 601 13.82 23.08 -13.43
C TYR A 601 12.68 22.20 -13.03
N THR A 602 11.45 22.68 -13.16
CA THR A 602 10.33 21.93 -12.68
C THR A 602 9.48 21.35 -13.86
N LEU A 603 9.90 21.57 -15.09
CA LEU A 603 9.21 21.07 -16.25
C LEU A 603 9.47 19.54 -16.32
N LYS A 604 8.44 18.84 -16.74
CA LYS A 604 8.47 17.33 -16.91
C LYS A 604 8.13 16.86 -18.31
N TYR A 605 7.29 17.63 -19.03
CA TYR A 605 6.59 17.15 -20.28
C TYR A 605 7.01 17.96 -21.56
N GLN A 606 8.15 18.64 -21.49
CA GLN A 606 8.77 19.24 -22.63
C GLN A 606 10.25 19.20 -22.54
N TYR A 607 10.87 19.35 -23.73
CA TYR A 607 12.24 19.12 -23.94
C TYR A 607 12.77 19.89 -25.09
N LEU A 608 14.09 19.98 -25.14
CA LEU A 608 14.80 20.49 -26.32
C LEU A 608 15.33 19.28 -27.14
N LEU A 609 15.12 19.32 -28.43
CA LEU A 609 15.69 18.36 -29.40
C LEU A 609 16.90 19.05 -29.97
N GLY A 610 18.07 18.54 -29.62
CA GLY A 610 19.34 19.28 -29.83
C GLY A 610 19.22 20.64 -29.10
N ARG A 611 20.02 21.61 -29.57
CA ARG A 611 19.99 22.96 -29.01
C ARG A 611 18.80 23.85 -29.39
N ASP A 612 18.26 23.68 -30.61
CA ASP A 612 17.49 24.76 -31.26
C ASP A 612 16.01 24.46 -31.46
N ILE A 613 15.54 23.25 -31.09
CA ILE A 613 14.10 22.97 -31.23
C ILE A 613 13.52 22.69 -29.86
N LEU A 614 12.38 23.28 -29.56
CA LEU A 614 11.68 23.04 -28.34
C LEU A 614 10.43 22.25 -28.67
N VAL A 615 10.18 21.16 -27.92
CA VAL A 615 9.00 20.26 -28.21
C VAL A 615 8.15 20.09 -26.96
N ALA A 616 6.85 20.27 -27.10
CA ALA A 616 5.98 19.98 -26.00
C ALA A 616 4.85 19.12 -26.52
N PRO A 617 5.03 17.81 -26.48
CA PRO A 617 4.04 16.91 -27.07
C PRO A 617 2.66 16.96 -26.45
N VAL A 618 1.61 16.93 -27.28
CA VAL A 618 0.30 16.87 -26.78
C VAL A 618 0.12 15.47 -26.14
N HIS A 619 -0.22 15.40 -24.87
CA HIS A 619 -0.34 14.10 -24.14
C HIS A 619 -1.73 13.87 -23.55
N GLU A 620 -2.71 14.67 -23.99
CA GLU A 620 -4.11 14.54 -23.57
C GLU A 620 -5.02 14.30 -24.78
N GLU A 621 -6.10 13.55 -24.57
CA GLU A 621 -7.13 13.22 -25.52
CA GLU A 621 -7.10 13.25 -25.60
C GLU A 621 -7.98 14.47 -25.85
N GLY A 622 -8.39 14.64 -27.10
CA GLY A 622 -9.42 15.62 -27.46
C GLY A 622 -8.93 17.04 -27.43
N ARG A 623 -7.66 17.30 -27.57
CA ARG A 623 -7.18 18.68 -27.55
C ARG A 623 -7.17 19.29 -28.93
N SER A 624 -7.50 20.58 -29.01
CA SER A 624 -7.33 21.36 -30.23
C SER A 624 -6.21 22.42 -30.07
N ASP A 625 -5.77 22.60 -28.84
CA ASP A 625 -4.64 23.51 -28.56
C ASP A 625 -3.77 22.90 -27.40
N TRP A 626 -2.74 23.62 -26.98
CA TRP A 626 -1.78 23.14 -26.02
C TRP A 626 -1.00 24.33 -25.42
N THR A 627 -0.70 24.21 -24.15
CA THR A 627 -0.05 25.27 -23.30
C THR A 627 1.25 24.70 -22.84
N LEU A 628 2.33 25.47 -22.97
CA LEU A 628 3.66 25.06 -22.67
C LEU A 628 4.41 26.32 -22.29
N TYR A 629 5.69 26.13 -21.98
CA TYR A 629 6.55 27.18 -21.50
C TYR A 629 7.66 27.45 -22.47
N LEU A 630 7.87 28.72 -22.86
CA LEU A 630 9.06 29.07 -23.59
C LEU A 630 10.03 29.89 -22.73
N PRO A 631 11.29 29.44 -22.63
CA PRO A 631 12.25 30.25 -21.93
C PRO A 631 12.58 31.50 -22.87
N GLU A 632 13.29 32.47 -22.32
CA GLU A 632 13.54 33.72 -23.05
C GLU A 632 14.46 33.52 -24.22
N ASP A 633 13.89 33.65 -25.43
CA ASP A 633 14.63 33.46 -26.64
C ASP A 633 13.68 33.93 -27.70
N ASN A 634 14.21 34.00 -28.90
CA ASN A 634 13.36 34.30 -30.08
C ASN A 634 12.93 32.97 -30.74
N TRP A 635 11.69 32.62 -30.51
CA TRP A 635 11.11 31.32 -30.91
C TRP A 635 10.26 31.52 -32.13
N VAL A 636 10.29 30.54 -33.02
CA VAL A 636 9.41 30.50 -34.19
C VAL A 636 8.63 29.20 -34.20
N HIS A 637 7.32 29.30 -34.18
CA HIS A 637 6.44 28.14 -34.29
C HIS A 637 6.67 27.43 -35.63
N ALA A 638 6.99 26.13 -35.60
CA ALA A 638 7.40 25.40 -36.80
C ALA A 638 6.36 25.43 -37.93
N TRP A 639 5.08 25.44 -37.61
CA TRP A 639 4.06 25.16 -38.63
C TRP A 639 3.50 26.46 -39.23
N THR A 640 3.58 27.55 -38.48
CA THR A 640 3.02 28.88 -38.92
C THR A 640 4.06 29.96 -39.15
N GLY A 641 5.26 29.79 -38.61
CA GLY A 641 6.22 30.85 -38.52
C GLY A 641 5.92 32.01 -37.60
N GLU A 642 4.92 31.90 -36.75
CA GLU A 642 4.64 32.90 -35.72
C GLU A 642 5.82 32.99 -34.72
N ALA A 643 6.21 34.21 -34.39
CA ALA A 643 7.30 34.50 -33.49
C ALA A 643 6.75 34.75 -32.06
N PHE A 644 7.48 34.19 -31.10
CA PHE A 644 7.11 34.24 -29.71
C PHE A 644 8.38 34.56 -28.93
N ARG A 645 8.19 35.17 -27.77
CA ARG A 645 9.25 35.44 -26.80
C ARG A 645 9.06 34.53 -25.57
N GLY A 646 9.85 34.75 -24.53
CA GLY A 646 9.67 33.95 -23.27
C GLY A 646 8.33 34.11 -22.60
N GLY A 647 7.84 33.02 -22.01
CA GLY A 647 6.68 33.02 -21.16
C GLY A 647 5.85 31.76 -21.45
N GLU A 648 4.76 31.61 -20.73
CA GLU A 648 3.78 30.60 -21.03
C GLU A 648 3.14 30.94 -22.37
N VAL A 649 2.81 29.92 -23.19
CA VAL A 649 2.14 30.16 -24.47
C VAL A 649 1.12 29.10 -24.72
N THR A 650 0.01 29.49 -25.32
CA THR A 650 -0.99 28.50 -25.77
C THR A 650 -1.02 28.58 -27.27
N VAL A 651 -0.92 27.47 -27.97
CA VAL A 651 -0.98 27.46 -29.45
C VAL A 651 -1.95 26.44 -29.95
N ASN A 652 -2.52 26.71 -31.15
CA ASN A 652 -3.30 25.69 -31.81
C ASN A 652 -2.42 24.48 -32.12
N ALA A 653 -3.00 23.31 -31.91
CA ALA A 653 -2.24 22.09 -31.99
C ALA A 653 -3.08 20.96 -32.61
N PRO A 654 -3.50 21.14 -33.86
CA PRO A 654 -4.18 19.97 -34.45
C PRO A 654 -3.17 18.84 -34.68
N ILE A 655 -3.70 17.61 -34.89
CA ILE A 655 -2.85 16.46 -35.22
C ILE A 655 -2.05 16.78 -36.47
N GLY A 656 -0.78 16.49 -36.46
CA GLY A 656 0.15 16.78 -37.56
C GLY A 656 0.90 18.15 -37.43
N LYS A 657 0.43 19.00 -36.51
CA LYS A 657 1.10 20.30 -36.18
C LYS A 657 1.38 20.36 -34.68
N PRO A 658 2.31 19.50 -34.22
CA PRO A 658 2.59 19.38 -32.78
C PRO A 658 3.24 20.69 -32.28
N PRO A 659 3.23 20.90 -30.97
CA PRO A 659 3.78 22.20 -30.47
C PRO A 659 5.28 22.17 -30.46
N VAL A 660 5.87 22.67 -31.57
CA VAL A 660 7.26 22.60 -31.85
C VAL A 660 7.69 24.02 -32.23
N PHE A 661 8.75 24.51 -31.60
CA PHE A 661 9.26 25.83 -31.89
C PHE A 661 10.73 25.74 -32.12
N TYR A 662 11.28 26.59 -32.96
CA TYR A 662 12.69 26.66 -33.14
C TYR A 662 13.28 28.08 -32.97
N ARG A 663 14.57 28.09 -32.69
CA ARG A 663 15.30 29.35 -32.38
C ARG A 663 15.55 30.07 -33.77
N ALA A 664 14.97 31.26 -33.92
CA ALA A 664 15.19 32.16 -35.10
C ALA A 664 16.63 32.29 -35.43
N ASP A 665 17.51 32.26 -34.43
CA ASP A 665 18.97 32.45 -34.64
C ASP A 665 19.72 31.20 -34.88
N SER A 666 19.04 30.04 -34.93
CA SER A 666 19.77 28.83 -35.21
C SER A 666 20.42 28.91 -36.57
N GLU A 667 21.58 28.33 -36.69
CA GLU A 667 22.22 28.18 -37.98
C GLU A 667 21.49 27.23 -38.87
N TRP A 668 20.58 26.42 -38.32
CA TRP A 668 19.68 25.52 -39.06
C TRP A 668 18.30 26.10 -39.40
N ALA A 669 18.11 27.41 -39.20
CA ALA A 669 16.79 28.01 -39.38
C ALA A 669 16.21 27.82 -40.76
N ALA A 670 17.01 27.84 -41.81
CA ALA A 670 16.46 27.62 -43.14
C ALA A 670 15.90 26.16 -43.24
N LEU A 671 16.59 25.17 -42.70
CA LEU A 671 16.06 23.76 -42.71
C LEU A 671 14.70 23.77 -41.96
N PHE A 672 14.63 24.40 -40.81
CA PHE A 672 13.41 24.37 -40.00
C PHE A 672 12.28 25.15 -40.64
N ALA A 673 12.59 26.23 -41.33
CA ALA A 673 11.54 26.95 -42.01
C ALA A 673 10.88 26.11 -43.17
N SER A 674 11.58 25.19 -43.70
CA SER A 674 11.10 24.33 -44.77
C SER A 674 10.07 23.27 -44.30
N LEU A 675 9.96 23.02 -43.00
CA LEU A 675 9.06 21.99 -42.41
C LEU A 675 7.58 22.19 -42.71
N LYS A 676 7.13 23.40 -42.56
CA LYS A 676 5.78 23.73 -42.78
C LYS A 676 5.24 23.56 -44.24
N SER A 677 6.09 23.57 -45.25
CA SER A 677 5.57 23.35 -46.59
C SER A 677 5.72 21.89 -47.03
N ILE A 678 6.09 20.98 -46.13
CA ILE A 678 6.15 19.55 -46.48
C ILE A 678 4.78 19.09 -46.89
N LEU B 8 5.29 -22.12 39.70
CA LEU B 8 4.35 -21.04 39.24
C LEU B 8 5.08 -20.07 38.32
N LEU B 9 6.13 -19.47 38.85
CA LEU B 9 6.89 -18.44 38.17
C LEU B 9 8.30 -18.93 38.13
N ASP B 10 8.66 -19.54 37.02
CA ASP B 10 9.90 -20.25 36.90
C ASP B 10 10.91 -19.51 36.01
N PHE B 11 11.91 -18.91 36.65
CA PHE B 11 12.86 -18.03 35.98
C PHE B 11 14.30 -18.50 36.15
N GLN B 12 14.91 -19.01 35.08
CA GLN B 12 16.32 -19.41 35.10
C GLN B 12 17.25 -18.43 34.40
N PHE B 13 18.16 -17.82 35.16
CA PHE B 13 19.20 -16.96 34.57
C PHE B 13 20.49 -17.73 34.45
N HIS B 14 21.27 -17.39 33.40
CA HIS B 14 22.65 -17.88 33.19
C HIS B 14 23.55 -16.68 33.00
N GLN B 15 24.11 -16.16 34.11
CA GLN B 15 24.97 -14.91 34.16
C GLN B 15 26.27 -14.91 33.32
N ASN B 16 26.91 -16.09 33.28
CA ASN B 16 27.99 -16.46 32.32
C ASN B 16 27.92 -15.83 30.90
N ASN B 17 26.72 -15.86 30.30
CA ASN B 17 26.51 -15.38 28.93
C ASN B 17 25.23 -14.55 28.75
N ASP B 18 24.73 -13.96 29.83
CA ASP B 18 23.60 -13.04 29.79
C ASP B 18 22.34 -13.65 29.12
N SER B 19 22.09 -14.95 29.30
CA SER B 19 20.89 -15.63 28.76
C SER B 19 19.88 -16.05 29.85
N PHE B 20 18.60 -16.15 29.47
CA PHE B 20 17.55 -16.60 30.40
C PHE B 20 16.28 -17.12 29.73
N THR B 21 15.50 -17.89 30.50
CA THR B 21 14.12 -18.27 30.16
C THR B 21 13.17 -17.90 31.30
N LEU B 22 11.92 -17.66 30.95
CA LEU B 22 10.85 -17.47 31.90
C LEU B 22 9.68 -18.35 31.57
N HIS B 23 9.38 -19.33 32.42
CA HIS B 23 8.10 -20.02 32.39
C HIS B 23 7.07 -19.46 33.40
N PHE B 24 5.80 -19.58 33.07
CA PHE B 24 4.75 -19.13 33.95
C PHE B 24 3.73 -20.21 33.82
N GLN B 25 3.53 -20.98 34.90
CA GLN B 25 2.63 -22.14 34.90
C GLN B 25 2.93 -23.07 33.77
N GLN B 26 4.21 -23.33 33.58
CA GLN B 26 4.69 -24.21 32.55
C GLN B 26 4.68 -23.57 31.17
N ARG B 27 4.08 -22.38 30.95
CA ARG B 27 4.14 -21.77 29.61
C ARG B 27 5.52 -21.08 29.40
N LEU B 28 6.19 -21.31 28.26
CA LEU B 28 7.41 -20.55 27.98
C LEU B 28 6.96 -19.14 27.52
N ILE B 29 7.27 -18.11 28.31
CA ILE B 29 6.92 -16.73 27.99
C ILE B 29 8.08 -15.95 27.34
N LEU B 30 9.27 -15.96 27.97
CA LEU B 30 10.48 -15.30 27.43
C LEU B 30 11.67 -16.28 27.27
N THR B 31 12.43 -16.13 26.20
CA THR B 31 13.77 -16.72 26.04
C THR B 31 14.60 -15.54 25.61
N HIS B 32 15.81 -15.44 26.13
CA HIS B 32 16.72 -14.39 25.73
C HIS B 32 18.11 -14.95 25.75
N SER B 33 18.91 -14.61 24.74
CA SER B 33 20.39 -14.86 24.75
C SER B 33 21.04 -13.79 23.88
N LYS B 34 22.37 -13.74 23.84
CA LYS B 34 23.08 -12.76 22.98
C LYS B 34 22.74 -12.92 21.52
N ASP B 35 22.61 -14.16 21.07
CA ASP B 35 22.34 -14.44 19.67
C ASP B 35 20.88 -14.27 19.32
N ASN B 36 20.00 -14.42 20.31
CA ASN B 36 18.55 -14.30 20.14
C ASN B 36 17.90 -13.46 21.25
N PRO B 37 18.08 -12.14 21.23
CA PRO B 37 17.48 -11.31 22.27
C PRO B 37 15.96 -11.34 22.20
N CYS B 38 15.31 -10.94 23.29
CA CYS B 38 13.86 -10.78 23.37
C CYS B 38 13.51 -9.30 23.34
N LEU B 39 14.49 -8.39 23.38
CA LEU B 39 14.23 -6.95 23.59
C LEU B 39 15.13 -6.04 22.76
N TRP B 40 14.48 -5.13 22.03
CA TRP B 40 15.11 -4.04 21.32
C TRP B 40 14.44 -2.75 21.82
N ILE B 41 15.22 -1.68 21.88
CA ILE B 41 14.68 -0.38 22.12
C ILE B 41 15.26 0.58 21.12
N GLY B 42 14.68 1.75 21.03
CA GLY B 42 15.09 2.74 20.03
C GLY B 42 14.23 3.96 20.09
N SER B 43 14.09 4.64 18.96
CA SER B 43 13.31 5.85 18.87
C SER B 43 12.81 6.09 17.47
N GLY B 44 11.65 6.76 17.38
CA GLY B 44 11.06 7.19 16.10
C GLY B 44 10.33 8.51 16.25
N ILE B 45 9.99 9.12 15.13
CA ILE B 45 9.11 10.26 15.13
C ILE B 45 7.87 9.83 14.36
N ALA B 46 6.75 9.76 15.06
CA ALA B 46 5.40 9.47 14.52
C ALA B 46 4.99 10.56 13.53
N ASP B 47 4.62 10.16 12.35
CA ASP B 47 4.06 11.09 11.40
C ASP B 47 2.57 10.63 11.21
N ILE B 48 1.67 11.29 11.95
CA ILE B 48 0.26 10.91 12.12
C ILE B 48 -0.73 12.01 11.71
N ASP B 49 -1.53 11.73 10.67
CA ASP B 49 -2.40 12.71 9.98
C ASP B 49 -3.84 12.15 9.91
N MET B 50 -4.83 12.92 10.37
CA MET B 50 -6.23 12.53 10.35
C MET B 50 -7.01 13.32 9.28
N PHE B 51 -7.84 12.63 8.51
CA PHE B 51 -8.95 13.35 7.89
C PHE B 51 -10.21 12.55 8.01
N ARG B 52 -11.20 13.19 8.62
CA ARG B 52 -12.52 12.62 8.91
C ARG B 52 -12.45 11.21 9.50
N GLY B 53 -11.56 11.04 10.48
CA GLY B 53 -11.33 9.79 11.24
C GLY B 53 -10.42 8.75 10.56
N ASN B 54 -10.02 9.01 9.31
CA ASN B 54 -9.14 8.12 8.62
C ASN B 54 -7.76 8.64 8.97
N PHE B 55 -6.94 7.73 9.52
CA PHE B 55 -5.54 8.10 9.88
C PHE B 55 -4.54 7.50 8.93
N SER B 56 -3.57 8.33 8.59
CA SER B 56 -2.38 7.91 7.93
C SER B 56 -1.31 7.94 8.99
N ILE B 57 -0.76 6.77 9.31
CA ILE B 57 0.27 6.70 10.37
C ILE B 57 1.59 6.22 9.77
N LYS B 58 2.63 7.03 9.82
CA LYS B 58 3.96 6.51 9.45
C LYS B 58 4.93 6.73 10.59
N ASP B 59 5.93 5.85 10.67
CA ASP B 59 7.07 6.08 11.54
C ASP B 59 8.27 6.55 10.76
N LYS B 60 8.91 7.62 11.20
CA LYS B 60 10.30 7.85 10.80
C LYS B 60 11.19 7.13 11.85
N LEU B 61 11.56 5.91 11.56
CA LEU B 61 12.38 5.16 12.50
C LEU B 61 13.79 5.76 12.56
N GLN B 62 14.24 6.08 13.77
CA GLN B 62 15.61 6.62 13.97
C GLN B 62 16.60 5.52 14.38
N GLU B 63 16.20 4.71 15.39
CA GLU B 63 17.06 3.61 15.84
C GLU B 63 16.26 2.44 16.30
N LYS B 64 16.82 1.26 16.10
CA LYS B 64 16.31 0.02 16.62
C LYS B 64 17.51 -0.82 17.06
N ILE B 65 17.67 -1.06 18.37
CA ILE B 65 18.94 -1.62 18.89
C ILE B 65 18.67 -2.83 19.75
N ALA B 66 19.29 -3.97 19.45
CA ALA B 66 19.07 -5.15 20.28
C ALA B 66 19.81 -5.00 21.63
N LEU B 67 19.14 -5.28 22.75
CA LEU B 67 19.80 -5.15 24.11
C LEU B 67 20.31 -6.55 24.42
N THR B 68 21.57 -6.79 24.01
CA THR B 68 22.15 -8.11 24.08
C THR B 68 22.89 -8.34 25.43
N ASP B 69 23.16 -7.28 26.19
CA ASP B 69 23.68 -7.47 27.59
C ASP B 69 22.54 -7.47 28.60
N ALA B 70 22.56 -8.45 29.50
CA ALA B 70 21.59 -8.54 30.59
C ALA B 70 22.31 -8.94 31.96
N ILE B 71 21.97 -8.25 33.04
CA ILE B 71 22.40 -8.61 34.42
C ILE B 71 21.15 -8.80 35.28
N VAL B 72 21.01 -9.96 35.93
CA VAL B 72 19.93 -10.18 36.89
C VAL B 72 20.27 -9.77 38.28
N SER B 73 19.27 -9.28 39.00
CA SER B 73 19.31 -9.22 40.44
C SER B 73 17.95 -9.71 41.00
N GLN B 74 17.95 -10.10 42.27
CA GLN B 74 16.73 -10.32 43.02
C GLN B 74 16.23 -8.93 43.38
N SER B 75 14.93 -8.70 43.21
CA SER B 75 14.27 -7.52 43.82
C SER B 75 13.43 -8.05 45.01
N PRO B 76 12.91 -7.13 45.88
CA PRO B 76 12.09 -7.63 47.00
C PRO B 76 10.97 -8.62 46.54
N ASP B 77 10.19 -8.23 45.55
CA ASP B 77 9.05 -9.06 45.04
C ASP B 77 9.31 -10.05 43.85
N GLY B 78 10.56 -10.24 43.43
CA GLY B 78 10.92 -11.14 42.28
C GLY B 78 12.01 -10.50 41.44
N TRP B 79 12.22 -10.93 40.20
CA TRP B 79 13.46 -10.61 39.47
C TRP B 79 13.57 -9.25 38.73
N LEU B 80 14.76 -8.66 38.71
CA LEU B 80 14.99 -7.40 38.00
C LEU B 80 16.11 -7.60 37.01
N ILE B 81 15.86 -7.35 35.72
CA ILE B 81 16.91 -7.45 34.66
C ILE B 81 17.35 -6.06 34.14
N HIS B 82 18.66 -5.82 34.17
CA HIS B 82 19.25 -4.61 33.65
C HIS B 82 19.73 -4.98 32.23
N PHE B 83 19.01 -4.50 31.22
CA PHE B 83 19.37 -4.78 29.79
C PHE B 83 20.18 -3.59 29.27
N SER B 84 21.18 -3.83 28.47
CA SER B 84 21.93 -2.71 27.93
C SER B 84 22.67 -3.07 26.63
N ARG B 85 23.11 -2.02 25.95
CA ARG B 85 23.99 -2.13 24.77
C ARG B 85 24.87 -0.88 24.80
N GLY B 86 26.03 -0.97 25.43
CA GLY B 86 26.88 0.24 25.67
C GLY B 86 26.28 0.99 26.84
N SER B 87 26.74 2.20 27.10
CA SER B 87 26.33 2.91 28.32
C SER B 87 25.38 4.07 28.06
N ASP B 88 25.03 4.38 26.80
CA ASP B 88 23.95 5.36 26.51
C ASP B 88 22.62 4.66 26.09
N ILE B 89 22.59 3.31 26.22
CA ILE B 89 21.43 2.51 25.77
C ILE B 89 21.09 1.39 26.74
N SER B 90 19.99 1.55 27.48
CA SER B 90 19.64 0.54 28.46
C SER B 90 18.16 0.60 28.80
N ALA B 91 17.70 -0.49 29.43
CA ALA B 91 16.33 -0.58 29.92
C ALA B 91 16.29 -1.60 31.06
N THR B 92 15.32 -1.45 31.96
CA THR B 92 15.11 -2.48 32.97
C THR B 92 13.82 -3.25 32.77
N LEU B 93 13.85 -4.55 33.03
CA LEU B 93 12.65 -5.36 33.11
C LEU B 93 12.44 -5.89 34.56
N ASN B 94 11.34 -5.52 35.22
CA ASN B 94 10.96 -6.19 36.47
C ASN B 94 9.98 -7.32 36.26
N ILE B 95 10.31 -8.49 36.79
CA ILE B 95 9.43 -9.64 36.72
C ILE B 95 8.89 -9.93 38.14
N SER B 96 7.58 -9.94 38.28
CA SER B 96 6.94 -10.27 39.58
C SER B 96 5.58 -10.91 39.34
N ALA B 97 4.96 -11.36 40.42
CA ALA B 97 3.54 -11.69 40.42
C ALA B 97 2.79 -10.53 41.07
N ASP B 98 1.62 -10.17 40.55
CA ASP B 98 0.76 -9.18 41.24
C ASP B 98 -0.13 -9.84 42.34
N ASP B 99 -0.92 -9.00 43.03
CA ASP B 99 -1.78 -9.45 44.18
C ASP B 99 -2.63 -10.70 43.85
N GLN B 100 -3.15 -10.79 42.62
CA GLN B 100 -4.01 -11.91 42.22
C GLN B 100 -3.24 -13.14 41.71
N GLY B 101 -1.89 -13.09 41.66
CA GLY B 101 -1.08 -14.21 41.08
C GLY B 101 -0.70 -14.10 39.58
N ARG B 102 -0.95 -12.92 38.99
CA ARG B 102 -0.69 -12.71 37.55
C ARG B 102 0.75 -12.39 37.34
N LEU B 103 1.35 -12.97 36.31
CA LEU B 103 2.66 -12.53 35.86
C LEU B 103 2.60 -11.02 35.48
N LEU B 104 3.57 -10.27 36.00
CA LEU B 104 3.69 -8.85 35.77
C LEU B 104 5.07 -8.56 35.23
N LEU B 105 5.11 -7.91 34.04
CA LEU B 105 6.34 -7.50 33.40
C LEU B 105 6.32 -6.00 33.30
N GLU B 106 7.33 -5.37 33.86
CA GLU B 106 7.41 -3.90 33.85
C GLU B 106 8.71 -3.52 33.19
N LEU B 107 8.58 -2.93 32.00
CA LEU B 107 9.71 -2.51 31.19
C LEU B 107 9.86 -1.04 31.33
N GLN B 108 11.08 -0.57 31.58
CA GLN B 108 11.30 0.87 31.61
C GLN B 108 12.64 1.24 30.94
N ASN B 109 12.59 2.02 29.87
CA ASN B 109 13.78 2.40 29.16
C ASN B 109 14.51 3.45 29.97
N ASP B 110 15.81 3.55 29.72
CA ASP B 110 16.64 4.62 30.29
C ASP B 110 16.02 5.99 30.31
N ASN B 111 15.55 6.47 29.18
CA ASN B 111 15.03 7.83 29.13
C ASN B 111 13.90 7.98 28.16
N LEU B 112 13.24 9.14 28.25
CA LEU B 112 12.04 9.38 27.45
C LEU B 112 12.37 9.39 25.98
N ASN B 113 13.61 9.72 25.61
CA ASN B 113 13.97 9.82 24.20
C ASN B 113 13.96 8.49 23.49
N HIS B 114 14.16 7.39 24.25
CA HIS B 114 13.98 6.07 23.69
C HIS B 114 12.50 5.70 23.72
N ASN B 115 11.78 6.13 22.68
CA ASN B 115 10.33 6.00 22.69
C ASN B 115 9.85 4.83 21.79
N ARG B 116 10.71 3.85 21.61
CA ARG B 116 10.37 2.61 20.94
C ARG B 116 10.82 1.40 21.73
N ILE B 117 9.95 0.40 21.76
CA ILE B 117 10.19 -0.90 22.37
C ILE B 117 9.72 -1.98 21.41
N TRP B 118 10.50 -3.03 21.25
CA TRP B 118 10.08 -4.28 20.61
C TRP B 118 10.40 -5.42 21.56
N LEU B 119 9.38 -6.17 21.91
CA LEU B 119 9.48 -7.31 22.89
C LEU B 119 8.95 -8.58 22.23
N ARG B 120 9.76 -9.64 22.23
CA ARG B 120 9.36 -10.93 21.69
C ARG B 120 8.94 -11.87 22.81
N LEU B 121 7.79 -12.50 22.62
CA LEU B 121 7.30 -13.55 23.49
C LEU B 121 7.47 -14.87 22.75
N ALA B 122 7.97 -15.90 23.45
CA ALA B 122 8.08 -17.22 22.86
C ALA B 122 6.73 -17.71 22.42
N ALA B 123 6.73 -18.47 21.33
CA ALA B 123 5.53 -19.17 20.91
C ALA B 123 5.85 -20.49 20.15
N GLN B 124 4.80 -21.25 19.85
CA GLN B 124 4.88 -22.48 19.08
C GLN B 124 4.15 -22.27 17.75
N PRO B 125 4.65 -22.91 16.68
CA PRO B 125 4.02 -22.78 15.37
C PRO B 125 2.50 -23.06 15.36
N GLU B 126 2.04 -24.01 16.16
CA GLU B 126 0.65 -24.44 16.12
C GLU B 126 -0.36 -23.57 16.89
N ASP B 127 0.14 -22.63 17.69
CA ASP B 127 -0.76 -21.75 18.49
C ASP B 127 -1.71 -20.87 17.59
N HIS B 128 -2.94 -20.70 18.04
CA HIS B 128 -3.86 -19.71 17.49
C HIS B 128 -3.93 -18.58 18.49
N ILE B 129 -4.31 -17.40 18.00
CA ILE B 129 -4.31 -16.20 18.80
C ILE B 129 -5.67 -15.54 18.57
N TYR B 130 -6.32 -15.10 19.66
CA TYR B 130 -7.62 -14.44 19.51
C TYR B 130 -7.66 -13.14 20.29
N GLY B 131 -8.57 -12.28 19.87
CA GLY B 131 -8.87 -11.03 20.55
C GLY B 131 -8.30 -9.80 19.85
N CYS B 132 -7.51 -9.03 20.58
CA CYS B 132 -7.10 -7.69 20.17
C CYS B 132 -8.27 -6.75 19.90
N GLY B 133 -9.35 -6.93 20.64
CA GLY B 133 -10.54 -6.08 20.49
C GLY B 133 -11.52 -6.58 19.49
N GLU B 134 -12.06 -5.66 18.69
CA GLU B 134 -13.01 -6.01 17.69
C GLU B 134 -12.32 -6.07 16.32
N GLN B 135 -12.16 -7.28 15.83
CA GLN B 135 -11.49 -7.58 14.57
C GLN B 135 -12.52 -8.09 13.57
N PHE B 136 -12.53 -7.49 12.39
CA PHE B 136 -13.54 -7.74 11.39
C PHE B 136 -13.13 -8.65 10.23
N SER B 137 -11.82 -8.73 9.95
CA SER B 137 -11.32 -9.57 8.81
C SER B 137 -10.80 -10.91 9.31
N TYR B 138 -10.28 -10.95 10.52
CA TYR B 138 -9.72 -12.16 11.07
C TYR B 138 -10.28 -12.40 12.46
N PHE B 139 -10.55 -13.66 12.79
CA PHE B 139 -10.82 -14.02 14.19
C PHE B 139 -9.51 -14.58 14.75
N ASP B 140 -9.13 -15.81 14.37
CA ASP B 140 -7.73 -16.23 14.55
C ASP B 140 -6.79 -15.21 13.89
N LEU B 141 -5.87 -14.65 14.69
CA LEU B 141 -4.95 -13.61 14.24
C LEU B 141 -3.62 -14.18 13.81
N ARG B 142 -3.36 -15.46 14.09
CA ARG B 142 -2.03 -16.02 13.81
C ARG B 142 -1.70 -15.88 12.33
N GLY B 143 -0.48 -15.47 12.05
CA GLY B 143 -0.01 -15.26 10.68
C GLY B 143 0.04 -13.83 10.20
N LYS B 144 -0.51 -12.85 10.95
CA LYS B 144 -0.54 -11.48 10.45
C LYS B 144 -0.15 -10.54 11.59
N PRO B 145 0.27 -9.31 11.26
CA PRO B 145 0.49 -8.24 12.18
C PRO B 145 -0.73 -7.34 12.32
N PHE B 146 -0.94 -6.84 13.51
CA PHE B 146 -2.08 -5.97 13.86
C PHE B 146 -1.67 -4.68 14.54
N PRO B 147 -1.54 -3.62 13.74
CA PRO B 147 -1.55 -2.32 14.29
C PRO B 147 -2.81 -2.08 15.11
N LEU B 148 -2.61 -1.39 16.22
CA LEU B 148 -3.67 -1.13 17.22
C LEU B 148 -3.83 0.40 17.48
N TRP B 149 -4.76 1.00 16.74
CA TRP B 149 -4.96 2.44 16.69
C TRP B 149 -6.43 2.64 16.34
N THR B 150 -7.18 3.23 17.25
CA THR B 150 -8.65 3.35 16.99
C THR B 150 -8.86 4.36 15.85
N SER B 151 -9.71 4.03 14.90
CA SER B 151 -10.02 4.94 13.85
C SER B 151 -11.33 4.60 13.22
N GLU B 152 -11.67 5.31 12.14
CA GLU B 152 -12.74 4.86 11.28
C GLU B 152 -12.30 3.48 10.79
N GLN B 153 -13.31 2.68 10.52
CA GLN B 153 -13.15 1.23 10.38
C GLN B 153 -12.87 0.80 8.93
N GLY B 154 -13.12 1.73 8.01
CA GLY B 154 -12.88 1.50 6.56
C GLY B 154 -14.18 1.21 5.85
N VAL B 155 -14.25 1.59 4.57
CA VAL B 155 -15.35 1.29 3.65
C VAL B 155 -14.79 0.36 2.59
N GLY B 156 -15.07 -0.93 2.71
CA GLY B 156 -14.59 -2.01 1.88
C GLY B 156 -13.45 -2.82 2.53
N ARG B 157 -12.44 -2.11 3.02
CA ARG B 157 -11.41 -2.72 3.92
C ARG B 157 -10.52 -3.76 3.27
N ASN B 158 -10.53 -3.84 1.94
CA ASN B 158 -9.73 -4.87 1.27
C ASN B 158 -9.19 -4.21 -0.02
N LYS B 159 -7.87 -4.11 -0.16
CA LYS B 159 -7.29 -3.32 -1.25
C LYS B 159 -7.57 -3.92 -2.64
N GLN B 160 -7.90 -5.18 -2.65
CA GLN B 160 -8.36 -5.88 -3.84
C GLN B 160 -9.90 -5.86 -4.14
N THR B 161 -10.71 -5.07 -3.41
CA THR B 161 -12.14 -4.88 -3.80
C THR B 161 -12.35 -3.47 -4.28
N TYR B 162 -13.31 -3.36 -5.21
CA TYR B 162 -13.53 -2.11 -5.93
C TYR B 162 -13.98 -0.97 -5.02
N VAL B 163 -14.89 -1.27 -4.10
CA VAL B 163 -15.37 -0.24 -3.18
C VAL B 163 -14.22 0.33 -2.32
N THR B 164 -13.33 -0.51 -1.84
CA THR B 164 -12.16 -0.01 -1.08
C THR B 164 -11.33 1.02 -1.91
N TRP B 165 -11.07 0.67 -3.18
CA TRP B 165 -10.38 1.54 -4.15
C TRP B 165 -11.05 2.87 -4.33
N GLN B 166 -12.35 2.82 -4.57
CA GLN B 166 -13.15 4.04 -4.67
C GLN B 166 -13.05 4.90 -3.39
N ALA B 167 -13.22 4.24 -2.25
CA ALA B 167 -13.18 4.99 -0.99
C ALA B 167 -11.76 5.54 -0.72
N ASP B 168 -10.72 4.78 -1.07
CA ASP B 168 -9.35 5.27 -1.01
C ASP B 168 -9.07 6.50 -1.88
N CYS B 169 -9.54 6.48 -3.12
CA CYS B 169 -9.47 7.63 -4.02
C CYS B 169 -10.11 8.87 -3.50
N LYS B 170 -11.26 8.72 -2.88
CA LYS B 170 -12.01 9.85 -2.35
C LYS B 170 -11.31 10.48 -1.14
N GLU B 171 -10.84 9.71 -0.13
CA GLU B 171 -10.22 10.32 1.08
C GLU B 171 -9.49 9.34 2.02
N ASN B 172 -8.71 8.44 1.44
CA ASN B 172 -8.03 7.41 2.21
C ASN B 172 -9.02 6.67 3.15
N ALA B 173 -10.25 6.44 2.65
CA ALA B 173 -11.34 5.90 3.50
C ALA B 173 -11.59 4.38 3.35
N GLY B 174 -10.88 3.73 2.45
CA GLY B 174 -11.13 2.32 2.15
C GLY B 174 -10.67 1.45 3.34
N GLY B 175 -9.57 1.84 3.95
CA GLY B 175 -8.99 1.08 5.05
C GLY B 175 -8.43 -0.26 4.70
N ASP B 176 -8.23 -1.14 5.72
CA ASP B 176 -7.57 -2.37 5.50
C ASP B 176 -7.97 -3.37 6.60
N TYR B 177 -7.45 -4.61 6.51
CA TYR B 177 -7.88 -5.72 7.33
C TYR B 177 -7.88 -5.46 8.86
N TYR B 178 -7.04 -4.55 9.31
CA TYR B 178 -6.81 -4.35 10.76
C TYR B 178 -7.45 -3.09 11.26
N TRP B 179 -8.03 -2.30 10.32
CA TRP B 179 -8.73 -1.11 10.76
C TRP B 179 -9.97 -1.47 11.69
N THR B 180 -10.08 -0.74 12.80
CA THR B 180 -11.19 -0.95 13.74
C THR B 180 -11.44 0.28 14.65
N PHE B 181 -12.69 0.41 15.04
CA PHE B 181 -13.12 1.39 16.02
C PHE B 181 -12.69 0.97 17.43
N PHE B 182 -12.30 -0.29 17.59
CA PHE B 182 -12.08 -0.89 18.92
C PHE B 182 -10.97 -1.92 18.87
N PRO B 183 -9.74 -1.44 18.61
CA PRO B 183 -8.60 -2.29 18.86
C PRO B 183 -8.28 -2.32 20.35
N GLN B 184 -7.63 -3.36 20.82
CA GLN B 184 -7.21 -3.37 22.22
C GLN B 184 -5.97 -4.28 22.37
N PRO B 185 -4.99 -3.88 23.20
CA PRO B 185 -3.74 -4.65 23.33
C PRO B 185 -3.86 -5.80 24.35
N THR B 186 -4.76 -6.71 23.99
CA THR B 186 -5.12 -7.86 24.81
C THR B 186 -5.40 -9.03 23.88
N PHE B 187 -4.74 -10.17 24.12
CA PHE B 187 -5.02 -11.35 23.30
C PHE B 187 -5.02 -12.60 24.18
N VAL B 188 -5.60 -13.67 23.60
CA VAL B 188 -5.68 -15.04 24.18
C VAL B 188 -4.93 -15.96 23.24
N SER B 189 -4.05 -16.77 23.81
CA SER B 189 -3.32 -17.82 23.09
C SER B 189 -3.92 -19.19 23.40
N THR B 190 -3.75 -20.12 22.50
CA THR B 190 -4.24 -21.49 22.71
C THR B 190 -3.30 -22.28 23.61
N GLN B 191 -2.21 -21.65 24.04
CA GLN B 191 -1.55 -22.09 25.27
C GLN B 191 -2.36 -21.80 26.55
N LYS B 192 -3.54 -21.23 26.41
CA LYS B 192 -4.48 -20.95 27.51
C LYS B 192 -3.90 -19.95 28.52
N TYR B 193 -3.49 -18.81 27.99
CA TYR B 193 -3.20 -17.61 28.73
C TYR B 193 -3.79 -16.41 27.97
N TYR B 194 -3.95 -15.32 28.69
CA TYR B 194 -4.22 -14.01 28.08
C TYR B 194 -3.04 -13.17 28.42
N CYS B 195 -2.75 -12.22 27.54
CA CYS B 195 -1.75 -11.16 27.72
C CYS B 195 -2.52 -9.83 27.62
N HIS B 196 -2.37 -8.96 28.60
CA HIS B 196 -2.96 -7.65 28.59
C HIS B 196 -1.95 -6.62 28.85
N VAL B 197 -1.91 -5.58 28.01
CA VAL B 197 -0.91 -4.51 28.09
C VAL B 197 -1.59 -3.22 28.53
N ASP B 198 -1.07 -2.56 29.57
CA ASP B 198 -1.73 -1.35 30.09
C ASP B 198 -1.58 -0.14 29.21
N ASN B 199 -0.56 -0.08 28.35
CA ASN B 199 -0.29 1.13 27.55
C ASN B 199 -1.45 1.49 26.63
N SER B 200 -1.48 2.76 26.21
CA SER B 200 -2.45 3.19 25.18
C SER B 200 -1.81 3.93 24.01
N CYS B 201 -0.49 3.86 23.93
CA CYS B 201 0.27 4.38 22.81
C CYS B 201 -0.05 3.50 21.57
N TYR B 202 0.39 3.96 20.40
CA TYR B 202 0.40 3.11 19.23
C TYR B 202 1.20 1.82 19.57
N MET B 203 0.65 0.70 19.12
CA MET B 203 1.28 -0.57 19.19
C MET B 203 0.99 -1.34 17.94
N ASN B 204 1.83 -2.32 17.65
CA ASN B 204 1.60 -3.27 16.55
C ASN B 204 1.88 -4.63 17.13
N PHE B 205 0.84 -5.46 17.20
CA PHE B 205 0.98 -6.85 17.74
C PHE B 205 1.17 -7.80 16.53
N ASP B 206 2.40 -8.35 16.40
CA ASP B 206 2.76 -9.17 15.25
C ASP B 206 2.75 -10.68 15.51
N PHE B 207 1.71 -11.36 14.99
CA PHE B 207 1.54 -12.81 15.23
C PHE B 207 1.95 -13.68 14.00
N SER B 208 2.86 -13.16 13.18
CA SER B 208 3.34 -13.74 11.92
C SER B 208 4.39 -14.83 12.11
N ALA B 209 5.35 -14.66 13.04
CA ALA B 209 6.49 -15.59 13.08
C ALA B 209 6.08 -16.88 13.78
N PRO B 210 6.51 -18.03 13.26
CA PRO B 210 6.14 -19.27 13.96
C PRO B 210 6.62 -19.44 15.42
N GLU B 211 7.79 -18.90 15.74
CA GLU B 211 8.41 -19.16 17.05
C GLU B 211 8.22 -18.03 18.08
N TYR B 212 7.64 -16.93 17.67
CA TYR B 212 7.50 -15.81 18.60
C TYR B 212 6.37 -14.83 18.15
N HIS B 213 5.79 -14.18 19.15
CA HIS B 213 4.98 -12.99 18.97
C HIS B 213 5.85 -11.79 19.22
N GLU B 214 5.67 -10.74 18.39
CA GLU B 214 6.46 -9.51 18.58
C GLU B 214 5.51 -8.37 18.85
N LEU B 215 5.67 -7.72 19.99
CA LEU B 215 4.89 -6.61 20.40
C LEU B 215 5.72 -5.35 20.27
N ALA B 216 5.29 -4.45 19.42
CA ALA B 216 6.00 -3.17 19.23
C ALA B 216 5.19 -2.06 19.91
N LEU B 217 5.85 -1.20 20.68
CA LEU B 217 5.17 -0.09 21.33
C LEU B 217 5.90 1.19 21.03
N TRP B 218 5.11 2.24 20.86
CA TRP B 218 5.63 3.58 20.66
C TRP B 218 5.64 4.30 21.98
N GLU B 219 6.46 3.79 22.88
CA GLU B 219 6.61 4.43 24.18
C GLU B 219 7.89 3.98 24.82
N ASP B 220 8.30 4.68 25.87
CA ASP B 220 9.54 4.33 26.62
C ASP B 220 9.36 3.32 27.77
N LYS B 221 8.13 2.88 27.98
CA LYS B 221 7.82 1.94 29.07
C LYS B 221 6.69 1.04 28.64
N ALA B 222 6.62 -0.13 29.24
CA ALA B 222 5.57 -1.05 29.00
C ALA B 222 5.20 -1.87 30.24
N THR B 223 3.91 -2.05 30.42
CA THR B 223 3.39 -2.99 31.44
C THR B 223 2.53 -4.05 30.84
N LEU B 224 2.90 -5.30 31.10
CA LEU B 224 2.19 -6.45 30.61
C LEU B 224 1.83 -7.39 31.75
N ARG B 225 0.63 -7.95 31.67
CA ARG B 225 0.14 -8.95 32.62
C ARG B 225 -0.31 -10.16 31.90
N PHE B 226 -0.08 -11.31 32.54
CA PHE B 226 -0.54 -12.59 32.02
C PHE B 226 -1.27 -13.42 33.08
N GLU B 227 -2.18 -14.29 32.60
CA GLU B 227 -2.85 -15.21 33.47
C GLU B 227 -3.25 -16.42 32.67
N CYS B 228 -3.13 -17.61 33.27
CA CYS B 228 -3.49 -18.86 32.63
C CYS B 228 -4.71 -19.47 33.27
N ALA B 229 -5.28 -20.45 32.59
CA ALA B 229 -6.45 -21.18 33.08
C ALA B 229 -6.45 -22.47 32.36
N ASP B 230 -7.27 -23.39 32.88
CA ASP B 230 -7.37 -24.76 32.42
C ASP B 230 -8.34 -24.86 31.25
N THR B 231 -9.27 -23.91 31.18
CA THR B 231 -10.23 -23.84 30.08
C THR B 231 -10.47 -22.38 29.57
N TYR B 232 -11.00 -22.22 28.36
CA TYR B 232 -11.23 -20.85 27.83
C TYR B 232 -12.30 -20.11 28.63
N ILE B 233 -13.36 -20.84 28.99
CA ILE B 233 -14.40 -20.34 29.87
C ILE B 233 -13.83 -19.74 31.16
N SER B 234 -12.97 -20.50 31.80
CA SER B 234 -12.28 -20.03 33.01
C SER B 234 -11.34 -18.86 32.67
N LEU B 235 -10.60 -18.98 31.57
CA LEU B 235 -9.73 -17.83 31.13
C LEU B 235 -10.54 -16.54 30.94
N LEU B 236 -11.71 -16.63 30.31
CA LEU B 236 -12.60 -15.43 30.15
C LEU B 236 -13.13 -14.89 31.47
N GLU B 237 -13.45 -15.79 32.41
CA GLU B 237 -13.88 -15.35 33.74
C GLU B 237 -12.73 -14.54 34.34
N LYS B 238 -11.51 -15.03 34.25
CA LYS B 238 -10.38 -14.31 34.82
C LYS B 238 -10.04 -12.99 34.10
N LEU B 239 -10.22 -12.98 32.78
CA LEU B 239 -9.96 -11.74 31.99
C LEU B 239 -10.97 -10.64 32.34
N THR B 240 -12.23 -11.05 32.49
CA THR B 240 -13.24 -10.04 32.80
C THR B 240 -13.13 -9.61 34.29
N ALA B 241 -12.51 -10.43 35.13
CA ALA B 241 -12.21 -10.03 36.51
C ALA B 241 -11.19 -8.93 36.46
N LEU B 242 -10.25 -8.96 35.51
CA LEU B 242 -9.27 -7.86 35.36
C LEU B 242 -9.89 -6.65 34.68
N LEU B 243 -10.61 -6.87 33.57
CA LEU B 243 -11.07 -5.72 32.74
C LEU B 243 -12.42 -5.14 33.07
N GLY B 244 -13.32 -5.97 33.60
CA GLY B 244 -14.72 -5.57 33.82
C GLY B 244 -15.75 -6.53 33.21
N ARG B 245 -16.95 -6.47 33.80
CA ARG B 245 -18.08 -7.22 33.32
C ARG B 245 -19.17 -6.26 33.09
N GLN B 246 -20.00 -6.60 32.12
CA GLN B 246 -21.07 -5.75 31.68
C GLN B 246 -22.29 -6.01 32.58
N PRO B 247 -23.19 -5.05 32.65
CA PRO B 247 -24.43 -5.34 33.42
C PRO B 247 -25.32 -6.28 32.68
N GLU B 248 -26.34 -6.78 33.38
CA GLU B 248 -27.49 -7.42 32.71
C GLU B 248 -28.25 -6.38 31.90
N LEU B 249 -28.78 -6.79 30.76
CA LEU B 249 -29.53 -5.91 29.89
C LEU B 249 -30.95 -5.68 30.42
N PRO B 250 -31.52 -4.48 30.20
CA PRO B 250 -32.93 -4.27 30.49
C PRO B 250 -33.83 -5.29 29.85
N ASP B 251 -34.86 -5.66 30.60
CA ASP B 251 -35.77 -6.69 30.20
C ASP B 251 -36.51 -6.37 28.90
N TRP B 252 -36.73 -5.11 28.63
CA TRP B 252 -37.45 -4.75 27.41
C TRP B 252 -36.60 -4.96 26.10
N ILE B 253 -35.26 -5.15 26.20
CA ILE B 253 -34.41 -5.50 25.01
C ILE B 253 -34.87 -6.75 24.31
N TYR B 254 -35.35 -7.71 25.09
CA TYR B 254 -35.82 -8.96 24.57
C TYR B 254 -37.22 -8.96 23.95
N ASP B 255 -37.94 -7.85 23.95
CA ASP B 255 -39.39 -7.87 23.61
C ASP B 255 -39.73 -7.50 22.15
N GLY B 256 -38.74 -7.28 21.30
CA GLY B 256 -39.01 -7.07 19.89
C GLY B 256 -37.85 -6.30 19.32
N VAL B 257 -38.08 -5.70 18.17
CA VAL B 257 -37.06 -4.96 17.41
C VAL B 257 -37.22 -3.49 17.71
N THR B 258 -36.10 -2.78 17.77
CA THR B 258 -36.11 -1.31 17.84
C THR B 258 -36.03 -0.78 16.40
N LEU B 259 -37.04 -0.03 15.98
CA LEU B 259 -37.08 0.52 14.64
C LEU B 259 -36.27 1.81 14.51
N GLY B 260 -35.26 1.79 13.60
CA GLY B 260 -34.52 2.96 13.22
C GLY B 260 -35.36 3.84 12.30
N ILE B 261 -35.67 5.05 12.76
CA ILE B 261 -36.51 5.97 12.00
C ILE B 261 -36.00 7.37 12.05
N GLN B 262 -36.13 8.08 10.95
CA GLN B 262 -35.84 9.50 10.94
C GLN B 262 -37.04 10.22 10.33
N GLY B 263 -37.07 11.53 10.51
CA GLY B 263 -37.99 12.44 9.84
C GLY B 263 -39.16 12.97 10.70
N GLY B 264 -39.13 12.76 12.02
CA GLY B 264 -40.04 13.43 12.92
C GLY B 264 -41.02 12.55 13.64
N THR B 265 -41.75 13.18 14.57
CA THR B 265 -42.63 12.49 15.50
C THR B 265 -43.69 11.70 14.73
N GLU B 266 -44.25 12.29 13.67
CA GLU B 266 -45.37 11.66 12.98
C GLU B 266 -44.93 10.52 12.12
N VAL B 267 -43.83 10.70 11.41
CA VAL B 267 -43.23 9.62 10.63
C VAL B 267 -42.94 8.46 11.58
N CYS B 268 -42.37 8.73 12.76
CA CYS B 268 -42.16 7.59 13.69
C CYS B 268 -43.47 6.88 14.03
N GLN B 269 -44.50 7.70 14.28
CA GLN B 269 -45.79 7.18 14.65
C GLN B 269 -46.40 6.31 13.56
N LYS B 270 -46.39 6.78 12.31
CA LYS B 270 -46.96 5.97 11.20
C LYS B 270 -46.28 4.62 11.09
N LYS B 271 -44.94 4.62 11.15
CA LYS B 271 -44.21 3.37 10.94
C LYS B 271 -44.36 2.43 12.13
N LEU B 272 -44.30 2.97 13.35
CA LEU B 272 -44.62 2.14 14.54
C LEU B 272 -45.98 1.42 14.41
N ASP B 273 -47.01 2.18 14.05
CA ASP B 273 -48.38 1.64 13.86
C ASP B 273 -48.38 0.57 12.75
N THR B 274 -47.78 0.90 11.61
CA THR B 274 -47.80 -0.01 10.47
C THR B 274 -47.28 -1.37 10.85
N MET B 275 -46.20 -1.39 11.65
CA MET B 275 -45.49 -2.62 11.96
C MET B 275 -46.20 -3.41 13.05
N ARG B 276 -46.47 -2.76 14.18
CA ARG B 276 -47.28 -3.38 15.26
C ARG B 276 -48.59 -3.93 14.68
N ASN B 277 -49.31 -3.13 13.88
CA ASN B 277 -50.59 -3.64 13.30
C ASN B 277 -50.47 -4.88 12.46
N ALA B 278 -49.30 -5.11 11.81
CA ALA B 278 -49.04 -6.34 11.03
C ALA B 278 -48.39 -7.46 11.85
N GLY B 279 -48.31 -7.29 13.15
CA GLY B 279 -47.82 -8.36 14.00
C GLY B 279 -46.35 -8.31 14.30
N VAL B 280 -45.66 -7.20 14.02
CA VAL B 280 -44.22 -7.19 14.37
C VAL B 280 -44.07 -6.89 15.84
N LYS B 281 -43.19 -7.62 16.52
CA LYS B 281 -42.80 -7.21 17.87
C LYS B 281 -41.80 -6.07 17.83
N VAL B 282 -42.24 -4.92 18.37
CA VAL B 282 -41.48 -3.68 18.36
C VAL B 282 -41.36 -3.25 19.79
N ASN B 283 -40.12 -3.09 20.27
CA ASN B 283 -39.85 -2.68 21.67
C ASN B 283 -39.40 -1.23 21.83
N GLY B 284 -39.28 -0.51 20.71
CA GLY B 284 -38.67 0.79 20.68
C GLY B 284 -38.52 1.41 19.31
N ILE B 285 -38.34 2.73 19.38
CA ILE B 285 -38.12 3.61 18.23
C ILE B 285 -36.78 4.26 18.53
N TRP B 286 -35.84 4.18 17.57
CA TRP B 286 -34.53 4.83 17.70
C TRP B 286 -34.45 5.87 16.60
N ALA B 287 -34.38 7.13 17.03
CA ALA B 287 -34.44 8.26 16.13
C ALA B 287 -33.25 9.15 16.39
N GLN B 288 -32.25 8.99 15.54
CA GLN B 288 -30.99 9.64 15.77
C GLN B 288 -31.06 11.15 15.47
N ASP B 289 -32.03 11.53 14.63
CA ASP B 289 -32.33 12.94 14.35
C ASP B 289 -33.29 13.64 15.35
N TRP B 290 -33.44 13.10 16.57
CA TRP B 290 -34.08 13.80 17.68
C TRP B 290 -33.53 15.21 17.94
N SER B 291 -32.28 15.50 17.54
CA SER B 291 -31.61 16.81 17.76
C SER B 291 -31.68 17.76 16.57
N GLY B 292 -32.37 17.35 15.51
CA GLY B 292 -32.41 18.06 14.28
C GLY B 292 -31.57 17.42 13.16
N ILE B 293 -31.64 18.07 12.04
CA ILE B 293 -31.10 17.66 10.77
C ILE B 293 -30.23 18.78 10.23
N ARG B 294 -29.03 18.41 9.80
CA ARG B 294 -28.16 19.32 9.10
C ARG B 294 -28.19 18.91 7.65
N MET B 295 -28.42 19.90 6.79
CA MET B 295 -28.34 19.68 5.35
C MET B 295 -26.89 19.91 4.89
N THR B 296 -26.30 18.93 4.18
CA THR B 296 -24.97 19.03 3.55
C THR B 296 -25.14 18.78 2.02
N SER B 297 -24.12 19.06 1.20
CA SER B 297 -24.14 18.64 -0.23
C SER B 297 -24.26 17.10 -0.39
N PHE B 298 -23.77 16.33 0.61
CA PHE B 298 -24.02 14.89 0.73
C PHE B 298 -25.43 14.47 1.27
N GLY B 299 -26.42 15.37 1.24
CA GLY B 299 -27.73 15.12 1.83
C GLY B 299 -27.78 15.46 3.32
N LYS B 300 -28.67 14.75 4.03
CA LYS B 300 -29.05 15.04 5.41
C LYS B 300 -28.27 14.32 6.48
N ARG B 301 -27.85 15.07 7.50
CA ARG B 301 -27.16 14.48 8.66
C ARG B 301 -27.86 14.83 9.96
N VAL B 302 -27.44 14.17 11.04
CA VAL B 302 -27.85 14.53 12.37
C VAL B 302 -27.23 15.88 12.74
N MET B 303 -28.01 16.70 13.46
CA MET B 303 -27.46 17.95 14.00
C MET B 303 -26.74 17.65 15.31
N TRP B 304 -25.44 17.98 15.38
CA TRP B 304 -24.65 17.66 16.58
C TRP B 304 -24.70 18.72 17.70
N ASN B 305 -25.85 18.72 18.35
CA ASN B 305 -26.15 19.55 19.50
C ASN B 305 -27.19 18.78 20.30
N TRP B 306 -26.81 18.28 21.46
CA TRP B 306 -27.55 17.22 22.12
C TRP B 306 -28.76 17.70 22.96
N LYS B 307 -29.72 18.28 22.25
CA LYS B 307 -31.01 18.73 22.85
C LYS B 307 -32.15 18.40 21.94
N TRP B 308 -33.26 17.93 22.52
CA TRP B 308 -34.50 17.74 21.75
C TRP B 308 -34.77 18.95 20.89
N ASN B 309 -35.07 18.72 19.60
CA ASN B 309 -35.41 19.74 18.61
C ASN B 309 -36.91 19.61 18.32
N SER B 310 -37.70 20.49 18.97
CA SER B 310 -39.17 20.43 18.86
C SER B 310 -39.64 20.86 17.48
N GLU B 311 -38.90 21.64 16.72
CA GLU B 311 -39.32 21.86 15.32
C GLU B 311 -39.36 20.51 14.56
N ASN B 312 -38.31 19.67 14.71
CA ASN B 312 -38.22 18.39 13.98
C ASN B 312 -39.13 17.30 14.64
N TYR B 313 -39.10 17.23 15.98
CA TYR B 313 -39.85 16.26 16.80
C TYR B 313 -40.84 17.02 17.71
N PRO B 314 -41.91 17.58 17.14
CA PRO B 314 -42.86 18.30 17.98
C PRO B 314 -43.54 17.32 18.92
N GLN B 315 -43.66 17.70 20.20
CA GLN B 315 -44.42 16.96 21.23
C GLN B 315 -43.85 15.62 21.59
N LEU B 316 -42.56 15.47 21.36
CA LEU B 316 -41.88 14.22 21.70
C LEU B 316 -41.99 13.91 23.20
N ASP B 317 -41.82 14.93 24.03
CA ASP B 317 -41.89 14.76 25.50
C ASP B 317 -43.08 13.93 25.98
N SER B 318 -44.27 14.27 25.48
CA SER B 318 -45.50 13.57 25.87
C SER B 318 -45.62 12.28 25.09
N ARG B 319 -45.27 12.34 23.79
CA ARG B 319 -45.34 11.13 22.98
C ARG B 319 -44.54 9.96 23.58
N ILE B 320 -43.35 10.24 24.16
CA ILE B 320 -42.52 9.21 24.83
C ILE B 320 -43.34 8.46 25.90
N LYS B 321 -43.98 9.19 26.83
CA LYS B 321 -44.82 8.57 27.90
C LYS B 321 -45.89 7.66 27.34
N GLN B 322 -46.54 8.17 26.29
CA GLN B 322 -47.53 7.42 25.55
C GLN B 322 -46.95 6.16 24.92
N TRP B 323 -45.84 6.35 24.18
CA TRP B 323 -45.13 5.17 23.65
C TRP B 323 -44.77 4.27 24.81
N ASN B 324 -44.21 4.79 25.91
CA ASN B 324 -43.85 3.89 27.06
C ASN B 324 -45.01 3.09 27.62
N GLN B 325 -46.18 3.73 27.73
CA GLN B 325 -47.36 3.01 28.21
C GLN B 325 -47.79 1.85 27.32
N GLU B 326 -47.61 1.97 25.99
CA GLU B 326 -47.77 0.77 25.13
C GLU B 326 -46.50 -0.10 24.88
N GLY B 327 -45.50 0.03 25.77
CA GLY B 327 -44.34 -0.86 25.78
C GLY B 327 -43.32 -0.57 24.68
N VAL B 328 -43.13 0.70 24.37
CA VAL B 328 -42.28 1.18 23.31
C VAL B 328 -41.37 2.26 23.89
N GLN B 329 -40.07 1.95 23.94
CA GLN B 329 -39.06 2.89 24.39
C GLN B 329 -38.60 3.83 23.29
N PHE B 330 -38.05 4.96 23.67
CA PHE B 330 -37.56 5.89 22.70
C PHE B 330 -36.07 5.97 22.97
N LEU B 331 -35.31 5.82 21.88
CA LEU B 331 -33.87 5.87 21.90
C LEU B 331 -33.35 6.97 21.01
N ALA B 332 -32.34 7.65 21.52
CA ALA B 332 -31.87 8.88 20.92
C ALA B 332 -30.39 8.68 20.43
N TYR B 333 -29.59 9.74 20.40
CA TYR B 333 -28.26 9.69 19.85
C TYR B 333 -27.43 10.78 20.44
N ILE B 334 -26.18 10.46 20.72
CA ILE B 334 -25.23 11.43 21.17
C ILE B 334 -23.82 10.95 20.78
N ASN B 335 -22.90 11.90 20.67
CA ASN B 335 -21.50 11.65 20.42
C ASN B 335 -20.67 12.69 21.20
N PRO B 336 -19.38 12.43 21.42
CA PRO B 336 -18.60 13.28 22.33
C PRO B 336 -18.07 14.56 21.70
N TYR B 337 -18.64 14.96 20.55
CA TYR B 337 -18.25 16.16 19.83
C TYR B 337 -19.48 17.10 19.85
N VAL B 338 -19.22 18.40 19.68
CA VAL B 338 -20.32 19.39 19.63
C VAL B 338 -20.18 20.36 18.50
N ALA B 339 -21.22 20.48 17.70
CA ALA B 339 -21.17 21.32 16.52
C ALA B 339 -20.78 22.80 16.84
N SER B 340 -19.92 23.39 16.04
CA SER B 340 -19.29 24.67 16.41
C SER B 340 -20.23 25.84 16.23
N ASP B 341 -21.28 25.65 15.46
CA ASP B 341 -22.26 26.70 15.21
C ASP B 341 -23.51 26.56 16.10
N LYS B 342 -23.42 25.89 17.25
CA LYS B 342 -24.59 25.62 18.09
C LYS B 342 -24.22 25.75 19.58
N ASP B 343 -25.24 25.66 20.43
CA ASP B 343 -25.18 25.92 21.90
C ASP B 343 -24.03 25.37 22.70
N LEU B 344 -23.92 24.05 22.66
CA LEU B 344 -23.15 23.32 23.64
C LEU B 344 -21.71 23.63 23.43
N CYS B 345 -21.33 23.89 22.18
CA CYS B 345 -19.96 24.21 21.82
C CYS B 345 -19.59 25.65 22.22
N GLU B 346 -20.52 26.58 22.05
CA GLU B 346 -20.31 27.97 22.54
C GLU B 346 -20.11 27.97 24.04
N GLU B 347 -21.00 27.29 24.73
CA GLU B 347 -20.90 27.11 26.15
C GLU B 347 -19.59 26.48 26.57
N ALA B 348 -19.29 25.32 25.94
CA ALA B 348 -18.07 24.58 26.24
C ALA B 348 -16.90 25.53 26.03
N ALA B 349 -16.89 26.22 24.88
CA ALA B 349 -15.84 27.20 24.58
C ALA B 349 -15.66 28.27 25.67
N GLN B 350 -16.75 28.73 26.27
CA GLN B 350 -16.72 29.71 27.34
C GLN B 350 -16.13 29.19 28.62
N HIS B 351 -16.46 27.94 28.95
CA HIS B 351 -15.94 27.29 30.15
C HIS B 351 -14.56 26.61 29.98
N GLY B 352 -13.91 26.78 28.82
CA GLY B 352 -12.66 26.10 28.49
C GLY B 352 -12.78 24.57 28.54
N TYR B 353 -13.93 24.05 28.13
CA TYR B 353 -14.25 22.60 28.16
C TYR B 353 -13.91 21.83 26.88
N LEU B 354 -13.22 22.48 25.93
CA LEU B 354 -12.86 21.89 24.67
C LEU B 354 -11.40 21.54 24.63
N ALA B 355 -11.05 20.58 23.80
CA ALA B 355 -9.65 20.29 23.56
C ALA B 355 -9.06 21.46 22.74
N LYS B 356 -7.78 21.69 22.96
CA LYS B 356 -7.10 22.85 22.41
C LYS B 356 -6.13 22.49 21.33
N ASP B 357 -5.83 23.46 20.48
CA ASP B 357 -4.77 23.37 19.50
C ASP B 357 -3.52 23.95 20.15
N ALA B 358 -2.43 23.98 19.36
CA ALA B 358 -1.10 24.40 19.84
C ALA B 358 -1.06 25.87 20.30
N SER B 359 -1.75 26.74 19.58
CA SER B 359 -1.88 28.14 19.97
C SER B 359 -2.80 28.39 21.22
N GLY B 360 -3.38 27.37 21.84
CA GLY B 360 -4.34 27.58 22.95
C GLY B 360 -5.78 27.93 22.54
N GLY B 361 -6.07 28.01 21.24
CA GLY B 361 -7.45 28.15 20.77
C GLY B 361 -8.19 26.82 20.89
N ASP B 362 -9.48 26.84 20.66
CA ASP B 362 -10.26 25.62 20.65
C ASP B 362 -10.05 24.85 19.33
N TYR B 363 -9.75 23.56 19.45
CA TYR B 363 -9.52 22.72 18.27
C TYR B 363 -10.90 22.37 17.65
N LEU B 364 -11.08 22.75 16.40
CA LEU B 364 -12.30 22.45 15.68
C LEU B 364 -11.99 21.40 14.60
N VAL B 365 -12.69 20.28 14.64
CA VAL B 365 -12.46 19.17 13.69
C VAL B 365 -13.43 19.26 12.54
N GLU B 366 -12.98 18.99 11.32
CA GLU B 366 -13.85 18.90 10.16
C GLU B 366 -14.59 17.55 10.18
N PHE B 367 -15.93 17.59 10.22
CA PHE B 367 -16.73 16.39 10.35
C PHE B 367 -17.66 16.23 9.17
N GLY B 368 -17.22 16.60 7.98
CA GLY B 368 -18.04 16.47 6.77
C GLY B 368 -18.98 17.66 6.53
N GLU B 369 -18.40 18.77 6.10
CA GLU B 369 -19.10 20.02 5.74
C GLU B 369 -19.58 20.85 6.91
N PHE B 370 -19.15 20.48 8.10
CA PHE B 370 -19.20 21.35 9.24
C PHE B 370 -18.07 20.97 10.22
N TYR B 371 -17.93 21.77 11.25
CA TYR B 371 -16.91 21.70 12.28
C TYR B 371 -17.52 21.39 13.60
N GLY B 372 -16.72 20.76 14.46
CA GLY B 372 -17.15 20.34 15.79
C GLY B 372 -16.00 20.49 16.78
N GLY B 373 -16.33 20.86 18.00
CA GLY B 373 -15.34 20.92 19.02
C GLY B 373 -15.34 19.57 19.66
N VAL B 374 -14.23 19.25 20.27
CA VAL B 374 -14.09 17.99 20.97
C VAL B 374 -14.21 18.28 22.48
N VAL B 375 -15.14 17.64 23.14
CA VAL B 375 -15.27 17.86 24.58
C VAL B 375 -14.12 17.17 25.28
N ASP B 376 -13.35 17.92 26.09
CA ASP B 376 -12.22 17.36 26.80
C ASP B 376 -12.59 16.52 28.02
N LEU B 377 -12.83 15.24 27.77
CA LEU B 377 -13.19 14.32 28.85
C LEU B 377 -12.06 14.09 29.85
N THR B 378 -10.84 14.58 29.59
CA THR B 378 -9.76 14.60 30.61
C THR B 378 -9.82 15.82 31.57
N ASN B 379 -10.61 16.83 31.22
CA ASN B 379 -10.91 17.95 32.16
C ASN B 379 -12.11 17.53 33.03
N PRO B 380 -11.93 17.27 34.37
CA PRO B 380 -13.00 16.69 35.24
C PRO B 380 -14.33 17.47 35.25
N GLU B 381 -14.21 18.79 35.05
CA GLU B 381 -15.34 19.70 34.94
C GLU B 381 -16.11 19.50 33.62
N ALA B 382 -15.40 19.51 32.50
CA ALA B 382 -16.01 19.24 31.19
C ALA B 382 -16.70 17.88 31.24
N TYR B 383 -16.05 16.93 31.91
CA TYR B 383 -16.55 15.55 31.99
C TYR B 383 -17.87 15.53 32.72
N ALA B 384 -17.88 16.10 33.95
CA ALA B 384 -19.12 16.30 34.77
C ALA B 384 -20.22 17.03 33.98
N TRP B 385 -19.85 18.16 33.36
CA TRP B 385 -20.78 18.94 32.51
C TRP B 385 -21.46 18.08 31.41
N PHE B 386 -20.66 17.28 30.69
CA PHE B 386 -21.20 16.48 29.58
C PHE B 386 -22.07 15.37 30.11
N LYS B 387 -21.67 14.78 31.23
CA LYS B 387 -22.54 13.78 31.89
C LYS B 387 -23.93 14.38 32.32
N GLU B 388 -23.92 15.64 32.79
CA GLU B 388 -25.16 16.38 33.05
C GLU B 388 -25.91 16.65 31.77
N VAL B 389 -25.18 16.98 30.71
CA VAL B 389 -25.84 17.13 29.41
C VAL B 389 -26.61 15.86 28.99
N ILE B 390 -26.09 14.70 29.34
CA ILE B 390 -26.81 13.41 29.11
C ILE B 390 -28.03 13.26 30.05
N LYS B 391 -27.80 13.43 31.35
CA LYS B 391 -28.88 13.33 32.35
C LYS B 391 -30.08 14.23 32.04
N LYS B 392 -29.82 15.53 31.95
CA LYS B 392 -30.84 16.56 31.68
C LYS B 392 -31.54 16.29 30.36
N ASN B 393 -30.77 16.37 29.26
CA ASN B 393 -31.36 16.40 27.92
C ASN B 393 -31.81 15.08 27.37
N MET B 394 -31.50 13.96 28.04
CA MET B 394 -31.84 12.65 27.50
C MET B 394 -32.54 11.75 28.48
N ILE B 395 -31.87 11.43 29.60
CA ILE B 395 -32.48 10.58 30.62
C ILE B 395 -33.79 11.21 31.18
N GLU B 396 -33.71 12.50 31.56
CA GLU B 396 -34.88 13.24 32.13
C GLU B 396 -35.93 13.53 31.08
N LEU B 397 -35.55 13.73 29.80
CA LEU B 397 -36.53 13.69 28.71
C LEU B 397 -37.34 12.35 28.60
N GLY B 398 -36.90 11.26 29.26
CA GLY B 398 -37.61 9.96 29.16
C GLY B 398 -36.99 8.89 28.21
N CYS B 399 -35.84 9.19 27.58
CA CYS B 399 -35.18 8.19 26.64
C CYS B 399 -34.82 6.91 27.40
N GLY B 400 -35.19 5.75 26.87
CA GLY B 400 -34.77 4.46 27.42
C GLY B 400 -33.41 3.96 26.92
N GLY B 401 -32.76 4.79 26.09
CA GLY B 401 -31.42 4.55 25.61
C GLY B 401 -31.10 5.43 24.42
N TRP B 402 -29.93 5.17 23.83
CA TRP B 402 -29.42 5.95 22.73
C TRP B 402 -28.15 5.27 22.11
N MET B 403 -27.86 5.59 20.85
CA MET B 403 -26.53 5.32 20.33
C MET B 403 -25.54 6.36 20.89
N ALA B 404 -24.43 5.86 21.46
CA ALA B 404 -23.32 6.70 21.86
C ALA B 404 -22.23 6.42 20.85
N ASP B 405 -22.16 7.29 19.86
CA ASP B 405 -21.38 7.08 18.65
C ASP B 405 -20.01 7.67 18.81
N PHE B 406 -19.12 7.27 17.89
CA PHE B 406 -17.80 7.80 17.81
C PHE B 406 -16.96 7.57 19.06
N GLY B 407 -15.89 8.35 19.22
CA GLY B 407 -14.81 8.07 20.15
C GLY B 407 -13.46 7.82 19.49
N GLU B 408 -13.41 7.76 18.14
CA GLU B 408 -12.18 7.33 17.42
C GLU B 408 -11.44 8.52 16.79
N TYR B 409 -11.97 9.74 16.92
CA TYR B 409 -11.56 10.89 16.12
C TYR B 409 -10.69 11.89 16.90
N LEU B 410 -10.04 11.50 17.98
CA LEU B 410 -9.12 12.45 18.67
C LEU B 410 -7.86 12.69 17.82
N PRO B 411 -7.68 13.91 17.32
CA PRO B 411 -6.46 14.20 16.59
C PRO B 411 -5.25 14.18 17.51
N THR B 412 -4.10 13.81 16.96
CA THR B 412 -2.85 13.78 17.75
C THR B 412 -2.13 15.09 17.92
N ASP B 413 -2.63 16.15 17.28
CA ASP B 413 -2.17 17.50 17.53
C ASP B 413 -3.15 18.35 18.36
N THR B 414 -4.04 17.70 19.12
CA THR B 414 -4.78 18.37 20.19
C THR B 414 -3.99 18.36 21.48
N TYR B 415 -4.36 19.23 22.40
CA TYR B 415 -3.71 19.37 23.70
C TYR B 415 -4.78 19.34 24.71
N LEU B 416 -4.57 18.48 25.70
CA LEU B 416 -5.62 18.07 26.59
C LEU B 416 -5.26 18.53 27.99
N HIS B 417 -6.30 18.72 28.80
CA HIS B 417 -6.25 19.31 30.13
C HIS B 417 -5.37 18.55 31.12
N ASN B 418 -5.32 17.21 30.99
CA ASN B 418 -4.47 16.42 31.86
C ASN B 418 -3.00 16.43 31.48
N GLY B 419 -2.63 17.18 30.46
CA GLY B 419 -1.23 17.24 30.09
C GLY B 419 -0.68 15.99 29.44
N VAL B 420 -1.50 14.97 29.22
CA VAL B 420 -1.03 13.71 28.60
C VAL B 420 -1.08 13.87 27.09
N SER B 421 -0.01 13.47 26.40
CA SER B 421 0.05 13.58 24.93
C SER B 421 -1.18 13.02 24.23
N ALA B 422 -1.68 13.73 23.21
CA ALA B 422 -2.81 13.23 22.39
C ALA B 422 -2.45 11.89 21.67
N GLU B 423 -1.15 11.65 21.46
CA GLU B 423 -0.69 10.35 20.89
C GLU B 423 -0.88 9.20 21.88
N ILE B 424 -1.07 9.51 23.17
CA ILE B 424 -1.44 8.53 24.21
C ILE B 424 -2.92 8.50 24.50
N MET B 425 -3.54 9.68 24.59
CA MET B 425 -4.98 9.77 24.89
C MET B 425 -5.91 9.27 23.80
N HIS B 426 -5.46 9.39 22.54
CA HIS B 426 -6.25 8.99 21.37
C HIS B 426 -6.91 7.62 21.54
N ASN B 427 -6.12 6.61 21.90
CA ASN B 427 -6.65 5.25 22.05
C ASN B 427 -7.45 5.07 23.36
N ALA B 428 -7.15 5.89 24.40
CA ALA B 428 -7.90 5.82 25.67
C ALA B 428 -9.28 6.50 25.55
N TRP B 429 -9.53 7.23 24.47
CA TRP B 429 -10.76 8.05 24.39
C TRP B 429 -12.02 7.26 24.49
N PRO B 430 -12.12 6.12 23.78
CA PRO B 430 -13.39 5.40 23.79
C PRO B 430 -13.90 4.95 25.17
N ALA B 431 -13.03 4.40 26.00
CA ALA B 431 -13.48 3.95 27.31
C ALA B 431 -13.78 5.11 28.26
N LEU B 432 -13.14 6.25 28.06
CA LEU B 432 -13.46 7.47 28.81
C LEU B 432 -14.86 7.91 28.43
N TRP B 433 -15.17 7.86 27.14
CA TRP B 433 -16.48 8.16 26.62
C TRP B 433 -17.54 7.18 27.06
N ALA B 434 -17.19 5.90 27.11
CA ALA B 434 -18.07 4.93 27.66
C ALA B 434 -18.35 5.17 29.21
N LYS B 435 -17.34 5.58 29.95
CA LYS B 435 -17.46 5.85 31.41
C LYS B 435 -18.44 7.01 31.68
N CYS B 436 -18.41 8.02 30.81
CA CYS B 436 -19.29 9.17 30.91
C CYS B 436 -20.72 8.74 30.76
N ASN B 437 -21.02 7.89 29.74
CA ASN B 437 -22.35 7.30 29.59
C ASN B 437 -22.72 6.44 30.77
N TYR B 438 -21.82 5.56 31.18
CA TYR B 438 -22.11 4.60 32.24
C TYR B 438 -22.43 5.28 33.61
N GLU B 439 -21.68 6.33 33.91
CA GLU B 439 -21.88 7.15 35.13
C GLU B 439 -23.14 8.00 35.11
N ALA B 440 -23.49 8.54 33.95
CA ALA B 440 -24.79 9.19 33.79
C ALA B 440 -25.92 8.26 34.21
N LEU B 441 -25.80 6.98 33.94
CA LEU B 441 -26.79 5.99 34.35
C LEU B 441 -26.64 5.55 35.81
N GLU B 442 -25.42 5.46 36.29
CA GLU B 442 -25.16 4.94 37.64
C GLU B 442 -25.78 5.93 38.67
N GLU B 443 -25.47 7.19 38.42
CA GLU B 443 -25.91 8.32 39.18
C GLU B 443 -27.38 8.75 39.01
N THR B 444 -28.15 8.12 38.13
CA THR B 444 -29.56 8.38 38.02
C THR B 444 -30.30 7.11 38.34
N GLY B 445 -29.61 6.17 38.98
CA GLY B 445 -30.21 4.85 39.27
C GLY B 445 -30.81 4.02 38.14
N LYS B 446 -30.30 4.16 36.92
CA LYS B 446 -30.92 3.56 35.72
C LYS B 446 -30.15 2.43 35.03
N LEU B 447 -29.05 1.98 35.63
CA LEU B 447 -28.38 0.78 35.15
C LEU B 447 -29.38 -0.35 35.20
N GLY B 448 -29.52 -1.09 34.10
CA GLY B 448 -30.43 -2.19 34.04
C GLY B 448 -31.76 -1.80 33.48
N GLU B 449 -31.97 -0.52 33.20
CA GLU B 449 -33.21 -0.01 32.65
C GLU B 449 -33.01 0.76 31.35
N ILE B 450 -32.00 1.63 31.30
CA ILE B 450 -31.63 2.36 30.09
C ILE B 450 -30.46 1.60 29.45
N LEU B 451 -30.52 1.48 28.11
CA LEU B 451 -29.47 0.80 27.31
C LEU B 451 -28.78 1.73 26.28
N PHE B 452 -27.50 2.01 26.47
CA PHE B 452 -26.78 2.67 25.41
C PHE B 452 -25.92 1.60 24.68
N PHE B 453 -25.51 1.96 23.46
CA PHE B 453 -24.71 1.04 22.59
C PHE B 453 -23.65 1.87 21.88
N MET B 454 -22.43 1.31 21.81
CA MET B 454 -21.26 1.99 21.39
C MET B 454 -20.61 1.17 20.23
N ARG B 455 -19.89 1.88 19.34
CA ARG B 455 -19.12 1.20 18.26
C ARG B 455 -17.62 1.23 18.64
N ALA B 456 -17.14 2.32 19.22
CA ALA B 456 -15.76 2.41 19.66
C ALA B 456 -15.56 1.84 21.03
N GLY B 457 -14.34 1.35 21.29
CA GLY B 457 -13.95 0.89 22.58
C GLY B 457 -12.46 0.96 22.80
N SER B 458 -12.11 0.71 24.06
CA SER B 458 -10.76 0.62 24.56
C SER B 458 -10.78 -0.09 25.93
N THR B 459 -9.61 -0.33 26.52
CA THR B 459 -9.50 -1.13 27.78
C THR B 459 -10.45 -0.49 28.83
N GLY B 460 -11.36 -1.29 29.39
CA GLY B 460 -12.36 -0.79 30.33
C GLY B 460 -13.76 -0.71 29.79
N SER B 461 -13.92 -0.75 28.46
CA SER B 461 -15.26 -0.79 27.86
C SER B 461 -15.98 -2.07 28.30
N GLN B 462 -15.19 -3.07 28.68
CA GLN B 462 -15.73 -4.28 29.23
C GLN B 462 -16.66 -3.97 30.49
N LYS B 463 -16.25 -3.03 31.32
CA LYS B 463 -17.07 -2.50 32.43
C LYS B 463 -18.12 -1.49 31.95
N TYR B 464 -17.68 -0.51 31.20
CA TYR B 464 -18.51 0.69 30.98
C TYR B 464 -19.45 0.74 29.82
N SER B 465 -19.26 -0.10 28.79
CA SER B 465 -20.16 -0.14 27.65
C SER B 465 -21.18 -1.22 27.87
N THR B 466 -22.44 -0.82 27.90
CA THR B 466 -23.58 -1.71 28.16
C THR B 466 -23.91 -2.61 26.98
N MET B 467 -23.64 -2.12 25.78
CA MET B 467 -23.80 -2.94 24.62
C MET B 467 -22.82 -2.45 23.50
N MET B 468 -22.13 -3.40 22.85
CA MET B 468 -21.44 -3.08 21.59
C MET B 468 -22.35 -3.28 20.36
N TRP B 469 -22.26 -2.35 19.40
CA TRP B 469 -22.69 -2.68 18.06
C TRP B 469 -21.45 -2.61 17.05
N ALA B 470 -21.58 -3.30 15.92
CA ALA B 470 -20.48 -3.54 14.98
C ALA B 470 -20.19 -2.34 14.07
N GLY B 471 -20.78 -1.18 14.32
CA GLY B 471 -20.52 0.03 13.59
C GLY B 471 -21.00 -0.09 12.19
N ASP B 472 -20.28 0.56 11.26
CA ASP B 472 -20.82 0.68 9.90
C ASP B 472 -20.30 -0.44 8.98
N GLN B 473 -21.17 -1.35 8.58
CA GLN B 473 -20.88 -2.34 7.52
C GLN B 473 -21.36 -1.68 6.24
N ASN B 474 -20.78 -2.08 5.13
CA ASN B 474 -21.41 -1.77 3.85
C ASN B 474 -22.77 -2.50 3.70
N VAL B 475 -23.64 -1.92 2.88
CA VAL B 475 -24.85 -2.61 2.45
C VAL B 475 -24.53 -3.60 1.32
N ASP B 476 -23.56 -4.48 1.58
CA ASP B 476 -23.11 -5.47 0.59
C ASP B 476 -22.86 -6.81 1.27
N TRP B 477 -22.50 -7.76 0.41
CA TRP B 477 -22.24 -9.13 0.83
C TRP B 477 -20.75 -9.41 0.95
N SER B 478 -19.90 -8.39 1.08
CA SER B 478 -18.43 -8.67 1.10
C SER B 478 -18.04 -9.35 2.39
N LEU B 479 -16.92 -10.07 2.37
CA LEU B 479 -16.38 -10.68 3.55
C LEU B 479 -15.79 -9.66 4.53
N ASP B 480 -15.11 -8.63 3.99
CA ASP B 480 -14.40 -7.72 4.86
C ASP B 480 -15.23 -6.59 5.47
N ASP B 481 -16.38 -6.28 4.89
CA ASP B 481 -17.24 -5.16 5.35
C ASP B 481 -18.72 -5.37 5.18
N GLY B 482 -19.12 -6.59 4.86
CA GLY B 482 -20.53 -6.93 4.70
C GLY B 482 -21.07 -7.66 5.91
N LEU B 483 -22.23 -8.31 5.74
CA LEU B 483 -22.84 -9.13 6.81
C LEU B 483 -21.82 -10.04 7.52
N ALA B 484 -21.04 -10.77 6.72
CA ALA B 484 -20.06 -11.75 7.24
C ALA B 484 -19.15 -11.20 8.30
N SER B 485 -18.75 -9.96 8.13
CA SER B 485 -17.67 -9.39 8.94
C SER B 485 -18.13 -9.14 10.39
N VAL B 486 -19.44 -9.15 10.57
CA VAL B 486 -19.97 -9.02 11.94
C VAL B 486 -19.59 -10.20 12.83
N VAL B 487 -19.46 -11.39 12.26
CA VAL B 487 -19.23 -12.57 13.13
C VAL B 487 -17.87 -12.58 13.76
N PRO B 488 -16.79 -12.38 12.96
CA PRO B 488 -15.49 -12.22 13.61
C PRO B 488 -15.46 -11.06 14.63
N ALA B 489 -16.17 -9.97 14.34
CA ALA B 489 -16.24 -8.81 15.25
C ALA B 489 -16.83 -9.21 16.63
N ALA B 490 -17.89 -9.98 16.59
CA ALA B 490 -18.52 -10.48 17.87
C ALA B 490 -17.59 -11.43 18.58
N LEU B 491 -16.97 -12.32 17.81
CA LEU B 491 -16.14 -13.40 18.40
C LEU B 491 -14.85 -12.88 18.96
N SER B 492 -14.21 -11.95 18.24
CA SER B 492 -12.99 -11.30 18.75
C SER B 492 -13.25 -10.53 20.03
N LEU B 493 -14.38 -9.81 20.07
CA LEU B 493 -14.73 -9.06 21.26
C LEU B 493 -15.02 -10.00 22.45
N ALA B 494 -15.71 -11.09 22.18
CA ALA B 494 -15.97 -12.10 23.20
C ALA B 494 -14.68 -12.54 23.81
N MET B 495 -13.63 -12.73 22.99
CA MET B 495 -12.34 -13.15 23.52
C MET B 495 -11.53 -12.03 24.20
N THR B 496 -12.00 -10.78 24.09
CA THR B 496 -11.40 -9.60 24.70
C THR B 496 -12.33 -9.08 25.87
N GLY B 497 -13.34 -9.90 26.24
CA GLY B 497 -14.15 -9.66 27.47
C GLY B 497 -15.40 -8.81 27.31
N HIS B 498 -15.93 -8.70 26.09
CA HIS B 498 -17.22 -8.06 25.92
C HIS B 498 -18.13 -8.99 25.22
N GLY B 499 -19.25 -9.30 25.90
CA GLY B 499 -20.05 -10.44 25.52
C GLY B 499 -21.41 -10.07 24.99
N LEU B 500 -21.58 -8.80 24.66
CA LEU B 500 -22.86 -8.24 24.25
C LEU B 500 -22.70 -7.39 22.98
N HIS B 501 -23.25 -7.91 21.89
CA HIS B 501 -22.93 -7.44 20.54
C HIS B 501 -24.08 -7.59 19.60
N HIS B 502 -24.41 -6.52 18.88
CA HIS B 502 -25.32 -6.60 17.79
C HIS B 502 -24.84 -5.77 16.58
N SER B 503 -25.63 -5.77 15.52
CA SER B 503 -25.36 -4.97 14.32
C SER B 503 -26.59 -4.34 13.73
N ASP B 504 -26.37 -3.28 12.97
CA ASP B 504 -27.40 -2.68 12.14
C ASP B 504 -28.09 -3.71 11.28
N ILE B 505 -29.40 -3.97 11.48
CA ILE B 505 -30.06 -4.87 10.57
C ILE B 505 -30.10 -4.27 9.17
N GLY B 506 -29.39 -4.90 8.26
CA GLY B 506 -29.26 -4.47 6.86
C GLY B 506 -27.99 -3.69 6.51
N GLY B 507 -27.11 -3.48 7.48
CA GLY B 507 -25.96 -2.66 7.32
C GLY B 507 -26.24 -1.17 7.22
N TYR B 508 -25.20 -0.39 6.92
CA TYR B 508 -25.28 1.08 6.96
C TYR B 508 -24.74 1.84 5.74
N THR B 509 -23.47 1.62 5.38
CA THR B 509 -22.82 2.47 4.41
C THR B 509 -23.34 2.26 3.00
N THR B 510 -23.84 3.35 2.42
CA THR B 510 -24.59 3.39 1.21
C THR B 510 -23.87 4.46 0.37
N LEU B 511 -22.84 4.00 -0.35
CA LEU B 511 -21.90 4.86 -1.16
C LEU B 511 -21.56 4.17 -2.43
N PHE B 512 -21.12 4.97 -3.40
CA PHE B 512 -20.63 4.45 -4.67
C PHE B 512 -21.55 3.42 -5.28
N GLU B 513 -22.84 3.68 -5.46
CA GLU B 513 -23.58 2.55 -6.08
C GLU B 513 -23.97 1.36 -5.18
N MET B 514 -23.47 1.26 -3.94
CA MET B 514 -23.95 0.22 -3.01
C MET B 514 -25.34 0.70 -2.55
N LYS B 515 -26.31 -0.21 -2.62
CA LYS B 515 -27.71 0.02 -2.29
C LYS B 515 -28.21 -1.26 -1.62
N ARG B 516 -28.87 -1.11 -0.48
CA ARG B 516 -29.31 -2.27 0.25
C ARG B 516 -30.54 -2.91 -0.44
N SER B 517 -30.45 -4.18 -0.77
CA SER B 517 -31.51 -4.87 -1.42
C SER B 517 -32.45 -5.46 -0.34
N LYS B 518 -33.66 -5.83 -0.78
CA LYS B 518 -34.61 -6.54 0.08
C LYS B 518 -33.97 -7.79 0.61
N GLU B 519 -33.33 -8.53 -0.28
CA GLU B 519 -32.71 -9.83 0.09
C GLU B 519 -31.67 -9.66 1.19
N LEU B 520 -30.89 -8.59 1.11
CA LEU B 520 -29.88 -8.38 2.14
C LEU B 520 -30.53 -8.00 3.45
N LEU B 521 -31.55 -7.14 3.39
CA LEU B 521 -32.24 -6.77 4.61
C LEU B 521 -32.80 -8.02 5.33
N LEU B 522 -33.40 -8.90 4.58
CA LEU B 522 -34.05 -10.07 5.18
C LEU B 522 -33.04 -11.08 5.66
N ARG B 523 -31.94 -11.26 4.93
CA ARG B 523 -30.85 -12.13 5.47
C ARG B 523 -30.28 -11.60 6.79
N TRP B 524 -30.16 -10.28 6.90
CA TRP B 524 -29.53 -9.69 8.06
C TRP B 524 -30.55 -9.81 9.23
N CYS B 525 -31.82 -9.64 8.91
CA CYS B 525 -32.88 -9.84 9.90
C CYS B 525 -32.78 -11.24 10.46
N ASP B 526 -32.63 -12.22 9.56
CA ASP B 526 -32.41 -13.62 10.01
C ASP B 526 -31.21 -13.85 10.95
N PHE B 527 -30.14 -13.10 10.73
CA PHE B 527 -28.99 -13.17 11.58
C PHE B 527 -29.26 -12.50 12.93
N SER B 528 -29.81 -11.27 12.89
CA SER B 528 -29.92 -10.49 14.15
C SER B 528 -30.89 -11.16 15.18
N ALA B 529 -31.91 -11.84 14.69
CA ALA B 529 -32.83 -12.66 15.51
C ALA B 529 -32.13 -13.70 16.35
N PHE B 530 -30.92 -14.11 15.96
CA PHE B 530 -30.04 -14.93 16.82
C PHE B 530 -28.82 -14.21 17.43
N THR B 531 -29.06 -13.01 17.92
CA THR B 531 -28.11 -12.24 18.69
C THR B 531 -28.88 -11.60 19.87
N PRO B 532 -28.19 -10.99 20.82
CA PRO B 532 -28.98 -10.41 21.93
C PRO B 532 -29.77 -9.11 21.70
N MET B 533 -29.77 -8.50 20.50
CA MET B 533 -30.50 -7.24 20.29
C MET B 533 -30.80 -7.06 18.80
N MET B 534 -32.06 -6.79 18.48
CA MET B 534 -32.52 -6.44 17.14
C MET B 534 -32.82 -4.95 16.97
N ARG B 535 -32.06 -4.26 16.12
CA ARG B 535 -32.24 -2.83 15.90
C ARG B 535 -31.97 -2.57 14.43
N THR B 536 -32.87 -1.85 13.76
CA THR B 536 -32.66 -1.46 12.38
C THR B 536 -31.95 -0.11 12.22
N HIS B 537 -31.62 0.18 10.98
CA HIS B 537 -30.98 1.46 10.59
C HIS B 537 -31.38 1.78 9.20
N GLU B 538 -31.70 3.01 8.92
CA GLU B 538 -32.02 3.40 7.58
C GLU B 538 -30.80 3.44 6.63
N GLY B 539 -29.60 3.62 7.18
CA GLY B 539 -28.40 3.87 6.36
C GLY B 539 -28.21 5.37 6.13
N ASN B 540 -27.06 5.75 5.61
CA ASN B 540 -26.81 7.17 5.34
C ASN B 540 -27.58 7.68 4.12
N ARG B 541 -28.08 6.82 3.23
CA ARG B 541 -28.97 7.28 2.14
C ARG B 541 -30.24 6.43 2.18
N PRO B 542 -31.17 6.84 3.05
CA PRO B 542 -32.39 6.08 3.30
C PRO B 542 -33.19 5.72 2.07
N GLY B 543 -33.38 6.68 1.16
CA GLY B 543 -34.13 6.44 -0.08
C GLY B 543 -33.44 5.50 -1.06
N ASP B 544 -32.16 5.20 -0.90
CA ASP B 544 -31.47 4.23 -1.79
C ASP B 544 -31.59 2.79 -1.29
N ASN B 545 -31.95 2.63 -0.02
CA ASN B 545 -32.03 1.33 0.63
C ASN B 545 -33.45 0.80 0.86
N TRP B 546 -33.63 -0.48 0.65
CA TRP B 546 -34.80 -1.16 1.12
C TRP B 546 -34.94 -1.10 2.66
N GLN B 547 -36.12 -0.69 3.16
CA GLN B 547 -36.32 -0.60 4.58
C GLN B 547 -37.31 -1.66 5.08
N PHE B 548 -37.42 -1.75 6.39
CA PHE B 548 -38.31 -2.71 7.08
C PHE B 548 -39.82 -2.67 6.70
N ASP B 549 -40.30 -1.54 6.18
CA ASP B 549 -41.72 -1.43 5.73
C ASP B 549 -41.80 -1.39 4.22
N GLY B 550 -40.83 -2.00 3.55
CA GLY B 550 -40.69 -1.70 2.12
C GLY B 550 -41.82 -2.31 1.30
N ASP B 551 -42.26 -3.49 1.72
CA ASP B 551 -43.47 -4.08 1.13
C ASP B 551 -44.04 -5.02 2.16
N ALA B 552 -45.17 -5.65 1.83
CA ALA B 552 -45.92 -6.44 2.81
C ALA B 552 -45.11 -7.69 3.17
N GLU B 553 -44.48 -8.30 2.19
CA GLU B 553 -43.59 -9.46 2.45
C GLU B 553 -42.39 -9.13 3.39
N THR B 554 -41.86 -7.93 3.27
CA THR B 554 -40.79 -7.53 4.18
C THR B 554 -41.35 -7.34 5.56
N ILE B 555 -42.48 -6.62 5.64
CA ILE B 555 -43.15 -6.46 6.97
C ILE B 555 -43.42 -7.83 7.61
N ALA B 556 -43.99 -8.74 6.82
CA ALA B 556 -44.23 -10.14 7.24
C ALA B 556 -42.98 -10.87 7.70
N HIS B 557 -41.89 -10.65 7.00
CA HIS B 557 -40.65 -11.30 7.41
C HIS B 557 -40.20 -10.79 8.75
N PHE B 558 -40.31 -9.48 8.99
CA PHE B 558 -39.96 -8.97 10.32
C PHE B 558 -40.90 -9.51 11.40
N ALA B 559 -42.20 -9.66 11.06
CA ALA B 559 -43.16 -10.33 11.99
C ALA B 559 -42.66 -11.70 12.36
N ARG B 560 -42.33 -12.53 11.37
CA ARG B 560 -41.87 -13.86 11.68
C ARG B 560 -40.62 -13.81 12.55
N MET B 561 -39.62 -12.99 12.18
CA MET B 561 -38.31 -13.13 12.86
C MET B 561 -38.28 -12.46 14.21
N THR B 562 -39.01 -11.37 14.38
CA THR B 562 -39.12 -10.80 15.74
C THR B 562 -39.92 -11.77 16.67
N THR B 563 -40.82 -12.61 16.12
CA THR B 563 -41.41 -13.71 16.94
C THR B 563 -40.39 -14.74 17.35
N VAL B 564 -39.56 -15.14 16.40
CA VAL B 564 -38.46 -16.05 16.74
C VAL B 564 -37.61 -15.46 17.88
N PHE B 565 -37.22 -14.21 17.75
CA PHE B 565 -36.37 -13.58 18.76
C PHE B 565 -37.06 -13.49 20.16
N THR B 566 -38.30 -12.98 20.17
CA THR B 566 -39.05 -12.82 21.45
C THR B 566 -39.22 -14.18 22.13
N THR B 567 -39.43 -15.23 21.36
CA THR B 567 -39.60 -16.53 21.92
C THR B 567 -38.39 -16.96 22.71
N LEU B 568 -37.20 -16.60 22.21
CA LEU B 568 -35.95 -16.95 22.89
C LEU B 568 -35.70 -16.18 24.15
N LYS B 569 -36.48 -15.13 24.42
CA LYS B 569 -36.26 -14.27 25.58
C LYS B 569 -35.70 -14.94 26.82
N PRO B 570 -36.38 -16.02 27.30
CA PRO B 570 -35.89 -16.53 28.59
C PRO B 570 -34.49 -17.14 28.46
N TYR B 571 -34.22 -17.81 27.33
CA TYR B 571 -32.88 -18.39 27.09
C TYR B 571 -31.78 -17.32 26.88
N LEU B 572 -32.09 -16.25 26.18
CA LEU B 572 -31.11 -15.16 26.02
C LEU B 572 -30.85 -14.48 27.35
N LYS B 573 -31.93 -14.25 28.12
CA LYS B 573 -31.82 -13.68 29.48
C LYS B 573 -30.88 -14.49 30.39
N GLU B 574 -31.03 -15.80 30.36
CA GLU B 574 -30.11 -16.63 31.11
C GLU B 574 -28.64 -16.42 30.61
N ALA B 575 -28.44 -16.38 29.28
CA ALA B 575 -27.08 -16.16 28.73
C ALA B 575 -26.50 -14.82 29.14
N VAL B 576 -27.32 -13.80 29.10
CA VAL B 576 -26.94 -12.45 29.55
C VAL B 576 -26.61 -12.39 31.05
N ALA B 577 -27.28 -13.23 31.86
CA ALA B 577 -26.95 -13.27 33.28
C ALA B 577 -25.60 -13.89 33.46
N LEU B 578 -25.34 -14.96 32.74
CA LEU B 578 -24.02 -15.61 32.82
C LEU B 578 -22.85 -14.65 32.42
N ASN B 579 -23.09 -13.87 31.37
CA ASN B 579 -22.13 -12.86 30.92
C ASN B 579 -21.79 -11.87 32.02
N ALA B 580 -22.84 -11.36 32.64
CA ALA B 580 -22.72 -10.41 33.76
C ALA B 580 -22.03 -11.03 34.96
N LYS B 581 -22.31 -12.29 35.19
CA LYS B 581 -21.77 -12.97 36.39
C LYS B 581 -20.28 -13.34 36.22
N SER B 582 -19.93 -14.00 35.11
CA SER B 582 -18.55 -14.49 34.95
C SER B 582 -17.89 -14.31 33.53
N GLY B 583 -18.46 -13.38 32.74
CA GLY B 583 -17.87 -13.01 31.45
C GLY B 583 -17.92 -14.10 30.39
N LEU B 584 -18.90 -15.00 30.54
CA LEU B 584 -19.21 -15.99 29.55
C LEU B 584 -20.08 -15.30 28.48
N PRO B 585 -19.49 -15.01 27.29
CA PRO B 585 -20.20 -14.10 26.37
C PRO B 585 -21.40 -14.78 25.71
N VAL B 586 -22.30 -13.99 25.18
CA VAL B 586 -23.58 -14.51 24.62
C VAL B 586 -23.37 -15.20 23.30
N MET B 587 -22.56 -14.57 22.43
CA MET B 587 -22.14 -15.21 21.18
C MET B 587 -20.74 -15.76 21.39
N ARG B 588 -20.58 -17.07 21.17
CA ARG B 588 -19.42 -17.76 21.62
C ARG B 588 -18.73 -18.49 20.50
N PRO B 589 -17.39 -18.42 20.49
CA PRO B 589 -16.67 -19.27 19.62
C PRO B 589 -16.90 -20.75 20.00
N LEU B 590 -16.91 -21.62 18.99
CA LEU B 590 -17.27 -23.01 19.18
C LEU B 590 -16.29 -23.68 20.11
N PHE B 591 -15.02 -23.28 20.11
CA PHE B 591 -14.03 -23.95 20.96
C PHE B 591 -14.20 -23.63 22.44
N LEU B 592 -15.12 -22.72 22.83
CA LEU B 592 -15.36 -22.56 24.27
C LEU B 592 -15.94 -23.89 24.86
N HIS B 593 -16.73 -24.58 24.03
CA HIS B 593 -17.46 -25.78 24.47
C HIS B 593 -17.06 -27.01 23.74
N TYR B 594 -16.28 -26.89 22.65
CA TYR B 594 -15.75 -28.03 21.97
C TYR B 594 -14.22 -27.95 21.87
N GLU B 595 -13.56 -27.85 23.03
CA GLU B 595 -12.12 -27.61 23.06
C GLU B 595 -11.22 -28.61 22.35
N ASP B 596 -11.62 -29.87 22.19
CA ASP B 596 -10.71 -30.82 21.52
C ASP B 596 -11.02 -30.98 20.07
N ASP B 597 -11.94 -30.18 19.54
CA ASP B 597 -12.19 -30.22 18.09
C ASP B 597 -11.29 -29.15 17.45
N ALA B 598 -10.20 -29.59 16.83
CA ALA B 598 -9.20 -28.69 16.20
C ALA B 598 -9.76 -27.80 15.11
N HIS B 599 -10.75 -28.31 14.39
CA HIS B 599 -11.36 -27.56 13.31
C HIS B 599 -12.11 -26.33 13.83
N THR B 600 -12.57 -26.33 15.08
CA THR B 600 -13.33 -25.18 15.61
C THR B 600 -12.47 -23.91 15.80
N TYR B 601 -11.16 -24.07 15.93
CA TYR B 601 -10.20 -22.95 16.15
C TYR B 601 -9.97 -22.02 14.92
N THR B 602 -10.32 -22.48 13.73
CA THR B 602 -10.09 -21.75 12.51
C THR B 602 -11.41 -21.25 11.93
N LEU B 603 -12.54 -21.51 12.59
CA LEU B 603 -13.82 -20.98 12.12
C LEU B 603 -13.92 -19.48 12.38
N LYS B 604 -14.55 -18.78 11.44
CA LYS B 604 -14.70 -17.31 11.51
C LYS B 604 -16.15 -16.83 11.44
N TYR B 605 -17.01 -17.60 10.74
CA TYR B 605 -18.32 -17.15 10.31
C TYR B 605 -19.49 -17.95 10.92
N GLN B 606 -19.21 -18.66 12.01
CA GLN B 606 -20.27 -19.30 12.79
C GLN B 606 -19.93 -19.21 14.25
N TYR B 607 -20.95 -19.30 15.10
CA TYR B 607 -20.81 -19.08 16.55
C TYR B 607 -21.90 -19.91 17.31
N LEU B 608 -21.75 -19.97 18.62
CA LEU B 608 -22.79 -20.59 19.49
C LEU B 608 -23.53 -19.45 20.15
N LEU B 609 -24.88 -19.47 20.06
CA LEU B 609 -25.70 -18.50 20.78
C LEU B 609 -26.04 -19.14 22.12
N GLY B 610 -25.46 -18.62 23.20
CA GLY B 610 -25.38 -19.36 24.45
C GLY B 610 -24.74 -20.72 24.22
N ARG B 611 -25.13 -21.72 25.02
CA ARG B 611 -24.48 -23.01 25.00
C ARG B 611 -25.03 -23.93 23.91
N ASP B 612 -26.30 -23.76 23.57
CA ASP B 612 -27.05 -24.86 22.93
C ASP B 612 -27.49 -24.56 21.51
N ILE B 613 -27.27 -23.35 21.01
CA ILE B 613 -27.64 -23.00 19.64
C ILE B 613 -26.36 -22.76 18.80
N LEU B 614 -26.32 -23.33 17.61
CA LEU B 614 -25.26 -23.14 16.63
C LEU B 614 -25.83 -22.37 15.48
N VAL B 615 -25.17 -21.26 15.14
CA VAL B 615 -25.67 -20.37 14.11
C VAL B 615 -24.57 -20.19 13.05
N ALA B 616 -24.91 -20.36 11.75
CA ALA B 616 -23.98 -20.10 10.62
C ALA B 616 -24.73 -19.20 9.62
N PRO B 617 -24.69 -17.88 9.85
CA PRO B 617 -25.51 -16.98 9.04
C PRO B 617 -25.11 -17.04 7.56
N VAL B 618 -26.10 -17.04 6.69
CA VAL B 618 -25.94 -16.95 5.24
C VAL B 618 -25.46 -15.52 4.95
N HIS B 619 -24.23 -15.42 4.43
CA HIS B 619 -23.59 -14.12 4.18
C HIS B 619 -23.17 -13.85 2.70
N GLU B 620 -23.73 -14.63 1.79
CA GLU B 620 -23.61 -14.47 0.38
C GLU B 620 -24.96 -14.23 -0.27
N GLU B 621 -24.97 -13.47 -1.36
CA GLU B 621 -26.13 -13.21 -2.21
CA GLU B 621 -26.20 -13.24 -2.16
C GLU B 621 -26.58 -14.48 -2.96
N GLY B 622 -27.89 -14.62 -3.20
CA GLY B 622 -28.35 -15.68 -4.12
C GLY B 622 -28.28 -17.13 -3.64
N ARG B 623 -28.08 -17.39 -2.36
CA ARG B 623 -27.97 -18.75 -1.90
C ARG B 623 -29.34 -19.39 -1.61
N SER B 624 -29.49 -20.67 -1.92
CA SER B 624 -30.66 -21.43 -1.47
C SER B 624 -30.27 -22.53 -0.48
N ASP B 625 -29.00 -22.75 -0.28
CA ASP B 625 -28.50 -23.65 0.75
C ASP B 625 -27.23 -23.00 1.40
N TRP B 626 -26.68 -23.67 2.38
CA TRP B 626 -25.55 -23.16 3.10
C TRP B 626 -24.75 -24.34 3.67
N THR B 627 -23.42 -24.22 3.64
CA THR B 627 -22.51 -25.23 4.18
C THR B 627 -21.78 -24.70 5.40
N LEU B 628 -21.64 -25.54 6.41
CA LEU B 628 -21.14 -25.16 7.72
C LEU B 628 -20.60 -26.37 8.44
N TYR B 629 -20.07 -26.16 9.63
CA TYR B 629 -19.48 -27.23 10.38
C TYR B 629 -20.19 -27.46 11.69
N LEU B 630 -20.51 -28.73 11.95
CA LEU B 630 -21.05 -29.10 13.27
C LEU B 630 -20.00 -29.91 14.02
N PRO B 631 -19.70 -29.54 15.25
CA PRO B 631 -18.85 -30.41 16.04
C PRO B 631 -19.66 -31.68 16.51
N GLU B 632 -18.96 -32.66 17.05
CA GLU B 632 -19.58 -33.93 17.57
C GLU B 632 -20.61 -33.65 18.64
N ASP B 633 -21.89 -33.72 18.28
CA ASP B 633 -22.94 -33.55 19.24
C ASP B 633 -24.20 -34.03 18.59
N ASN B 634 -25.28 -34.09 19.37
CA ASN B 634 -26.61 -34.35 18.80
C ASN B 634 -27.36 -33.10 18.49
N TRP B 635 -27.35 -32.75 17.20
CA TRP B 635 -27.89 -31.52 16.74
C TRP B 635 -29.22 -31.74 16.06
N VAL B 636 -30.04 -30.70 16.17
CA VAL B 636 -31.31 -30.65 15.52
C VAL B 636 -31.43 -29.35 14.80
N HIS B 637 -31.81 -29.45 13.51
CA HIS B 637 -32.04 -28.31 12.65
C HIS B 637 -33.31 -27.62 13.10
N ALA B 638 -33.24 -26.32 13.33
CA ALA B 638 -34.34 -25.62 13.99
C ALA B 638 -35.65 -25.59 13.20
N TRP B 639 -35.56 -25.65 11.87
CA TRP B 639 -36.72 -25.44 11.03
C TRP B 639 -37.28 -26.80 10.52
N THR B 640 -36.55 -27.89 10.60
CA THR B 640 -37.04 -29.16 10.06
C THR B 640 -37.08 -30.33 11.08
N GLY B 641 -36.63 -30.12 12.32
CA GLY B 641 -36.31 -31.22 13.23
C GLY B 641 -35.22 -32.19 12.82
N GLU B 642 -34.57 -32.05 11.64
CA GLU B 642 -33.58 -33.04 11.21
C GLU B 642 -32.42 -33.19 12.20
N ALA B 643 -32.00 -34.43 12.41
CA ALA B 643 -30.97 -34.78 13.38
C ALA B 643 -29.63 -34.92 12.68
N PHE B 644 -28.58 -34.38 13.29
CA PHE B 644 -27.28 -34.40 12.63
C PHE B 644 -26.28 -34.75 13.69
N ARG B 645 -25.26 -35.48 13.29
CA ARG B 645 -24.12 -35.76 14.13
C ARG B 645 -23.03 -34.82 13.59
N GLY B 646 -21.88 -34.76 14.24
CA GLY B 646 -20.76 -33.90 13.80
C GLY B 646 -20.31 -34.04 12.35
N GLY B 647 -19.71 -32.97 11.78
CA GLY B 647 -19.18 -32.98 10.44
C GLY B 647 -19.57 -31.75 9.65
N GLU B 648 -19.03 -31.62 8.46
CA GLU B 648 -19.43 -30.65 7.47
C GLU B 648 -20.81 -31.03 6.95
N VAL B 649 -21.70 -30.06 6.85
CA VAL B 649 -23.10 -30.34 6.51
C VAL B 649 -23.62 -29.21 5.58
N THR B 650 -24.52 -29.58 4.67
CA THR B 650 -25.20 -28.61 3.80
C THR B 650 -26.69 -28.69 4.03
N VAL B 651 -27.33 -27.56 4.25
CA VAL B 651 -28.76 -27.52 4.47
C VAL B 651 -29.39 -26.46 3.60
N ASN B 652 -30.65 -26.67 3.25
CA ASN B 652 -31.43 -25.65 2.59
C ASN B 652 -31.58 -24.49 3.51
N ALA B 653 -31.59 -23.30 2.93
CA ALA B 653 -31.52 -22.09 3.69
C ALA B 653 -32.18 -20.98 2.92
N PRO B 654 -33.49 -21.14 2.63
CA PRO B 654 -34.21 -20.00 2.10
C PRO B 654 -34.31 -18.89 3.18
N ILE B 655 -34.68 -17.69 2.76
CA ILE B 655 -34.84 -16.58 3.69
C ILE B 655 -35.88 -16.96 4.76
N GLY B 656 -35.54 -16.80 6.03
CA GLY B 656 -36.47 -17.11 7.11
C GLY B 656 -36.23 -18.44 7.76
N LYS B 657 -35.40 -19.27 7.12
CA LYS B 657 -34.98 -20.47 7.73
C LYS B 657 -33.48 -20.51 7.79
N PRO B 658 -32.91 -19.65 8.65
CA PRO B 658 -31.46 -19.57 8.65
C PRO B 658 -30.82 -20.85 9.16
N PRO B 659 -29.53 -21.10 8.82
CA PRO B 659 -28.82 -22.30 9.25
C PRO B 659 -28.55 -22.29 10.72
N VAL B 660 -29.47 -22.90 11.46
CA VAL B 660 -29.52 -22.77 12.90
C VAL B 660 -29.85 -24.17 13.45
N PHE B 661 -29.06 -24.63 14.42
CA PHE B 661 -29.16 -25.99 15.01
C PHE B 661 -29.14 -25.83 16.52
N TYR B 662 -29.81 -26.75 17.21
CA TYR B 662 -29.80 -26.78 18.66
C TYR B 662 -29.50 -28.19 19.15
N ARG B 663 -28.95 -28.25 20.36
CA ARG B 663 -28.55 -29.50 20.98
C ARG B 663 -29.82 -30.24 21.53
N ALA B 664 -30.11 -31.41 20.98
CA ALA B 664 -31.22 -32.31 21.43
C ALA B 664 -31.32 -32.42 22.95
N ASP B 665 -30.17 -32.63 23.58
CA ASP B 665 -30.08 -32.75 25.04
C ASP B 665 -30.19 -31.43 25.83
N SER B 666 -30.38 -30.28 25.18
CA SER B 666 -30.56 -29.04 25.93
C SER B 666 -31.77 -29.07 26.87
N GLU B 667 -31.62 -28.58 28.09
CA GLU B 667 -32.82 -28.36 28.92
C GLU B 667 -33.81 -27.43 28.23
N TRP B 668 -33.35 -26.67 27.23
CA TRP B 668 -34.20 -25.72 26.53
C TRP B 668 -34.83 -26.29 25.27
N ALA B 669 -34.63 -27.58 25.05
CA ALA B 669 -34.92 -28.19 23.79
C ALA B 669 -36.36 -28.07 23.34
N ALA B 670 -37.27 -27.88 24.30
CA ALA B 670 -38.69 -27.74 24.00
C ALA B 670 -39.06 -26.32 23.54
N LEU B 671 -38.46 -25.32 24.20
CA LEU B 671 -38.53 -23.94 23.72
C LEU B 671 -38.07 -23.95 22.24
N PHE B 672 -36.96 -24.62 21.95
CA PHE B 672 -36.37 -24.56 20.58
C PHE B 672 -37.22 -25.27 19.54
N ALA B 673 -37.83 -26.38 19.96
CA ALA B 673 -38.77 -27.11 19.10
C ALA B 673 -39.98 -26.27 18.76
N SER B 674 -40.38 -25.38 19.67
CA SER B 674 -41.51 -24.48 19.40
C SER B 674 -41.24 -23.50 18.22
N LEU B 675 -39.97 -23.21 17.90
CA LEU B 675 -39.65 -22.16 16.90
C LEU B 675 -40.30 -22.39 15.58
N LYS B 676 -40.41 -23.62 15.12
CA LYS B 676 -41.27 -23.85 13.95
C LYS B 676 -42.83 -23.80 14.31
N SER B 677 -43.57 -22.94 13.61
CA SER B 677 -45.00 -22.69 13.85
C SER B 677 -45.82 -22.87 12.57
#